data_5E62
#
_entry.id   5E62
#
_cell.length_a   164.825
_cell.length_b   164.825
_cell.length_c   164.825
_cell.angle_alpha   90.000
_cell.angle_beta   90.000
_cell.angle_gamma   90.000
#
_symmetry.space_group_name_H-M   'P 21 3'
#
loop_
_entity.id
_entity.type
_entity.pdbx_description
1 polymer Hemagglutinin-esterase
2 polymer Hemagglutinin-esterase
3 branched alpha-D-mannopyranose-(1-3)-[alpha-D-mannopyranose-(1-6)]alpha-D-mannopyranose-(1-6)-beta-D-mannopyranose-(1-4)-2-acetamido-2-deoxy-beta-D-glucopyranose-(1-4)-2-acetamido-2-deoxy-beta-D-glucopyranose
4 branched 2-acetamido-2-deoxy-beta-D-glucopyranose-(1-4)-2-acetamido-2-deoxy-beta-D-glucopyranose
5 branched '9-O-acetyl-5-acetamido-3,5-dideoxy-D-glycero-alpha-D-galacto-non-2-ulopyranosonic acid-(2-3)-beta-D-galactopyranose-(1-3)-2-azidoethyl 2-acetamido-2-deoxy-beta-D-glucopyranoside'
6 non-polymer 2-acetamido-2-deoxy-beta-D-glucopyranose
7 water water
#
loop_
_entity_poly.entity_id
_entity_poly.type
_entity_poly.pdbx_seq_one_letter_code
_entity_poly.pdbx_strand_id
1 'polypeptide(L)'
;ELICIVQRVNESFSLHSGFGGNVYSMKTEPMTGFTNVTKGASVINQKDWIGFGDARTDLTNDQFPASSDVPLAVAKKFRS
LSGASLMLSAFGPPGKVDYLYQGCGKEKVFYEGVNWSPEAGIDCFGSNWTQTKKDFYSRIYEAARSSTCMTLVNSLDTKI
SSTTATAGTASSCSSSWMKSPLWYAESSVNPGAKPQVCGTEQSATFTLPTSFGIYKCNKHVVQLCYFVYENKAKFNTFGC
GDYYQNYYDGNGNLIGGMDNRVAAYRGIANAGVKIECPSKILNPGTYSIKSTPRFLLVPKRSYCFDTDGGYPIQVVQSEW
SASRRSDNATEEACLQTEGCIFIKKTTPYVGEAADNAGDIEMRQLLSGLGNNDTVCVSQSGYTKGETPFVKDYLSPPKYG
RCQLKTDSGRIPTLPSGLIIPQAGTDS
;
A,C
2 'polypeptide(L)'
;FGLLFVGFVAGGVAGGYFWGRSNGGGGGASVSSTQAGFDKIGKDIQQLRNDTNAAIEGFNGRIAHDEQAIKNLAKEIEDA
RAEALVGELGIIRSLIVANISMNLKESLYELANQITKRGGGIAQEAGPGCWYVDSENCDASCKEYIFNF
;
B,D
#
loop_
_chem_comp.id
_chem_comp.type
_chem_comp.name
_chem_comp.formula
5N6 D-saccharide, alpha linking '9-O-acetyl-5-acetamido-3,5-dideoxy-D-glycero-alpha-D-galacto-non-2-ulopyranosonic acid' 'C13 H21 N O10'
BMA D-saccharide, beta linking beta-D-mannopyranose 'C6 H12 O6'
GAL D-saccharide, beta linking beta-D-galactopyranose 'C6 H12 O6'
MAN D-saccharide, alpha linking alpha-D-mannopyranose 'C6 H12 O6'
NAG D-saccharide, beta linking 2-acetamido-2-deoxy-beta-D-glucopyranose 'C8 H15 N O6'
Z3Q D-saccharide '2-azidoethyl 2-acetamido-2-deoxy-beta-D-glucopyranoside' 'C10 H18 N4 O6'
#
# COMPACT_ATOMS: atom_id res chain seq x y z
N GLU A 1 -5.19 66.77 -16.44
CA GLU A 1 -5.75 65.49 -16.04
C GLU A 1 -4.66 64.53 -15.53
N LEU A 2 -4.94 63.90 -14.40
CA LEU A 2 -4.05 62.89 -13.84
C LEU A 2 -4.40 61.52 -14.39
N ILE A 3 -3.44 60.88 -15.06
CA ILE A 3 -3.67 59.56 -15.62
C ILE A 3 -2.73 58.53 -14.99
N CYS A 4 -3.31 57.46 -14.44
CA CYS A 4 -2.55 56.50 -13.66
C CYS A 4 -2.87 55.06 -14.01
N ILE A 5 -1.84 54.22 -14.00
CA ILE A 5 -2.02 52.79 -13.90
C ILE A 5 -2.53 52.52 -12.49
N VAL A 6 -3.59 51.74 -12.36
CA VAL A 6 -4.09 51.43 -11.01
C VAL A 6 -4.01 49.92 -10.76
N GLN A 7 -3.48 49.58 -9.59
CA GLN A 7 -3.29 48.19 -9.19
C GLN A 7 -4.37 47.80 -8.18
N ARG A 8 -5.14 46.77 -8.49
CA ARG A 8 -6.16 46.35 -7.52
C ARG A 8 -6.34 44.84 -7.41
N VAL A 9 -6.72 44.40 -6.22
CA VAL A 9 -6.91 42.99 -5.93
C VAL A 9 -8.32 42.67 -5.44
N ASN A 10 -8.70 41.40 -5.60
CA ASN A 10 -9.98 40.86 -5.13
C ASN A 10 -9.86 40.14 -3.80
N GLU A 11 -11.02 39.74 -3.27
CA GLU A 11 -11.09 38.80 -2.16
C GLU A 11 -10.48 37.45 -2.56
N SER A 12 -10.37 37.23 -3.86
CA SER A 12 -9.77 36.04 -4.43
C SER A 12 -8.24 36.05 -4.38
N PHE A 13 -7.65 37.20 -4.13
CA PHE A 13 -6.20 37.32 -4.04
C PHE A 13 -5.74 37.09 -2.61
N SER A 14 -4.64 36.37 -2.44
CA SER A 14 -4.00 36.26 -1.14
C SER A 14 -2.59 36.81 -1.23
N LEU A 15 -2.12 37.34 -0.11
CA LEU A 15 -0.83 38.00 -0.05
C LEU A 15 0.27 37.04 0.35
N HIS A 16 1.31 36.93 -0.49
CA HIS A 16 2.46 36.10 -0.17
C HIS A 16 3.66 36.97 0.19
N SER A 17 4.26 36.71 1.35
CA SER A 17 5.31 37.58 1.85
C SER A 17 6.66 37.20 1.28
N GLY A 18 7.53 38.20 1.13
CA GLY A 18 8.88 37.97 0.66
C GLY A 18 9.84 38.81 1.45
N PHE A 19 11.12 38.44 1.45
CA PHE A 19 12.16 39.27 2.02
C PHE A 19 12.56 40.32 1.00
N GLY A 20 11.87 41.46 1.01
CA GLY A 20 12.13 42.48 0.01
C GLY A 20 11.02 42.61 -1.03
N GLY A 21 9.78 42.32 -0.64
CA GLY A 21 8.67 42.52 -1.54
C GLY A 21 7.68 41.38 -1.46
N ASN A 22 6.41 41.74 -1.36
CA ASN A 22 5.34 40.79 -1.29
C ASN A 22 4.68 40.65 -2.65
N VAL A 23 3.82 39.64 -2.79
CA VAL A 23 3.13 39.37 -4.05
C VAL A 23 1.68 38.96 -3.77
N TYR A 24 0.74 39.64 -4.42
CA TYR A 24 -0.66 39.21 -4.47
C TYR A 24 -0.87 38.24 -5.64
N SER A 25 -1.60 37.15 -5.40
CA SER A 25 -2.00 36.24 -6.47
C SER A 25 -3.28 35.47 -6.11
N MET A 26 -3.95 34.93 -7.12
CA MET A 26 -5.16 34.16 -6.86
C MET A 26 -4.83 32.68 -6.73
N LYS A 27 -3.87 32.22 -7.51
CA LYS A 27 -3.47 30.81 -7.48
C LYS A 27 -2.10 30.64 -6.81
N THR A 28 -1.82 29.44 -6.33
CA THR A 28 -0.49 29.08 -5.86
C THR A 28 -0.18 27.71 -6.43
N GLU A 29 1.10 27.37 -6.46
CA GLU A 29 1.55 26.06 -6.91
C GLU A 29 2.62 25.58 -5.94
N PRO A 30 2.58 24.30 -5.57
CA PRO A 30 3.57 23.83 -4.60
C PRO A 30 4.97 23.95 -5.19
N MET A 31 5.95 24.24 -4.34
CA MET A 31 7.29 24.51 -4.84
C MET A 31 7.99 23.23 -5.29
N THR A 32 7.67 22.11 -4.64
CA THR A 32 8.28 20.83 -4.98
C THR A 32 7.38 19.72 -4.46
N GLY A 33 7.83 18.47 -4.53
CA GLY A 33 6.98 17.33 -4.23
C GLY A 33 7.66 16.02 -3.85
N PHE A 34 6.91 14.94 -3.94
CA PHE A 34 7.41 13.66 -3.48
C PHE A 34 8.01 12.86 -4.60
N THR A 35 9.02 12.06 -4.27
CA THR A 35 9.63 11.14 -5.21
C THR A 35 9.02 9.77 -5.09
N ASN A 36 8.62 9.18 -6.21
CA ASN A 36 8.03 7.83 -6.19
C ASN A 36 9.02 6.83 -5.57
N VAL A 37 8.49 5.84 -4.88
CA VAL A 37 9.29 4.73 -4.34
C VAL A 37 8.92 3.42 -5.04
N THR A 38 9.92 2.73 -5.59
CA THR A 38 9.69 1.46 -6.30
C THR A 38 10.10 0.26 -5.45
N LYS A 39 9.20 -0.71 -5.25
CA LYS A 39 9.57 -1.90 -4.46
C LYS A 39 10.57 -2.79 -5.19
N GLY A 40 11.43 -3.46 -4.43
CA GLY A 40 12.36 -4.40 -5.03
C GLY A 40 13.83 -4.04 -4.85
N ALA A 41 14.70 -4.70 -5.60
CA ALA A 41 16.16 -4.55 -5.43
C ALA A 41 16.74 -3.60 -6.48
N SER A 42 17.79 -2.88 -6.09
CA SER A 42 18.50 -2.02 -7.04
C SER A 42 19.88 -1.68 -6.50
N VAL A 43 20.63 -0.85 -7.21
CA VAL A 43 21.94 -0.44 -6.74
C VAL A 43 22.16 1.03 -7.03
N ILE A 44 22.98 1.70 -6.21
CA ILE A 44 23.24 3.12 -6.47
C ILE A 44 24.50 3.29 -7.32
N ASN A 45 25.34 2.24 -7.37
CA ASN A 45 26.57 2.28 -8.17
C ASN A 45 26.77 1.01 -9.01
N GLN A 46 26.49 1.09 -10.30
CA GLN A 46 26.58 -0.07 -11.19
C GLN A 46 27.97 -0.68 -11.31
N LYS A 47 29.03 0.05 -10.95
CA LYS A 47 30.36 -0.56 -11.10
C LYS A 47 30.94 -1.06 -9.77
N ASP A 48 30.16 -1.01 -8.70
CA ASP A 48 30.64 -1.60 -7.46
C ASP A 48 29.56 -2.40 -6.72
N TRP A 49 29.05 -3.45 -7.37
CA TRP A 49 28.17 -4.39 -6.69
C TRP A 49 28.34 -5.80 -7.22
N ILE A 50 27.92 -6.78 -6.41
CA ILE A 50 28.01 -8.18 -6.82
C ILE A 50 26.79 -9.00 -6.35
N GLY A 51 26.36 -9.95 -7.19
CA GLY A 51 25.27 -10.84 -6.86
C GLY A 51 25.79 -12.23 -6.66
N PHE A 52 25.16 -12.98 -5.76
CA PHE A 52 25.44 -14.40 -5.56
C PHE A 52 24.13 -15.18 -5.69
N GLY A 53 24.11 -16.21 -6.54
CA GLY A 53 22.85 -16.86 -6.82
C GLY A 53 22.86 -18.29 -7.30
N ASP A 54 21.76 -18.67 -7.95
CA ASP A 54 21.56 -20.03 -8.39
C ASP A 54 21.08 -20.04 -9.84
N ALA A 55 20.36 -21.07 -10.25
CA ALA A 55 19.84 -21.16 -11.63
C ALA A 55 19.11 -19.88 -12.07
N ARG A 56 18.47 -19.21 -11.13
CA ARG A 56 17.60 -18.08 -11.47
C ARG A 56 18.37 -16.84 -11.86
N THR A 57 19.69 -16.87 -11.74
CA THR A 57 20.52 -15.77 -12.21
C THR A 57 21.72 -16.34 -12.98
N ASP A 58 21.60 -17.57 -13.44
CA ASP A 58 22.70 -18.27 -14.11
C ASP A 58 22.54 -18.18 -15.64
N LEU A 59 23.32 -17.32 -16.29
CA LEU A 59 23.18 -17.18 -17.74
C LEU A 59 23.62 -18.44 -18.52
N THR A 60 24.29 -19.39 -17.85
CA THR A 60 24.70 -20.62 -18.53
C THR A 60 23.68 -21.75 -18.45
N ASN A 61 22.56 -21.53 -17.76
CA ASN A 61 21.49 -22.51 -17.71
C ASN A 61 20.95 -22.77 -19.12
N ASP A 62 20.66 -24.03 -19.42
CA ASP A 62 20.16 -24.45 -20.75
C ASP A 62 18.93 -23.69 -21.20
N GLN A 63 18.13 -23.21 -20.25
CA GLN A 63 16.85 -22.59 -20.60
C GLN A 63 16.87 -21.06 -20.51
N PHE A 64 18.07 -20.49 -20.39
CA PHE A 64 18.21 -19.03 -20.36
C PHE A 64 17.70 -18.48 -21.68
N PRO A 65 16.96 -17.36 -21.65
CA PRO A 65 16.64 -16.49 -20.50
C PRO A 65 15.33 -16.86 -19.80
N ALA A 66 14.66 -17.91 -20.25
CA ALA A 66 13.35 -18.28 -19.68
C ALA A 66 13.47 -18.72 -18.23
N SER A 67 14.63 -19.25 -17.85
CA SER A 67 14.86 -19.69 -16.49
C SER A 67 15.41 -18.60 -15.57
N SER A 68 15.49 -17.38 -16.08
CA SER A 68 16.17 -16.29 -15.38
C SER A 68 15.21 -15.26 -14.82
N ASP A 69 15.52 -14.72 -13.65
CA ASP A 69 14.72 -13.64 -13.06
C ASP A 69 15.36 -12.29 -13.33
N VAL A 70 16.48 -12.30 -14.08
CA VAL A 70 17.16 -11.07 -14.49
C VAL A 70 17.60 -11.13 -15.94
N PRO A 71 17.69 -9.97 -16.60
CA PRO A 71 18.18 -9.95 -17.98
C PRO A 71 19.69 -10.23 -18.04
N LEU A 72 20.18 -10.51 -19.26
CA LEU A 72 21.59 -10.85 -19.48
C LEU A 72 22.58 -9.93 -18.77
N ALA A 73 22.43 -8.62 -18.97
CA ALA A 73 23.39 -7.66 -18.43
C ALA A 73 23.48 -7.74 -16.91
N VAL A 74 22.35 -7.97 -16.24
CA VAL A 74 22.41 -8.16 -14.79
C VAL A 74 22.97 -9.53 -14.43
N ALA A 75 22.60 -10.57 -15.17
CA ALA A 75 23.15 -11.90 -14.91
C ALA A 75 24.68 -11.90 -14.98
N LYS A 76 25.26 -11.09 -15.88
CA LYS A 76 26.73 -11.03 -15.95
C LYS A 76 27.36 -10.52 -14.66
N LYS A 77 26.57 -9.84 -13.83
CA LYS A 77 27.07 -9.29 -12.56
C LYS A 77 26.90 -10.28 -11.42
N PHE A 78 26.24 -11.41 -11.66
CA PHE A 78 26.08 -12.45 -10.64
C PHE A 78 27.15 -13.53 -10.72
N ARG A 79 27.46 -14.12 -9.56
CA ARG A 79 28.23 -15.35 -9.50
C ARG A 79 27.23 -16.42 -9.08
N SER A 80 26.77 -17.19 -10.06
CA SER A 80 25.71 -18.19 -9.85
C SER A 80 25.98 -19.45 -10.64
N LEU A 81 25.50 -20.56 -10.11
CA LEU A 81 25.48 -21.85 -10.79
C LEU A 81 24.18 -22.54 -10.42
N SER A 82 23.50 -23.07 -11.43
CA SER A 82 22.31 -23.88 -11.27
C SER A 82 22.49 -24.94 -10.18
N GLY A 83 21.51 -25.01 -9.29
CA GLY A 83 21.51 -25.99 -8.20
C GLY A 83 22.32 -25.61 -6.96
N ALA A 84 23.00 -24.47 -6.99
CA ALA A 84 23.90 -24.08 -5.87
C ALA A 84 23.22 -23.25 -4.77
N SER A 85 23.89 -23.16 -3.62
CA SER A 85 23.52 -22.23 -2.54
C SER A 85 24.73 -22.03 -1.66
N LEU A 86 24.82 -20.88 -0.99
CA LEU A 86 25.90 -20.65 -0.05
C LEU A 86 26.01 -21.79 0.93
N MET A 87 24.86 -22.20 1.47
CA MET A 87 24.87 -23.25 2.49
C MET A 87 25.33 -24.61 1.94
N LEU A 88 24.89 -24.96 0.74
CA LEU A 88 25.35 -26.20 0.12
C LEU A 88 26.88 -26.21 -0.04
N SER A 89 27.43 -25.07 -0.40
CA SER A 89 28.88 -25.00 -0.56
C SER A 89 29.58 -24.97 0.80
N ALA A 90 28.89 -24.50 1.85
CA ALA A 90 29.52 -24.50 3.18
C ALA A 90 29.82 -25.91 3.67
N PHE A 91 28.85 -26.81 3.49
CA PHE A 91 28.94 -28.18 4.00
C PHE A 91 29.34 -29.17 2.94
N GLY A 92 28.92 -28.91 1.72
CA GLY A 92 29.19 -29.85 0.64
C GLY A 92 28.61 -31.23 0.89
N PRO A 93 27.27 -31.34 0.92
CA PRO A 93 26.64 -32.65 1.11
C PRO A 93 26.77 -33.51 -0.15
N PRO A 94 26.79 -34.86 0.00
CA PRO A 94 27.00 -35.82 -1.08
C PRO A 94 26.09 -35.57 -2.25
N GLY A 95 26.67 -35.47 -3.45
CA GLY A 95 25.89 -35.37 -4.66
C GLY A 95 25.20 -34.04 -4.94
N LYS A 96 25.42 -33.03 -4.11
CA LYS A 96 24.82 -31.70 -4.36
C LYS A 96 25.80 -30.83 -5.15
N VAL A 97 25.32 -29.81 -5.87
CA VAL A 97 26.29 -29.00 -6.59
C VAL A 97 27.08 -28.12 -5.58
N ASP A 98 28.37 -27.96 -5.87
CA ASP A 98 29.34 -27.38 -4.95
C ASP A 98 30.07 -26.21 -5.61
N TYR A 99 29.39 -25.07 -5.70
CA TYR A 99 29.93 -23.87 -6.34
C TYR A 99 30.81 -23.05 -5.42
N LEU A 100 31.96 -22.62 -5.94
CA LEU A 100 32.88 -21.76 -5.21
C LEU A 100 32.47 -20.31 -5.40
N TYR A 101 31.55 -19.86 -4.55
CA TYR A 101 31.14 -18.46 -4.55
C TYR A 101 32.29 -17.54 -4.20
N GLN A 102 32.59 -16.57 -5.06
CA GLN A 102 33.56 -15.55 -4.64
C GLN A 102 33.35 -14.28 -5.43
N GLY A 103 33.55 -13.15 -4.78
CA GLY A 103 33.54 -11.87 -5.48
C GLY A 103 33.60 -10.66 -4.57
N CYS A 104 33.61 -9.49 -5.19
CA CYS A 104 33.80 -8.21 -4.54
C CYS A 104 32.74 -7.24 -5.01
N GLY A 105 32.20 -6.47 -4.08
CA GLY A 105 31.21 -5.45 -4.42
C GLY A 105 30.72 -4.80 -3.14
N LYS A 106 30.75 -3.48 -3.12
CA LYS A 106 30.32 -2.76 -1.94
C LYS A 106 28.83 -3.00 -1.69
N GLU A 107 28.04 -2.96 -2.77
CA GLU A 107 26.64 -3.40 -2.71
C GLU A 107 26.55 -4.90 -3.04
N LYS A 108 25.77 -5.64 -2.26
CA LYS A 108 25.70 -7.09 -2.42
C LYS A 108 24.26 -7.59 -2.50
N VAL A 109 24.01 -8.50 -3.44
CA VAL A 109 22.69 -9.12 -3.55
C VAL A 109 22.79 -10.63 -3.35
N PHE A 110 22.18 -11.13 -2.30
CA PHE A 110 22.13 -12.55 -2.07
C PHE A 110 20.78 -13.10 -2.54
N TYR A 111 20.80 -13.85 -3.65
CA TYR A 111 19.57 -14.44 -4.18
C TYR A 111 19.75 -15.93 -4.41
N GLU A 112 19.91 -16.65 -3.32
CA GLU A 112 20.00 -18.09 -3.40
C GLU A 112 19.64 -18.61 -2.01
N GLY A 113 19.64 -19.93 -1.86
CA GLY A 113 19.34 -20.53 -0.58
C GLY A 113 18.31 -21.63 -0.77
N VAL A 114 17.43 -21.46 -1.75
CA VAL A 114 16.32 -22.41 -1.98
C VAL A 114 16.81 -23.84 -2.26
N ASN A 115 18.03 -23.99 -2.81
CA ASN A 115 18.53 -25.32 -3.17
C ASN A 115 18.90 -26.20 -1.99
N TRP A 116 18.93 -25.63 -0.78
CA TRP A 116 18.92 -26.47 0.41
C TRP A 116 17.78 -26.01 1.32
N SER A 117 16.59 -26.53 1.04
CA SER A 117 15.38 -26.30 1.81
C SER A 117 14.93 -27.67 2.30
N PRO A 118 13.79 -27.75 3.05
CA PRO A 118 13.38 -29.10 3.46
C PRO A 118 13.13 -30.05 2.28
N GLU A 119 12.77 -29.50 1.13
CA GLU A 119 12.56 -30.26 -0.10
C GLU A 119 13.74 -31.13 -0.50
N ALA A 120 14.93 -30.69 -0.16
CA ALA A 120 16.14 -31.39 -0.53
C ALA A 120 16.26 -32.74 0.17
N GLY A 121 15.68 -32.85 1.36
CA GLY A 121 15.67 -34.08 2.13
C GLY A 121 17.05 -34.58 2.54
N ILE A 122 17.98 -33.66 2.75
CA ILE A 122 19.30 -34.03 3.24
C ILE A 122 19.21 -34.37 4.71
N ASP A 123 19.69 -35.55 5.06
CA ASP A 123 19.61 -36.06 6.43
C ASP A 123 20.95 -35.85 7.14
N CYS A 124 21.85 -36.81 6.99
CA CYS A 124 23.19 -36.74 7.57
C CYS A 124 23.18 -36.41 9.07
N PHE A 125 22.22 -37.00 9.78
CA PHE A 125 22.07 -36.82 11.24
C PHE A 125 21.66 -35.40 11.64
N GLY A 126 21.24 -34.59 10.66
CA GLY A 126 20.88 -33.21 10.97
C GLY A 126 19.76 -33.06 11.99
N SER A 127 20.02 -32.33 13.07
CA SER A 127 19.02 -32.08 14.10
C SER A 127 17.87 -31.27 13.52
N ASN A 128 18.22 -30.19 12.83
CA ASN A 128 17.25 -29.29 12.24
C ASN A 128 18.01 -28.36 11.29
N TRP A 129 18.04 -28.74 10.01
CA TRP A 129 18.84 -28.05 9.00
C TRP A 129 18.28 -26.64 8.75
N THR A 130 16.97 -26.51 8.88
CA THR A 130 16.32 -25.22 8.81
C THR A 130 16.87 -24.29 9.90
N GLN A 131 17.03 -24.81 11.11
CA GLN A 131 17.69 -24.06 12.18
C GLN A 131 19.14 -23.72 11.82
N THR A 132 19.87 -24.72 11.34
CA THR A 132 21.24 -24.52 10.91
C THR A 132 21.32 -23.45 9.80
N LYS A 133 20.38 -23.54 8.87
CA LYS A 133 20.28 -22.60 7.75
C LYS A 133 20.11 -21.16 8.24
N LYS A 134 19.16 -20.96 9.15
CA LYS A 134 18.96 -19.65 9.73
C LYS A 134 20.22 -19.14 10.45
N ASP A 135 20.86 -19.99 11.24
CA ASP A 135 22.07 -19.60 11.95
C ASP A 135 23.19 -19.25 10.95
N PHE A 136 23.32 -20.06 9.91
CA PHE A 136 24.40 -19.91 8.95
C PHE A 136 24.29 -18.60 8.19
N TYR A 137 23.13 -18.34 7.59
CA TYR A 137 22.97 -17.12 6.83
C TYR A 137 23.06 -15.89 7.73
N SER A 138 22.65 -16.01 8.99
CA SER A 138 22.83 -14.87 9.92
C SER A 138 24.29 -14.45 10.02
N ARG A 139 25.17 -15.44 10.17
CA ARG A 139 26.59 -15.16 10.26
C ARG A 139 27.14 -14.57 8.97
N ILE A 140 26.74 -15.13 7.82
CA ILE A 140 27.10 -14.61 6.51
C ILE A 140 26.73 -13.14 6.35
N TYR A 141 25.47 -12.82 6.66
CA TYR A 141 24.96 -11.47 6.45
C TYR A 141 25.66 -10.49 7.40
N GLU A 142 25.89 -10.94 8.62
CA GLU A 142 26.60 -10.14 9.61
C GLU A 142 28.01 -9.81 9.10
N ALA A 143 28.73 -10.84 8.65
CA ALA A 143 30.08 -10.64 8.13
C ALA A 143 30.08 -9.85 6.82
N ALA A 144 29.10 -10.11 5.96
CA ALA A 144 29.03 -9.44 4.65
C ALA A 144 28.77 -7.95 4.81
N ARG A 145 28.07 -7.60 5.88
CA ARG A 145 27.71 -6.22 6.16
C ARG A 145 28.94 -5.31 6.15
N SER A 146 30.05 -5.78 6.71
CA SER A 146 31.23 -4.94 6.90
C SER A 146 32.40 -5.33 5.99
N SER A 147 32.12 -6.17 4.99
CA SER A 147 33.17 -6.65 4.12
C SER A 147 32.98 -6.13 2.71
N THR A 148 34.06 -5.98 1.97
CA THR A 148 33.95 -5.60 0.57
C THR A 148 33.72 -6.84 -0.31
N CYS A 149 34.35 -7.95 0.09
CA CYS A 149 34.36 -9.20 -0.69
C CYS A 149 33.95 -10.41 0.14
N MET A 150 33.76 -11.53 -0.54
CA MET A 150 33.49 -12.79 0.10
C MET A 150 34.04 -13.91 -0.78
N THR A 151 34.59 -14.95 -0.16
CA THR A 151 34.88 -16.15 -0.94
C THR A 151 34.70 -17.39 -0.10
N LEU A 152 34.17 -18.42 -0.72
CA LEU A 152 34.25 -19.73 -0.10
C LEU A 152 35.73 -20.03 0.06
N VAL A 153 36.09 -20.65 1.17
CA VAL A 153 37.38 -21.30 1.32
C VAL A 153 37.06 -22.77 1.31
N ASN A 154 37.40 -23.43 0.21
CA ASN A 154 36.86 -24.78 -0.05
C ASN A 154 37.65 -25.88 0.64
N SER A 155 38.76 -25.52 1.26
CA SER A 155 39.59 -26.47 2.02
C SER A 155 40.51 -25.79 3.03
N LEU A 156 40.22 -25.96 4.31
CA LEU A 156 41.08 -25.52 5.43
C LEU A 156 42.27 -26.44 5.64
N ASP A 157 43.44 -25.90 6.00
CA ASP A 157 44.51 -26.79 6.46
C ASP A 157 44.09 -27.42 7.80
N THR A 158 44.07 -28.75 7.85
CA THR A 158 43.69 -29.45 9.07
C THR A 158 44.70 -30.55 9.41
N LYS A 159 44.78 -30.90 10.68
CA LYS A 159 45.67 -31.99 11.08
C LYS A 159 45.10 -32.66 12.34
N ILE A 160 44.92 -33.98 12.29
CA ILE A 160 44.46 -34.73 13.44
C ILE A 160 45.62 -35.51 14.10
N SER A 161 45.53 -35.73 15.41
CA SER A 161 46.59 -36.38 16.17
C SER A 161 46.55 -37.90 16.01
N SER A 162 45.37 -38.48 15.94
CA SER A 162 45.29 -39.94 15.89
C SER A 162 45.88 -40.49 14.60
N THR A 163 46.51 -41.66 14.69
CA THR A 163 47.09 -42.32 13.54
C THR A 163 46.24 -43.53 13.14
N THR A 164 45.25 -43.85 13.96
CA THR A 164 44.39 -45.00 13.75
C THR A 164 43.01 -44.55 13.26
N ALA A 165 42.68 -43.30 13.53
CA ALA A 165 41.38 -42.75 13.16
C ALA A 165 41.20 -42.77 11.65
N THR A 166 39.99 -43.13 11.21
CA THR A 166 39.68 -43.19 9.80
C THR A 166 38.45 -42.36 9.44
N ALA A 167 38.28 -42.07 8.15
CA ALA A 167 37.19 -41.21 7.68
C ALA A 167 35.81 -41.83 7.93
N GLY A 168 34.87 -41.04 8.44
CA GLY A 168 33.56 -41.57 8.82
C GLY A 168 32.46 -41.47 7.80
N THR A 169 31.61 -42.50 7.73
CA THR A 169 30.48 -42.51 6.81
C THR A 169 29.21 -43.02 7.50
N ALA A 170 28.06 -42.72 6.92
CA ALA A 170 26.76 -43.12 7.48
C ALA A 170 25.70 -43.27 6.38
N SER A 171 24.83 -44.26 6.54
CA SER A 171 23.75 -44.49 5.57
C SER A 171 22.76 -43.31 5.54
N SER A 172 22.72 -42.52 6.61
CA SER A 172 21.84 -41.36 6.66
C SER A 172 22.39 -40.23 5.81
N CYS A 173 23.62 -40.39 5.35
CA CYS A 173 24.27 -39.38 4.53
C CYS A 173 24.77 -39.99 3.23
N SER A 174 23.86 -40.64 2.50
CA SER A 174 24.18 -41.25 1.20
C SER A 174 25.35 -42.23 1.29
N SER A 175 25.51 -42.83 2.48
CA SER A 175 26.60 -43.77 2.75
C SER A 175 27.97 -43.11 2.54
N SER A 176 28.05 -41.81 2.82
CA SER A 176 29.32 -41.14 2.94
C SER A 176 29.17 -39.97 3.92
N TRP A 177 29.70 -38.80 3.57
CA TRP A 177 29.69 -37.70 4.52
C TRP A 177 29.88 -36.32 3.86
N MET A 178 29.64 -35.27 4.65
CA MET A 178 29.89 -33.89 4.25
C MET A 178 31.34 -33.65 3.86
N LYS A 179 31.58 -32.64 3.04
CA LYS A 179 32.91 -32.11 2.82
C LYS A 179 33.37 -31.38 4.09
N SER A 180 32.43 -30.73 4.76
CA SER A 180 32.71 -30.02 6.01
C SER A 180 31.48 -30.10 6.91
N PRO A 181 31.68 -30.52 8.16
CA PRO A 181 32.97 -30.88 8.76
C PRO A 181 33.43 -32.28 8.36
N LEU A 182 34.72 -32.57 8.52
CA LEU A 182 35.21 -33.93 8.41
C LEU A 182 34.88 -34.74 9.66
N TRP A 183 34.65 -36.04 9.46
CA TRP A 183 34.27 -36.95 10.53
C TRP A 183 35.35 -38.03 10.69
N TYR A 184 36.06 -38.00 11.82
CA TYR A 184 37.12 -38.99 12.06
C TYR A 184 36.78 -39.93 13.22
N ALA A 185 36.90 -41.23 12.98
CA ALA A 185 36.53 -42.24 13.97
C ALA A 185 37.53 -43.41 14.10
N GLU A 186 37.78 -43.83 15.34
CA GLU A 186 38.57 -45.04 15.62
C GLU A 186 37.70 -46.27 15.90
N SER A 187 37.86 -47.30 15.07
CA SER A 187 37.01 -48.47 15.11
C SER A 187 37.04 -49.24 16.44
N SER A 188 37.99 -48.95 17.32
CA SER A 188 38.19 -49.79 18.49
C SER A 188 37.40 -49.42 19.75
N VAL A 189 37.01 -48.16 19.93
CA VAL A 189 36.37 -47.76 21.18
C VAL A 189 35.05 -48.49 21.36
N ASN A 190 34.91 -49.12 22.53
CA ASN A 190 33.86 -50.09 22.71
C ASN A 190 33.55 -50.27 24.19
N PRO A 191 32.60 -49.50 24.70
CA PRO A 191 32.19 -49.62 26.11
C PRO A 191 31.44 -50.91 26.41
N PRO A 195 32.16 -54.35 26.46
CA PRO A 195 33.48 -54.90 26.78
C PRO A 195 34.43 -53.94 27.49
N GLN A 196 35.63 -53.76 26.95
CA GLN A 196 36.70 -53.11 27.69
C GLN A 196 37.46 -52.01 26.96
N VAL A 197 37.59 -52.14 25.64
CA VAL A 197 38.38 -51.22 24.82
C VAL A 197 37.83 -49.79 24.77
N CYS A 198 38.61 -48.81 25.25
CA CYS A 198 38.12 -47.41 25.30
C CYS A 198 38.95 -46.30 24.65
N GLY A 199 40.09 -46.61 24.04
CA GLY A 199 40.81 -45.60 23.26
C GLY A 199 41.23 -44.32 23.97
N THR A 200 41.78 -43.37 23.20
CA THR A 200 42.33 -42.12 23.74
C THR A 200 41.63 -40.86 23.17
N GLU A 201 41.54 -39.80 23.99
CA GLU A 201 41.02 -38.51 23.57
C GLU A 201 41.60 -38.06 22.23
N GLN A 202 40.74 -37.68 21.29
CA GLN A 202 41.19 -37.27 19.96
C GLN A 202 41.50 -35.79 19.92
N SER A 203 42.44 -35.44 19.04
CA SER A 203 42.89 -34.06 18.92
C SER A 203 42.96 -33.65 17.46
N ALA A 204 42.88 -32.34 17.23
CA ALA A 204 42.94 -31.80 15.88
C ALA A 204 43.24 -30.31 15.90
N THR A 205 43.75 -29.82 14.78
CA THR A 205 43.84 -28.38 14.58
C THR A 205 43.27 -28.01 13.21
N PHE A 206 42.72 -26.80 13.11
CA PHE A 206 42.34 -26.28 11.82
C PHE A 206 42.78 -24.83 11.75
N THR A 207 43.22 -24.43 10.57
CA THR A 207 43.74 -23.09 10.38
C THR A 207 42.82 -22.28 9.49
N LEU A 208 42.48 -21.08 9.94
CA LEU A 208 41.74 -20.13 9.14
C LEU A 208 42.78 -19.20 8.55
N PRO A 209 42.91 -19.17 7.23
CA PRO A 209 44.01 -18.44 6.61
C PRO A 209 43.83 -16.94 6.66
N THR A 210 44.90 -16.19 6.46
CA THR A 210 44.80 -14.74 6.42
C THR A 210 44.40 -14.28 5.02
N SER A 211 44.47 -15.20 4.06
CA SER A 211 44.02 -14.88 2.72
C SER A 211 43.68 -16.14 1.95
N PHE A 212 43.03 -15.98 0.81
CA PHE A 212 42.69 -17.12 -0.04
C PHE A 212 42.60 -16.60 -1.47
N GLY A 213 43.56 -17.01 -2.29
CA GLY A 213 43.73 -16.39 -3.58
C GLY A 213 43.99 -14.90 -3.41
N ILE A 214 43.29 -14.09 -4.19
CA ILE A 214 43.43 -12.64 -4.17
C ILE A 214 42.63 -12.01 -3.02
N TYR A 215 41.92 -12.83 -2.24
CA TYR A 215 41.01 -12.29 -1.23
C TYR A 215 41.67 -12.23 0.16
N LYS A 216 41.67 -11.05 0.74
CA LYS A 216 42.11 -10.87 2.12
C LYS A 216 41.06 -11.40 3.10
N CYS A 217 41.49 -12.17 4.09
CA CYS A 217 40.58 -12.63 5.13
C CYS A 217 40.84 -11.91 6.46
N ASN A 218 39.85 -11.16 6.94
CA ASN A 218 39.93 -10.63 8.32
C ASN A 218 39.04 -11.43 9.25
N LYS A 219 38.03 -12.07 8.66
CA LYS A 219 37.01 -12.82 9.40
C LYS A 219 36.59 -14.08 8.64
N HIS A 220 36.26 -15.13 9.39
CA HIS A 220 35.81 -16.37 8.81
C HIS A 220 34.49 -16.81 9.42
N VAL A 221 33.54 -17.20 8.58
CA VAL A 221 32.35 -17.88 9.07
C VAL A 221 32.60 -19.36 8.98
N VAL A 222 32.52 -20.05 10.12
CA VAL A 222 32.75 -21.49 10.16
C VAL A 222 31.69 -22.14 11.04
N GLN A 223 31.55 -23.46 10.92
CA GLN A 223 30.66 -24.19 11.83
C GLN A 223 31.50 -25.02 12.78
N LEU A 224 31.19 -24.92 14.07
CA LEU A 224 31.84 -25.75 15.06
C LEU A 224 30.83 -26.75 15.59
N CYS A 225 30.69 -27.82 14.83
CA CYS A 225 29.70 -28.85 15.05
C CYS A 225 30.02 -29.76 16.24
N TYR A 226 28.97 -30.39 16.76
CA TYR A 226 29.09 -31.36 17.82
C TYR A 226 27.93 -32.33 17.70
N PHE A 227 28.12 -33.55 18.18
CA PHE A 227 27.01 -34.50 18.16
C PHE A 227 26.12 -34.34 19.38
N VAL A 228 24.85 -34.69 19.23
CA VAL A 228 23.91 -34.60 20.33
C VAL A 228 23.38 -35.99 20.64
N TYR A 229 23.70 -36.51 21.81
CA TYR A 229 23.24 -37.84 22.16
C TYR A 229 22.05 -37.76 23.14
N GLU A 230 21.24 -38.81 23.25
CA GLU A 230 20.09 -38.75 24.17
C GLU A 230 20.49 -38.59 25.65
N ASN A 231 21.36 -39.42 26.18
CA ASN A 231 21.75 -39.14 27.55
C ASN A 231 23.03 -39.80 27.90
N LYS A 232 23.74 -39.31 28.91
CA LYS A 232 24.98 -40.06 28.98
C LYS A 232 24.91 -41.53 28.66
N ALA A 233 23.87 -42.25 29.06
CA ALA A 233 23.74 -43.70 28.78
C ALA A 233 23.60 -44.12 27.31
N LYS A 234 22.68 -43.45 26.64
CA LYS A 234 22.52 -43.69 25.23
C LYS A 234 23.85 -43.32 24.62
N PHE A 235 24.46 -42.23 25.13
CA PHE A 235 25.80 -41.94 24.62
C PHE A 235 26.72 -43.15 24.83
N ASN A 236 26.70 -43.73 26.05
CA ASN A 236 27.68 -44.79 26.32
C ASN A 236 27.40 -46.02 25.46
N THR A 237 26.33 -45.99 24.64
CA THR A 237 26.18 -46.98 23.57
C THR A 237 27.44 -46.94 22.71
N PHE A 238 28.11 -45.79 22.69
CA PHE A 238 29.22 -45.53 21.76
C PHE A 238 30.55 -45.18 22.40
N GLY A 239 30.53 -44.36 23.42
CA GLY A 239 31.77 -43.90 24.01
C GLY A 239 31.84 -44.07 25.51
N CYS A 240 33.07 -44.07 26.03
CA CYS A 240 33.24 -44.21 27.46
C CYS A 240 33.19 -42.87 28.14
N GLY A 241 32.56 -42.82 29.30
CA GLY A 241 32.53 -41.55 29.97
C GLY A 241 31.51 -40.68 29.27
N ASP A 242 31.66 -39.38 29.47
CA ASP A 242 30.86 -38.33 28.86
C ASP A 242 31.33 -37.92 27.45
N TYR A 243 30.36 -37.61 26.55
CA TYR A 243 30.72 -37.09 25.23
C TYR A 243 31.19 -35.68 25.38
N TYR A 244 32.19 -35.36 24.59
CA TYR A 244 32.61 -33.99 24.46
C TYR A 244 33.32 -33.75 23.12
N GLN A 245 33.18 -32.53 22.64
CA GLN A 245 33.82 -32.08 21.44
C GLN A 245 34.00 -30.59 21.68
N ASN A 246 35.22 -30.19 22.01
CA ASN A 246 35.48 -28.81 22.42
C ASN A 246 36.39 -28.08 21.45
N TYR A 247 36.12 -26.79 21.27
CA TYR A 247 36.89 -25.97 20.36
C TYR A 247 37.62 -24.88 21.14
N TYR A 248 38.91 -24.75 20.89
CA TYR A 248 39.73 -23.76 21.59
C TYR A 248 40.51 -22.91 20.59
N ASP A 249 40.74 -21.64 20.91
CA ASP A 249 41.66 -20.84 20.09
C ASP A 249 43.10 -21.22 20.44
N GLY A 250 44.06 -20.46 19.93
CA GLY A 250 45.45 -20.81 20.13
C GLY A 250 45.94 -20.72 21.57
N ASN A 251 45.29 -19.89 22.36
CA ASN A 251 45.69 -19.72 23.75
C ASN A 251 45.04 -20.73 24.68
N GLY A 252 43.87 -21.22 24.29
CA GLY A 252 43.19 -22.23 25.08
C GLY A 252 41.80 -21.82 25.55
N ASN A 253 41.30 -20.69 25.07
CA ASN A 253 39.95 -20.30 25.44
C ASN A 253 38.93 -21.11 24.65
N LEU A 254 38.00 -21.73 25.39
CA LEU A 254 36.87 -22.44 24.80
C LEU A 254 36.01 -21.50 23.95
N ILE A 255 35.70 -21.93 22.73
CA ILE A 255 34.94 -21.05 21.85
C ILE A 255 33.72 -21.73 21.26
N GLY A 256 33.58 -23.02 21.51
CA GLY A 256 32.44 -23.73 20.97
C GLY A 256 32.50 -25.21 21.25
N GLY A 257 31.50 -25.93 20.75
CA GLY A 257 31.42 -27.37 20.93
C GLY A 257 30.33 -27.74 21.94
N MET A 258 30.27 -29.01 22.31
CA MET A 258 29.36 -29.46 23.36
C MET A 258 30.11 -30.34 24.30
N ASP A 259 30.20 -29.87 25.54
CA ASP A 259 30.86 -30.58 26.62
C ASP A 259 29.76 -30.98 27.57
N ASN A 260 29.24 -32.18 27.41
CA ASN A 260 28.17 -32.62 28.38
C ASN A 260 28.61 -32.65 29.84
N ARG A 261 29.92 -32.68 30.04
CA ARG A 261 30.46 -32.89 31.37
C ARG A 261 30.10 -31.76 32.30
N VAL A 262 29.70 -30.63 31.74
CA VAL A 262 29.25 -29.48 32.51
C VAL A 262 27.86 -29.06 32.03
N ALA A 263 27.59 -29.31 30.75
CA ALA A 263 26.32 -28.93 30.16
C ALA A 263 25.35 -30.11 30.12
N ALA A 264 24.09 -29.82 30.39
CA ALA A 264 23.03 -30.80 30.34
C ALA A 264 22.83 -31.32 28.92
N TYR A 265 22.40 -32.57 28.81
CA TYR A 265 22.04 -33.12 27.50
C TYR A 265 20.73 -32.50 26.95
N ARG A 266 20.62 -32.37 25.63
CA ARG A 266 19.47 -31.68 25.04
C ARG A 266 18.87 -32.32 23.79
N GLY A 267 19.05 -33.64 23.69
CA GLY A 267 18.50 -34.41 22.59
C GLY A 267 17.02 -34.78 22.75
N ILE A 268 16.35 -35.03 21.61
CA ILE A 268 14.93 -35.45 21.59
C ILE A 268 14.71 -37.01 21.62
N ALA A 269 13.85 -37.49 22.51
CA ALA A 269 13.67 -38.94 22.79
C ALA A 269 13.63 -39.94 21.61
N ASN A 270 14.52 -40.93 21.65
CA ASN A 270 14.62 -41.99 20.63
C ASN A 270 14.82 -41.54 19.20
N ALA A 271 15.09 -40.25 19.03
CA ALA A 271 15.42 -39.72 17.73
C ALA A 271 16.73 -40.33 17.26
N GLY A 272 17.57 -40.70 18.22
CA GLY A 272 18.90 -41.20 17.92
C GLY A 272 19.89 -40.05 17.93
N VAL A 273 21.08 -40.31 17.41
CA VAL A 273 22.12 -39.29 17.39
C VAL A 273 21.78 -38.18 16.39
N LYS A 274 22.04 -36.95 16.79
CA LYS A 274 21.87 -35.79 15.92
C LYS A 274 23.18 -35.00 15.85
N ILE A 275 23.36 -34.23 14.78
CA ILE A 275 24.50 -33.32 14.72
C ILE A 275 24.00 -31.88 14.66
N GLU A 276 24.64 -31.01 15.44
CA GLU A 276 24.31 -29.60 15.42
C GLU A 276 25.51 -28.84 14.90
N CYS A 277 25.28 -27.80 14.10
CA CYS A 277 26.36 -27.05 13.50
C CYS A 277 26.12 -25.55 13.58
N PRO A 278 26.28 -24.97 14.79
CA PRO A 278 26.19 -23.51 14.86
C PRO A 278 27.34 -22.86 14.11
N SER A 279 27.07 -21.74 13.47
CA SER A 279 28.12 -20.99 12.80
C SER A 279 28.65 -19.88 13.68
N LYS A 280 29.96 -19.68 13.64
CA LYS A 280 30.60 -18.60 14.36
C LYS A 280 31.55 -17.82 13.50
N ILE A 281 31.70 -16.55 13.86
CA ILE A 281 32.65 -15.69 13.21
C ILE A 281 33.94 -15.65 14.03
N LEU A 282 35.01 -16.12 13.40
CA LEU A 282 36.32 -16.27 14.04
C LEU A 282 37.38 -15.50 13.28
N ASN A 283 38.43 -15.06 13.97
CA ASN A 283 39.56 -14.39 13.32
C ASN A 283 40.46 -15.42 12.66
N PRO A 284 41.29 -15.00 11.69
CA PRO A 284 42.25 -15.96 11.13
C PRO A 284 43.16 -16.52 12.22
N GLY A 285 43.57 -17.77 12.14
CA GLY A 285 44.52 -18.33 13.10
C GLY A 285 44.44 -19.84 13.15
N THR A 286 45.11 -20.45 14.12
CA THR A 286 45.06 -21.90 14.24
C THR A 286 44.29 -22.28 15.49
N TYR A 287 43.41 -23.27 15.37
CA TYR A 287 42.47 -23.60 16.43
C TYR A 287 42.57 -25.07 16.80
N SER A 288 42.31 -25.38 18.06
CA SER A 288 42.46 -26.73 18.59
C SER A 288 41.12 -27.40 18.80
N ILE A 289 41.12 -28.72 18.75
CA ILE A 289 39.94 -29.50 19.06
C ILE A 289 40.32 -30.64 20.01
N LYS A 290 39.49 -30.87 21.03
CA LYS A 290 39.62 -32.05 21.87
C LYS A 290 38.27 -32.74 21.92
N SER A 291 38.26 -34.06 21.75
CA SER A 291 37.00 -34.80 21.68
C SER A 291 37.05 -36.21 22.26
N THR A 292 35.87 -36.72 22.59
CA THR A 292 35.68 -38.13 22.92
C THR A 292 36.39 -39.02 21.90
N PRO A 293 37.08 -40.08 22.36
CA PRO A 293 37.93 -40.92 21.52
C PRO A 293 37.30 -41.45 20.22
N ARG A 294 36.06 -41.89 20.27
CA ARG A 294 35.45 -42.53 19.10
C ARG A 294 35.14 -41.58 17.92
N PHE A 295 34.60 -40.40 18.21
CA PHE A 295 34.11 -39.52 17.15
C PHE A 295 34.69 -38.12 17.24
N LEU A 296 35.34 -37.67 16.17
CA LEU A 296 35.90 -36.32 16.10
C LEU A 296 35.34 -35.57 14.89
N LEU A 297 34.89 -34.34 15.12
CA LEU A 297 34.43 -33.48 14.03
C LEU A 297 35.42 -32.33 13.85
N VAL A 298 35.77 -32.05 12.59
CA VAL A 298 36.77 -31.03 12.25
C VAL A 298 36.30 -30.14 11.11
N PRO A 299 36.18 -28.83 11.36
CA PRO A 299 35.78 -27.89 10.32
C PRO A 299 36.78 -27.93 9.17
N LYS A 300 36.28 -27.91 7.94
CA LYS A 300 37.11 -28.11 6.76
C LYS A 300 36.86 -27.02 5.72
N ARG A 301 35.86 -26.18 5.97
CA ARG A 301 35.57 -25.05 5.08
C ARG A 301 35.23 -23.80 5.86
N SER A 302 35.21 -22.68 5.15
CA SER A 302 34.78 -21.41 5.72
C SER A 302 34.38 -20.49 4.61
N TYR A 303 33.79 -19.35 5.00
CA TYR A 303 33.67 -18.23 4.10
C TYR A 303 34.54 -17.12 4.63
N CYS A 304 35.38 -16.60 3.74
CA CYS A 304 36.35 -15.57 4.05
C CYS A 304 35.81 -14.19 3.73
N PHE A 305 35.86 -13.29 4.71
CA PHE A 305 35.46 -11.90 4.55
C PHE A 305 36.59 -10.95 4.96
N ASP A 306 36.55 -9.74 4.44
CA ASP A 306 37.45 -8.71 4.93
C ASP A 306 36.70 -7.75 5.86
N THR A 307 37.37 -6.69 6.30
CA THR A 307 36.73 -5.65 7.10
C THR A 307 36.99 -4.29 6.48
N ASP A 308 37.12 -4.25 5.17
CA ASP A 308 37.34 -2.98 4.48
C ASP A 308 36.04 -2.18 4.30
N GLY A 309 34.91 -2.76 4.72
CA GLY A 309 33.64 -2.06 4.67
C GLY A 309 32.76 -2.42 3.49
N GLY A 310 31.47 -2.21 3.68
CA GLY A 310 30.49 -2.35 2.61
C GLY A 310 29.18 -1.68 2.98
N TYR A 311 28.19 -1.78 2.10
CA TYR A 311 26.91 -1.17 2.32
C TYR A 311 25.98 -2.19 2.96
N PRO A 312 24.81 -1.74 3.48
CA PRO A 312 23.81 -2.74 3.82
C PRO A 312 23.55 -3.66 2.64
N ILE A 313 23.31 -4.93 2.91
CA ILE A 313 23.14 -5.92 1.84
C ILE A 313 21.65 -6.11 1.51
N GLN A 314 21.41 -6.64 0.31
CA GLN A 314 20.09 -7.07 -0.10
C GLN A 314 20.03 -8.59 -0.19
N VAL A 315 19.06 -9.16 0.51
CA VAL A 315 18.77 -10.58 0.45
C VAL A 315 17.39 -10.80 -0.17
N VAL A 316 17.36 -11.65 -1.20
CA VAL A 316 16.16 -11.90 -1.98
C VAL A 316 15.55 -13.21 -1.53
N GLN A 317 14.24 -13.20 -1.25
CA GLN A 317 13.50 -14.41 -0.88
C GLN A 317 13.83 -15.61 -1.78
N SER A 318 14.23 -16.74 -1.20
CA SER A 318 14.66 -17.86 -2.03
C SER A 318 13.82 -19.08 -1.68
N GLU A 319 12.68 -19.20 -2.35
CA GLU A 319 11.71 -20.26 -2.09
C GLU A 319 11.27 -20.94 -3.37
N TRP A 320 10.77 -22.18 -3.25
CA TRP A 320 10.23 -22.93 -4.37
C TRP A 320 8.83 -22.49 -4.76
N SER A 321 8.35 -22.99 -5.90
CA SER A 321 6.93 -22.92 -6.22
C SER A 321 6.15 -23.73 -5.20
N ALA A 322 4.81 -23.60 -5.23
CA ALA A 322 3.93 -24.18 -4.21
C ALA A 322 4.07 -25.68 -4.01
N SER A 323 4.37 -26.40 -5.08
CA SER A 323 4.43 -27.86 -5.03
C SER A 323 5.56 -28.41 -4.17
N ARG A 324 6.59 -27.60 -3.91
CA ARG A 324 7.73 -28.10 -3.14
C ARG A 324 7.75 -27.55 -1.72
N ARG A 325 8.60 -28.14 -0.88
CA ARG A 325 8.69 -27.74 0.52
C ARG A 325 9.83 -26.72 0.78
N SER A 326 9.42 -25.49 1.05
CA SER A 326 10.33 -24.37 1.26
C SER A 326 10.54 -24.04 2.72
N ASP A 327 11.33 -23.00 2.95
CA ASP A 327 11.50 -22.47 4.28
C ASP A 327 11.69 -20.97 4.17
N ASN A 328 11.67 -20.26 5.29
CA ASN A 328 11.88 -18.82 5.26
C ASN A 328 13.04 -18.44 6.15
N ALA A 329 13.97 -19.38 6.29
CA ALA A 329 15.16 -19.18 7.12
C ALA A 329 16.02 -17.98 6.66
N THR A 330 16.18 -17.76 5.36
CA THR A 330 17.02 -16.62 4.97
C THR A 330 16.28 -15.31 5.26
N GLU A 331 14.95 -15.33 5.23
CA GLU A 331 14.15 -14.15 5.62
C GLU A 331 14.39 -13.80 7.09
N GLU A 332 14.35 -14.83 7.94
CA GLU A 332 14.45 -14.58 9.36
C GLU A 332 15.90 -14.26 9.72
N ALA A 333 16.85 -14.82 8.97
CA ALA A 333 18.25 -14.49 9.14
C ALA A 333 18.43 -13.01 8.85
N CYS A 334 17.81 -12.57 7.77
CA CYS A 334 17.97 -11.20 7.33
C CYS A 334 17.31 -10.21 8.30
N LEU A 335 16.12 -10.57 8.79
CA LEU A 335 15.37 -9.68 9.69
C LEU A 335 16.07 -9.40 11.01
N GLN A 336 16.73 -10.40 11.56
CA GLN A 336 17.40 -10.23 12.84
C GLN A 336 18.83 -9.73 12.69
N THR A 337 19.27 -9.45 11.46
CA THR A 337 20.66 -9.03 11.24
C THR A 337 20.67 -7.60 10.75
N GLU A 338 21.34 -6.75 11.51
CA GLU A 338 21.42 -5.33 11.14
C GLU A 338 22.14 -5.14 9.83
N GLY A 339 21.66 -4.19 9.02
CA GLY A 339 22.27 -3.90 7.74
C GLY A 339 21.79 -4.80 6.62
N CYS A 340 20.78 -5.62 6.89
CA CYS A 340 20.25 -6.52 5.86
C CYS A 340 18.85 -6.08 5.37
N ILE A 341 18.72 -5.91 4.05
CA ILE A 341 17.45 -5.54 3.42
C ILE A 341 16.82 -6.74 2.69
N PHE A 342 15.58 -7.10 3.04
CA PHE A 342 14.95 -8.32 2.47
C PHE A 342 13.94 -7.98 1.38
N ILE A 343 14.03 -8.70 0.26
CA ILE A 343 13.13 -8.52 -0.87
C ILE A 343 12.18 -9.71 -0.96
N LYS A 344 10.89 -9.45 -0.91
CA LYS A 344 9.89 -10.51 -0.78
C LYS A 344 8.75 -10.39 -1.80
N LYS A 345 8.38 -11.49 -2.45
CA LYS A 345 7.25 -11.51 -3.36
C LYS A 345 5.92 -11.52 -2.59
N THR A 346 4.85 -11.01 -3.21
CA THR A 346 3.52 -11.02 -2.61
C THR A 346 2.64 -12.13 -3.22
N THR A 347 3.12 -12.75 -4.29
CA THR A 347 2.40 -13.82 -4.97
C THR A 347 3.30 -15.06 -5.11
N PRO A 348 2.71 -16.24 -5.42
CA PRO A 348 3.60 -17.43 -5.49
C PRO A 348 4.63 -17.38 -6.61
N TYR A 349 5.65 -18.20 -6.49
CA TYR A 349 6.65 -18.34 -7.53
C TYR A 349 6.16 -19.26 -8.64
N VAL A 350 5.98 -18.69 -9.82
CA VAL A 350 5.55 -19.43 -10.99
C VAL A 350 6.52 -19.23 -12.14
N GLY A 351 7.33 -20.25 -12.41
CA GLY A 351 8.43 -20.08 -13.35
C GLY A 351 8.02 -20.20 -14.80
N GLU A 352 8.70 -19.49 -15.67
CA GLU A 352 8.48 -19.62 -17.11
C GLU A 352 9.19 -20.84 -17.68
N ALA A 353 10.41 -21.11 -17.23
CA ALA A 353 11.17 -22.24 -17.76
C ALA A 353 10.51 -23.54 -17.33
N ALA A 354 10.54 -23.77 -16.02
CA ALA A 354 9.78 -24.86 -15.41
C ALA A 354 8.99 -24.26 -14.24
N ASP A 355 8.67 -25.05 -13.22
CA ASP A 355 7.88 -24.51 -12.12
C ASP A 355 8.66 -23.50 -11.29
N ASN A 356 9.98 -23.69 -11.24
CA ASN A 356 10.76 -23.05 -10.22
C ASN A 356 11.77 -22.04 -10.71
N ALA A 357 11.66 -21.66 -11.98
CA ALA A 357 12.60 -20.69 -12.53
C ALA A 357 11.96 -19.79 -13.59
N GLY A 358 11.98 -18.49 -13.33
CA GLY A 358 11.59 -17.48 -14.29
C GLY A 358 10.24 -16.85 -13.97
N ASP A 359 10.18 -16.10 -12.87
CA ASP A 359 8.91 -15.60 -12.30
C ASP A 359 8.63 -14.14 -12.65
N ILE A 360 7.42 -13.84 -13.11
CA ILE A 360 7.12 -12.47 -13.56
C ILE A 360 7.26 -11.40 -12.47
N GLU A 361 6.79 -11.69 -11.28
CA GLU A 361 6.88 -10.73 -10.18
C GLU A 361 8.34 -10.54 -9.75
N MET A 362 9.09 -11.64 -9.65
CA MET A 362 10.47 -11.50 -9.22
C MET A 362 11.26 -10.71 -10.26
N ARG A 363 10.92 -10.90 -11.52
CA ARG A 363 11.59 -10.14 -12.55
C ARG A 363 11.27 -8.66 -12.39
N GLN A 364 10.05 -8.35 -11.95
CA GLN A 364 9.69 -6.96 -11.72
C GLN A 364 10.49 -6.43 -10.54
N LEU A 365 10.56 -7.23 -9.48
CA LEU A 365 11.29 -6.84 -8.29
C LEU A 365 12.81 -6.73 -8.47
N LEU A 366 13.38 -7.50 -9.40
CA LEU A 366 14.83 -7.47 -9.59
C LEU A 366 15.25 -6.56 -10.75
N SER A 367 14.27 -6.00 -11.46
CA SER A 367 14.58 -5.21 -12.64
C SER A 367 15.37 -3.95 -12.31
N GLY A 368 15.26 -3.46 -11.07
CA GLY A 368 16.01 -2.31 -10.62
C GLY A 368 17.52 -2.48 -10.64
N LEU A 369 17.99 -3.73 -10.82
CA LEU A 369 19.42 -4.05 -10.72
C LEU A 369 20.46 -3.77 -11.86
N GLY A 370 20.15 -3.46 -13.10
CA GLY A 370 18.94 -2.88 -13.59
C GLY A 370 19.33 -1.48 -14.04
N ASN A 371 19.05 -0.52 -13.17
CA ASN A 371 18.98 0.88 -13.56
C ASN A 371 20.28 1.61 -13.35
N ASN A 372 20.44 2.72 -14.05
CA ASN A 372 21.62 3.57 -13.93
C ASN A 372 21.36 4.82 -13.08
N ASP A 373 20.13 4.99 -12.58
CA ASP A 373 19.76 6.25 -11.92
C ASP A 373 19.15 6.08 -10.53
N THR A 374 19.41 4.95 -9.88
CA THR A 374 18.98 4.77 -8.51
C THR A 374 19.93 5.48 -7.54
N VAL A 375 19.39 6.33 -6.65
CA VAL A 375 20.27 7.04 -5.72
C VAL A 375 20.08 6.56 -4.29
N CYS A 376 18.97 5.89 -3.99
CA CYS A 376 18.73 5.43 -2.62
C CYS A 376 18.12 4.04 -2.65
N VAL A 377 18.63 3.16 -1.80
CA VAL A 377 18.11 1.81 -1.64
C VAL A 377 17.72 1.60 -0.19
N SER A 378 16.49 1.15 0.05
CA SER A 378 15.96 1.01 1.42
C SER A 378 15.07 -0.22 1.56
N GLN A 379 14.71 -0.54 2.79
CA GLN A 379 13.84 -1.67 3.05
C GLN A 379 12.42 -1.42 2.50
N SER A 380 12.12 -0.16 2.13
CA SER A 380 10.86 0.22 1.46
C SER A 380 10.91 0.18 -0.08
N GLY A 381 12.10 0.02 -0.63
CA GLY A 381 12.27 0.11 -2.07
C GLY A 381 13.30 1.19 -2.40
N TYR A 382 13.46 1.51 -3.68
CA TYR A 382 14.54 2.38 -4.11
C TYR A 382 13.97 3.59 -4.80
N THR A 383 14.76 4.65 -4.88
CA THR A 383 14.30 5.91 -5.47
C THR A 383 15.32 6.51 -6.41
N LYS A 384 14.83 7.38 -7.29
CA LYS A 384 15.65 8.26 -8.10
C LYS A 384 15.86 9.61 -7.39
N GLY A 385 16.73 10.44 -7.96
CA GLY A 385 17.07 11.72 -7.35
C GLY A 385 16.15 12.83 -7.80
N GLU A 386 14.85 12.63 -7.69
CA GLU A 386 13.92 13.67 -8.14
C GLU A 386 13.82 14.84 -7.17
N THR A 387 13.42 14.54 -5.93
CA THR A 387 13.27 15.56 -4.90
C THR A 387 13.85 15.03 -3.60
N PRO A 388 14.01 15.92 -2.60
CA PRO A 388 14.50 15.38 -1.33
C PRO A 388 13.41 14.75 -0.46
N PHE A 389 12.17 14.66 -0.95
CA PHE A 389 11.08 14.17 -0.09
C PHE A 389 10.36 12.93 -0.62
N VAL A 390 9.81 12.18 0.33
CA VAL A 390 8.89 11.07 0.06
C VAL A 390 7.63 11.23 0.91
N LYS A 391 6.55 10.64 0.44
CA LYS A 391 5.25 10.73 1.10
C LYS A 391 5.25 9.92 2.41
N ASP A 392 5.84 8.74 2.39
CA ASP A 392 6.01 7.95 3.59
C ASP A 392 7.50 7.67 3.81
N TYR A 393 7.87 7.38 5.06
CA TYR A 393 9.23 7.05 5.40
C TYR A 393 9.81 5.96 4.51
N LEU A 394 11.08 6.11 4.18
CA LEU A 394 11.87 4.99 3.66
C LEU A 394 12.35 4.22 4.88
N SER A 395 11.86 2.99 5.06
CA SER A 395 12.27 2.17 6.20
C SER A 395 13.72 1.74 6.04
N PRO A 396 14.48 1.74 7.14
CA PRO A 396 15.84 1.22 7.17
C PRO A 396 15.80 -0.31 7.18
N PRO A 397 16.93 -0.99 6.90
CA PRO A 397 18.22 -0.39 6.51
C PRO A 397 18.13 0.33 5.18
N LYS A 398 18.97 1.33 4.99
CA LYS A 398 18.96 2.13 3.78
C LYS A 398 20.30 2.82 3.60
N TYR A 399 20.61 3.21 2.36
CA TYR A 399 21.86 3.93 2.08
C TYR A 399 21.76 4.70 0.75
N GLY A 400 22.55 5.76 0.62
CA GLY A 400 22.55 6.59 -0.59
C GLY A 400 21.90 7.94 -0.29
N ARG A 401 21.46 8.65 -1.33
CA ARG A 401 20.86 9.95 -1.15
C ARG A 401 19.38 9.77 -0.86
N CYS A 402 19.04 9.59 0.40
CA CYS A 402 17.76 9.06 0.75
C CYS A 402 16.78 10.16 1.17
N GLN A 403 15.57 10.09 0.59
CA GLN A 403 14.56 11.11 0.81
C GLN A 403 14.00 11.12 2.23
N LEU A 404 13.47 12.28 2.62
CA LEU A 404 12.87 12.44 3.94
C LEU A 404 11.35 12.57 3.84
N LYS A 405 10.64 12.00 4.80
CA LYS A 405 9.20 12.20 4.86
C LYS A 405 8.81 13.57 5.39
N THR A 406 7.91 14.25 4.69
CA THR A 406 7.28 15.44 5.26
C THR A 406 5.81 15.49 4.83
N ASP A 407 4.96 16.09 5.64
CA ASP A 407 3.55 16.26 5.25
C ASP A 407 3.49 17.18 4.05
N SER A 408 2.62 16.85 3.10
CA SER A 408 2.41 17.70 1.93
C SER A 408 2.06 19.14 2.32
N GLY A 409 1.38 19.32 3.44
CA GLY A 409 1.00 20.67 3.84
C GLY A 409 2.19 21.53 4.28
N ARG A 410 3.34 20.92 4.54
CA ARG A 410 4.46 21.70 5.04
C ARG A 410 5.37 22.15 3.88
N ILE A 411 4.97 21.77 2.66
CA ILE A 411 5.68 22.17 1.45
C ILE A 411 5.14 23.51 1.00
N PRO A 412 6.00 24.53 0.99
CA PRO A 412 5.55 25.89 0.68
C PRO A 412 5.20 26.03 -0.80
N THR A 413 4.43 27.05 -1.10
CA THR A 413 3.89 27.27 -2.43
C THR A 413 4.50 28.51 -3.07
N LEU A 414 4.24 28.72 -4.35
CA LEU A 414 4.68 29.95 -4.99
C LEU A 414 3.47 30.55 -5.68
N PRO A 415 3.36 31.87 -5.71
CA PRO A 415 2.25 32.49 -6.44
C PRO A 415 2.32 32.20 -7.93
N SER A 416 1.17 32.06 -8.55
CA SER A 416 1.06 31.84 -9.99
C SER A 416 -0.18 32.55 -10.52
N GLY A 417 -0.42 32.46 -11.82
CA GLY A 417 -1.51 33.17 -12.45
C GLY A 417 -1.24 34.66 -12.43
N LEU A 418 -2.31 35.45 -12.44
CA LEU A 418 -2.18 36.90 -12.42
C LEU A 418 -1.60 37.36 -11.10
N ILE A 419 -0.59 38.23 -11.19
CA ILE A 419 0.25 38.58 -10.05
C ILE A 419 0.45 40.10 -9.95
N ILE A 420 0.39 40.62 -8.73
CA ILE A 420 0.59 42.04 -8.46
C ILE A 420 1.57 42.24 -7.29
N PRO A 421 2.62 43.03 -7.50
CA PRO A 421 3.59 43.25 -6.43
C PRO A 421 3.07 44.20 -5.36
N GLN A 422 3.63 44.08 -4.16
CA GLN A 422 3.25 44.92 -3.05
C GLN A 422 4.48 45.18 -2.19
N ALA A 423 4.65 46.43 -1.75
CA ALA A 423 5.77 46.82 -0.91
C ALA A 423 5.41 48.12 -0.20
N GLY A 424 6.09 48.41 0.90
CA GLY A 424 5.70 49.50 1.76
C GLY A 424 4.42 49.13 2.47
N THR A 425 3.86 50.05 3.26
CA THR A 425 2.65 49.75 4.03
C THR A 425 1.39 50.12 3.27
N ASP A 426 1.56 50.89 2.20
CA ASP A 426 0.47 51.38 1.35
C ASP A 426 -0.62 52.12 2.13
N SER A 427 -0.23 52.84 3.17
CA SER A 427 -1.17 53.62 3.96
C SER A 427 -0.46 54.81 4.56
N PHE B 1 -3.86 54.02 -7.30
CA PHE B 1 -3.36 55.38 -7.14
C PHE B 1 -1.99 55.55 -7.80
N GLY B 2 -1.59 54.59 -8.63
CA GLY B 2 -0.31 54.65 -9.33
C GLY B 2 0.90 53.91 -8.76
N LEU B 3 1.10 52.69 -9.26
CA LEU B 3 2.21 51.74 -8.97
C LEU B 3 2.95 51.71 -7.62
N LEU B 4 2.66 52.62 -6.70
CA LEU B 4 3.22 52.52 -5.36
C LEU B 4 2.18 51.94 -4.42
N PHE B 5 0.96 51.78 -4.92
CA PHE B 5 -0.18 51.36 -4.11
C PHE B 5 -0.97 50.23 -4.76
N VAL B 6 -1.50 49.34 -3.93
CA VAL B 6 -2.44 48.34 -4.37
C VAL B 6 -3.76 48.57 -3.64
N GLY B 7 -4.85 48.67 -4.38
CA GLY B 7 -6.15 48.88 -3.75
C GLY B 7 -7.02 47.62 -3.76
N PHE B 8 -8.02 47.60 -2.89
CA PHE B 8 -8.92 46.47 -2.76
C PHE B 8 -10.30 46.82 -3.34
N VAL B 9 -10.99 45.81 -3.87
CA VAL B 9 -12.34 45.98 -4.39
C VAL B 9 -13.22 44.83 -3.91
N ALA B 10 -14.53 45.07 -3.86
CA ALA B 10 -15.47 44.17 -3.21
C ALA B 10 -16.36 43.41 -4.19
N GLY B 11 -16.98 42.34 -3.70
CA GLY B 11 -17.95 41.57 -4.46
C GLY B 11 -17.33 41.05 -5.73
N GLY B 12 -17.91 41.42 -6.88
CA GLY B 12 -17.38 41.01 -8.15
C GLY B 12 -16.15 41.87 -8.39
N VAL B 13 -16.16 42.63 -9.48
CA VAL B 13 -15.11 43.60 -9.79
C VAL B 13 -13.74 42.91 -10.00
N ALA B 14 -13.18 43.06 -11.20
CA ALA B 14 -11.92 42.43 -11.54
C ALA B 14 -10.75 42.99 -10.76
N GLY B 15 -9.80 42.13 -10.40
CA GLY B 15 -8.55 42.60 -9.83
C GLY B 15 -7.54 42.72 -10.94
N GLY B 16 -6.44 43.44 -10.72
CA GLY B 16 -5.43 43.53 -11.75
C GLY B 16 -4.94 44.93 -12.05
N TYR B 17 -4.66 45.17 -13.33
CA TYR B 17 -4.10 46.44 -13.75
C TYR B 17 -5.09 47.19 -14.65
N PHE B 18 -5.42 48.42 -14.28
CA PHE B 18 -6.41 49.20 -15.01
C PHE B 18 -5.96 50.64 -15.26
N TRP B 19 -6.61 51.32 -16.19
CA TRP B 19 -6.35 52.75 -16.36
C TRP B 19 -7.32 53.57 -15.52
N GLY B 20 -6.79 54.59 -14.87
CA GLY B 20 -7.58 55.43 -13.99
C GLY B 20 -7.31 56.89 -14.29
N ARG B 21 -8.37 57.69 -14.33
CA ARG B 21 -8.25 59.11 -14.67
C ARG B 21 -8.98 59.95 -13.62
N SER B 22 -8.63 61.22 -13.53
CA SER B 22 -9.12 62.06 -12.42
C SER B 22 -10.06 63.23 -12.74
N ASN B 23 -9.54 64.43 -12.50
CA ASN B 23 -10.35 65.64 -12.50
C ASN B 23 -10.66 66.11 -13.90
N GLY B 24 -11.37 67.24 -13.98
CA GLY B 24 -11.83 67.73 -15.27
C GLY B 24 -12.62 69.04 -15.18
N GLY B 25 -13.74 69.00 -14.47
CA GLY B 25 -14.63 70.15 -14.39
C GLY B 25 -14.40 71.06 -13.19
N GLY B 26 -13.75 70.52 -12.17
CA GLY B 26 -13.50 71.26 -10.95
C GLY B 26 -14.76 71.33 -10.10
N GLY B 27 -14.93 70.33 -9.24
CA GLY B 27 -13.97 69.24 -9.12
C GLY B 27 -14.46 68.02 -9.87
N GLY B 28 -13.52 67.21 -10.37
CA GLY B 28 -13.88 66.02 -11.13
C GLY B 28 -14.49 64.95 -10.23
N ALA B 29 -14.32 63.68 -10.55
CA ALA B 29 -15.03 62.60 -9.82
C ALA B 29 -14.45 61.21 -9.99
N SER B 30 -13.25 61.11 -10.57
CA SER B 30 -12.58 59.86 -10.92
C SER B 30 -13.14 59.09 -12.11
N VAL B 31 -12.47 57.99 -12.44
CA VAL B 31 -12.93 56.95 -13.37
C VAL B 31 -11.86 55.84 -13.44
N SER B 32 -12.29 54.59 -13.42
CA SER B 32 -11.37 53.48 -13.60
C SER B 32 -11.88 52.58 -14.72
N SER B 33 -11.03 52.32 -15.69
CA SER B 33 -11.44 51.62 -16.92
C SER B 33 -11.79 50.14 -16.76
N THR B 34 -11.61 49.39 -17.84
CA THR B 34 -11.76 47.93 -17.84
C THR B 34 -10.72 47.21 -18.74
N GLN B 35 -9.46 47.34 -18.32
CA GLN B 35 -8.27 46.70 -18.91
C GLN B 35 -7.72 47.58 -20.04
N ALA B 36 -6.42 47.49 -20.22
CA ALA B 36 -5.77 48.03 -21.41
C ALA B 36 -5.21 46.91 -22.28
N GLY B 37 -4.20 47.25 -23.06
CA GLY B 37 -3.47 46.26 -23.84
C GLY B 37 -2.14 45.98 -23.17
N PHE B 38 -2.19 45.78 -21.86
CA PHE B 38 -0.98 45.49 -21.08
C PHE B 38 -0.43 44.11 -21.39
N ASP B 39 -0.04 43.91 -22.64
CA ASP B 39 0.45 42.65 -23.13
C ASP B 39 1.84 42.35 -22.57
N LYS B 40 2.62 43.41 -22.35
CA LYS B 40 3.96 43.27 -21.75
C LYS B 40 3.89 42.60 -20.37
N ILE B 41 2.98 43.07 -19.52
CA ILE B 41 2.82 42.54 -18.17
C ILE B 41 2.52 41.05 -18.16
N GLY B 42 1.65 40.61 -19.05
CA GLY B 42 1.31 39.20 -19.12
C GLY B 42 2.51 38.35 -19.47
N LYS B 43 3.27 38.79 -20.46
CA LYS B 43 4.44 38.03 -20.90
C LYS B 43 5.55 38.08 -19.84
N ASP B 44 5.68 39.23 -19.18
CA ASP B 44 6.70 39.39 -18.15
C ASP B 44 6.42 38.45 -17.00
N ILE B 45 5.17 38.39 -16.56
CA ILE B 45 4.77 37.49 -15.49
C ILE B 45 5.17 36.06 -15.86
N GLN B 46 4.92 35.69 -17.11
CA GLN B 46 5.28 34.38 -17.62
C GLN B 46 6.77 34.07 -17.48
N GLN B 47 7.59 35.02 -17.91
CA GLN B 47 9.03 34.86 -17.84
C GLN B 47 9.51 34.76 -16.40
N LEU B 48 9.04 35.69 -15.56
CA LEU B 48 9.43 35.70 -14.15
C LEU B 48 9.04 34.40 -13.44
N ARG B 49 7.89 33.82 -13.77
CA ARG B 49 7.47 32.60 -13.12
C ARG B 49 8.36 31.43 -13.54
N ASN B 50 8.71 31.40 -14.82
CA ASN B 50 9.56 30.33 -15.33
C ASN B 50 10.99 30.42 -14.80
N ASP B 51 11.43 31.64 -14.49
CA ASP B 51 12.76 31.85 -13.94
C ASP B 51 12.90 31.27 -12.53
N THR B 52 11.81 30.93 -11.85
CA THR B 52 11.93 30.38 -10.51
C THR B 52 12.44 28.93 -10.53
N ASN B 53 12.32 28.27 -11.68
CA ASN B 53 12.76 26.89 -11.79
C ASN B 53 14.22 26.71 -11.40
N ALA B 54 15.07 27.68 -11.72
CA ALA B 54 16.49 27.65 -11.36
C ALA B 54 16.72 27.45 -9.86
N ALA B 55 15.99 28.20 -9.04
CA ALA B 55 16.18 28.13 -7.60
C ALA B 55 15.62 26.81 -7.02
N ILE B 56 14.55 26.31 -7.63
CA ILE B 56 13.90 25.08 -7.19
C ILE B 56 14.73 23.84 -7.55
N GLU B 57 15.25 23.82 -8.77
CA GLU B 57 16.15 22.76 -9.21
C GLU B 57 17.40 22.70 -8.32
N GLY B 58 17.92 23.85 -7.91
CA GLY B 58 19.07 23.84 -7.01
C GLY B 58 18.73 23.07 -5.74
N PHE B 59 17.59 23.41 -5.14
CA PHE B 59 17.10 22.74 -3.93
C PHE B 59 16.79 21.25 -4.17
N ASN B 60 16.09 20.94 -5.26
CA ASN B 60 15.71 19.55 -5.49
C ASN B 60 16.93 18.66 -5.71
N GLY B 61 18.03 19.22 -6.20
CA GLY B 61 19.19 18.41 -6.53
C GLY B 61 20.06 18.08 -5.32
N ARG B 62 19.69 18.62 -4.17
CA ARG B 62 20.49 18.44 -2.96
C ARG B 62 19.85 17.43 -2.00
N ILE B 63 20.41 16.22 -1.94
CA ILE B 63 19.89 15.17 -1.07
C ILE B 63 21.05 14.56 -0.30
N ALA B 64 20.97 14.62 1.02
CA ALA B 64 22.08 14.18 1.85
C ALA B 64 22.28 12.67 1.76
N HIS B 65 23.54 12.26 1.65
CA HIS B 65 23.88 10.86 1.71
C HIS B 65 23.65 10.35 3.13
N ASP B 66 23.26 9.10 3.27
CA ASP B 66 22.98 8.55 4.58
C ASP B 66 23.32 7.08 4.51
N GLU B 67 23.50 6.45 5.66
CA GLU B 67 23.61 5.01 5.69
C GLU B 67 23.07 4.55 7.02
N GLN B 68 22.01 3.73 7.00
CA GLN B 68 21.48 3.21 8.24
C GLN B 68 21.39 1.70 8.19
N ALA B 69 21.93 1.04 9.21
CA ALA B 69 21.95 -0.42 9.29
C ALA B 69 20.84 -0.90 10.22
N ILE B 70 20.31 0.05 10.97
CA ILE B 70 19.30 -0.19 11.98
C ILE B 70 18.01 -0.74 11.37
N LYS B 71 17.26 -1.56 12.11
CA LYS B 71 16.10 -2.22 11.51
C LYS B 71 14.76 -1.52 11.80
N ASN B 72 14.75 -0.66 12.80
CA ASN B 72 13.57 0.08 13.18
C ASN B 72 13.75 1.58 12.91
N LEU B 73 12.77 2.17 12.25
CA LEU B 73 12.79 3.61 11.94
C LEU B 73 13.15 4.52 13.14
N ALA B 74 14.13 5.39 12.99
CA ALA B 74 14.41 6.40 14.02
C ALA B 74 13.58 7.65 13.71
N LYS B 75 12.31 7.58 14.09
CA LYS B 75 11.29 8.50 13.62
C LYS B 75 11.54 9.96 14.01
N GLU B 76 11.91 10.18 15.27
CA GLU B 76 12.16 11.53 15.78
C GLU B 76 13.30 12.21 15.01
N ILE B 77 14.34 11.44 14.72
CA ILE B 77 15.48 11.92 13.92
C ILE B 77 15.12 12.22 12.46
N GLU B 78 14.40 11.30 11.84
CA GLU B 78 13.84 11.50 10.51
C GLU B 78 13.00 12.78 10.42
N ASP B 79 12.15 12.98 11.44
CA ASP B 79 11.27 14.13 11.42
C ASP B 79 12.07 15.41 11.58
N ALA B 80 13.07 15.40 12.45
CA ALA B 80 13.91 16.59 12.66
C ALA B 80 14.64 16.98 11.38
N ARG B 81 15.21 16.00 10.68
CA ARG B 81 15.91 16.26 9.42
C ARG B 81 14.99 16.89 8.40
N ALA B 82 13.77 16.34 8.28
CA ALA B 82 12.76 16.89 7.37
C ALA B 82 12.42 18.32 7.75
N GLU B 83 12.23 18.55 9.05
CA GLU B 83 11.85 19.86 9.57
C GLU B 83 12.93 20.87 9.23
N ALA B 84 14.19 20.46 9.32
CA ALA B 84 15.28 21.37 8.99
C ALA B 84 15.27 21.69 7.48
N LEU B 85 15.02 20.68 6.65
CA LEU B 85 15.00 20.89 5.21
C LEU B 85 13.80 21.77 4.82
N VAL B 86 12.67 21.59 5.50
CA VAL B 86 11.49 22.42 5.26
C VAL B 86 11.77 23.87 5.65
N GLY B 87 12.55 24.05 6.70
CA GLY B 87 12.92 25.39 7.11
C GLY B 87 13.74 26.06 6.02
N GLU B 88 14.74 25.36 5.49
CA GLU B 88 15.54 25.90 4.40
C GLU B 88 14.69 26.23 3.17
N LEU B 89 13.76 25.34 2.82
CA LEU B 89 12.87 25.59 1.70
C LEU B 89 12.01 26.84 1.95
N GLY B 90 11.67 27.08 3.21
CA GLY B 90 10.93 28.27 3.61
C GLY B 90 11.68 29.57 3.38
N ILE B 91 12.97 29.58 3.71
CA ILE B 91 13.81 30.75 3.40
C ILE B 91 13.89 30.99 1.89
N ILE B 92 14.16 29.93 1.13
CA ILE B 92 14.26 30.01 -0.33
C ILE B 92 12.96 30.56 -0.94
N ARG B 93 11.82 30.06 -0.45
CA ARG B 93 10.51 30.57 -0.84
C ARG B 93 10.36 32.10 -0.67
N SER B 94 10.69 32.58 0.54
CA SER B 94 10.64 33.99 0.86
C SER B 94 11.58 34.80 -0.04
N LEU B 95 12.70 34.19 -0.41
CA LEU B 95 13.61 34.84 -1.33
C LEU B 95 12.99 34.91 -2.71
N ILE B 96 12.39 33.80 -3.16
CA ILE B 96 11.81 33.74 -4.48
C ILE B 96 10.62 34.70 -4.63
N VAL B 97 9.77 34.77 -3.62
CA VAL B 97 8.61 35.65 -3.65
C VAL B 97 9.04 37.10 -3.77
N ALA B 98 10.04 37.51 -2.99
CA ALA B 98 10.55 38.89 -3.11
C ALA B 98 11.23 39.14 -4.44
N ASN B 99 11.86 38.11 -4.99
CA ASN B 99 12.55 38.25 -6.24
C ASN B 99 11.56 38.48 -7.38
N ILE B 100 10.45 37.75 -7.34
CA ILE B 100 9.35 37.98 -8.28
C ILE B 100 8.76 39.38 -8.09
N SER B 101 8.54 39.75 -6.84
CA SER B 101 7.91 41.02 -6.53
C SER B 101 8.73 42.16 -7.08
N MET B 102 10.01 42.14 -6.77
CA MET B 102 10.90 43.22 -7.15
C MET B 102 11.08 43.27 -8.66
N ASN B 103 11.18 42.11 -9.32
CA ASN B 103 11.38 42.13 -10.76
C ASN B 103 10.11 42.46 -11.56
N LEU B 104 8.95 42.14 -11.00
CA LEU B 104 7.66 42.55 -11.59
C LEU B 104 7.45 44.05 -11.45
N LYS B 105 7.71 44.57 -10.26
CA LYS B 105 7.60 45.99 -9.99
C LYS B 105 8.52 46.76 -10.95
N GLU B 106 9.71 46.23 -11.19
CA GLU B 106 10.63 46.84 -12.12
C GLU B 106 10.13 46.74 -13.56
N SER B 107 9.53 45.61 -13.93
CA SER B 107 8.94 45.47 -15.26
C SER B 107 7.79 46.45 -15.43
N LEU B 108 7.08 46.73 -14.34
CA LEU B 108 6.00 47.69 -14.39
C LEU B 108 6.57 49.10 -14.59
N TYR B 109 7.67 49.40 -13.91
CA TYR B 109 8.36 50.68 -14.10
C TYR B 109 8.82 50.86 -15.55
N GLU B 110 9.23 49.75 -16.17
CA GLU B 110 9.75 49.84 -17.53
C GLU B 110 8.59 50.03 -18.52
N LEU B 111 7.42 49.51 -18.16
CA LEU B 111 6.23 49.77 -18.95
C LEU B 111 5.89 51.25 -18.91
N ALA B 112 5.78 51.79 -17.69
CA ALA B 112 5.46 53.19 -17.48
C ALA B 112 6.47 54.13 -18.15
N ASN B 113 7.72 53.71 -18.21
CA ASN B 113 8.76 54.53 -18.80
C ASN B 113 8.60 54.65 -20.30
N GLN B 114 8.13 53.59 -20.93
CA GLN B 114 7.89 53.61 -22.37
C GLN B 114 6.74 54.56 -22.71
N ILE B 115 5.75 54.62 -21.82
CA ILE B 115 4.63 55.53 -21.98
C ILE B 115 5.08 56.98 -21.83
N THR B 116 6.00 57.24 -20.89
CA THR B 116 6.53 58.58 -20.73
C THR B 116 7.28 59.04 -21.97
N LYS B 117 8.10 58.19 -22.55
CA LYS B 117 8.86 58.61 -23.72
C LYS B 117 8.00 58.57 -25.00
N ARG B 118 6.81 58.00 -24.90
CA ARG B 118 5.93 57.91 -26.05
C ARG B 118 5.23 59.23 -26.35
N GLY B 119 4.79 59.92 -25.30
CA GLY B 119 4.33 61.29 -25.40
C GLY B 119 5.28 62.27 -24.75
N GLY B 120 6.55 62.24 -25.10
CA GLY B 120 7.50 63.07 -24.38
C GLY B 120 7.88 64.38 -25.00
N GLY B 121 7.85 65.46 -24.21
CA GLY B 121 7.48 65.44 -22.81
C GLY B 121 6.07 65.90 -22.47
N ILE B 122 5.09 65.52 -23.27
CA ILE B 122 3.69 65.88 -22.98
C ILE B 122 3.25 65.23 -21.68
N ALA B 123 3.81 64.06 -21.40
CA ALA B 123 3.39 63.19 -20.30
C ALA B 123 3.57 63.78 -18.89
N GLN B 124 4.81 64.10 -18.49
CA GLN B 124 5.10 64.63 -17.14
C GLN B 124 4.74 63.64 -16.03
N GLU B 125 5.77 63.01 -15.46
CA GLU B 125 5.59 61.97 -14.43
C GLU B 125 5.18 62.51 -13.06
N ALA B 126 4.20 61.84 -12.45
CA ALA B 126 3.78 62.16 -11.09
C ALA B 126 4.02 60.96 -10.17
N GLY B 127 5.28 60.56 -10.02
CA GLY B 127 5.61 59.30 -9.39
C GLY B 127 5.34 58.15 -10.34
N PRO B 128 5.83 56.96 -10.01
CA PRO B 128 5.74 55.86 -10.98
C PRO B 128 4.31 55.46 -11.31
N GLY B 129 4.04 55.35 -12.60
CA GLY B 129 2.74 54.91 -13.08
C GLY B 129 1.67 55.99 -13.07
N CYS B 130 2.06 57.23 -12.78
CA CYS B 130 1.14 58.38 -12.84
C CYS B 130 1.72 59.53 -13.66
N TRP B 131 0.84 60.23 -14.38
CA TRP B 131 1.22 61.35 -15.23
C TRP B 131 0.24 62.53 -15.14
N TYR B 132 0.75 63.75 -15.32
CA TYR B 132 -0.09 64.93 -15.48
C TYR B 132 -0.12 65.40 -16.93
N VAL B 133 -1.28 65.34 -17.57
CA VAL B 133 -1.38 65.85 -18.94
C VAL B 133 -2.25 67.11 -19.04
N ASP B 134 -1.72 68.07 -19.78
CA ASP B 134 -2.40 69.34 -20.05
C ASP B 134 -3.46 69.12 -21.12
N SER B 135 -4.72 69.08 -20.71
CA SER B 135 -5.82 68.73 -21.61
C SER B 135 -5.99 69.74 -22.74
N GLU B 136 -5.10 70.73 -22.82
CA GLU B 136 -5.29 71.78 -23.80
C GLU B 136 -4.56 71.55 -25.10
N ASN B 137 -3.39 70.92 -25.06
CA ASN B 137 -2.71 70.55 -26.30
C ASN B 137 -2.42 69.04 -26.34
N CYS B 138 -3.20 68.30 -25.58
CA CYS B 138 -3.36 66.91 -25.83
C CYS B 138 -4.87 66.73 -25.74
N ASP B 139 -5.45 66.36 -26.87
CA ASP B 139 -6.89 66.32 -27.01
C ASP B 139 -7.42 65.00 -26.49
N ALA B 140 -7.50 64.03 -27.39
CA ALA B 140 -8.04 62.73 -27.08
C ALA B 140 -7.29 61.68 -27.88
N SER B 141 -7.04 61.98 -29.15
CA SER B 141 -6.21 61.12 -29.99
C SER B 141 -4.76 61.20 -29.55
N CYS B 142 -4.42 62.32 -28.93
CA CYS B 142 -3.11 62.50 -28.31
C CYS B 142 -2.96 61.59 -27.09
N LYS B 143 -3.93 61.66 -26.18
CA LYS B 143 -3.94 60.82 -25.00
C LYS B 143 -3.99 59.33 -25.35
N GLU B 144 -4.77 59.00 -26.38
CA GLU B 144 -4.88 57.61 -26.81
C GLU B 144 -3.62 57.15 -27.52
N TYR B 145 -2.86 58.10 -28.06
CA TYR B 145 -1.55 57.76 -28.59
C TYR B 145 -0.61 57.39 -27.46
N ILE B 146 -0.53 58.27 -26.46
CA ILE B 146 0.41 58.13 -25.36
C ILE B 146 0.11 56.93 -24.45
N PHE B 147 -1.13 56.78 -24.03
CA PHE B 147 -1.48 55.76 -23.03
C PHE B 147 -2.18 54.51 -23.62
N ASN B 148 -2.83 54.67 -24.77
CA ASN B 148 -3.60 53.59 -25.40
C ASN B 148 -4.65 52.98 -24.45
N PHE B 149 -5.47 53.92 -23.98
CA PHE B 149 -6.82 53.85 -23.37
C PHE B 149 -6.87 54.88 -22.24
N GLU C 1 9.04 -56.07 -36.79
CA GLU C 1 9.56 -54.95 -36.00
C GLU C 1 8.45 -54.20 -35.28
N LEU C 2 8.68 -53.94 -34.00
CA LEU C 2 7.77 -53.18 -33.15
C LEU C 2 8.12 -51.69 -33.20
N ILE C 3 7.15 -50.88 -33.60
CA ILE C 3 7.35 -49.45 -33.69
C ILE C 3 6.36 -48.70 -32.76
N CYS C 4 6.87 -47.82 -31.90
CA CYS C 4 6.00 -47.19 -30.91
C CYS C 4 6.22 -45.70 -30.74
N ILE C 5 5.14 -44.97 -30.50
CA ILE C 5 5.27 -43.64 -29.90
C ILE C 5 5.73 -43.84 -28.46
N VAL C 6 6.77 -43.14 -28.05
CA VAL C 6 7.23 -43.25 -26.67
C VAL C 6 7.08 -41.94 -25.90
N GLN C 7 6.52 -42.05 -24.69
CA GLN C 7 6.24 -40.89 -23.86
C GLN C 7 7.26 -40.89 -22.72
N ARG C 8 7.97 -39.78 -22.52
CA ARG C 8 8.95 -39.75 -21.44
C ARG C 8 9.01 -38.39 -20.74
N VAL C 9 9.29 -38.42 -19.46
CA VAL C 9 9.37 -37.18 -18.71
C VAL C 9 10.73 -37.01 -18.07
N ASN C 10 11.06 -35.76 -17.79
CA ASN C 10 12.29 -35.35 -17.12
C ASN C 10 12.10 -35.05 -15.67
N GLU C 11 13.23 -34.79 -15.01
CA GLU C 11 13.27 -34.17 -13.70
C GLU C 11 12.61 -32.79 -13.75
N SER C 12 12.49 -32.22 -14.95
CA SER C 12 11.80 -30.95 -15.11
C SER C 12 10.26 -31.12 -15.05
N PHE C 13 9.79 -32.35 -15.15
CA PHE C 13 8.34 -32.61 -15.09
C PHE C 13 7.83 -32.98 -13.69
N SER C 14 6.68 -32.44 -13.30
CA SER C 14 6.01 -32.88 -12.09
C SER C 14 4.59 -33.37 -12.41
N LEU C 15 4.11 -34.28 -11.58
CA LEU C 15 2.85 -34.97 -11.79
C LEU C 15 1.72 -34.20 -11.14
N HIS C 16 0.70 -33.86 -11.92
CA HIS C 16 -0.50 -33.21 -11.41
C HIS C 16 -1.65 -34.18 -11.39
N SER C 17 -2.29 -34.33 -10.25
CA SER C 17 -3.32 -35.36 -10.15
C SER C 17 -4.69 -34.84 -10.58
N GLY C 18 -5.50 -35.73 -11.15
CA GLY C 18 -6.83 -35.39 -11.58
C GLY C 18 -7.79 -36.52 -11.22
N PHE C 19 -9.08 -36.22 -11.17
CA PHE C 19 -10.09 -37.25 -10.97
C PHE C 19 -10.47 -37.88 -12.31
N GLY C 20 -9.74 -38.94 -12.70
CA GLY C 20 -9.96 -39.54 -14.00
C GLY C 20 -8.82 -39.27 -14.97
N GLY C 21 -7.61 -39.11 -14.43
CA GLY C 21 -6.44 -38.91 -15.27
C GLY C 21 -5.48 -37.89 -14.70
N ASN C 22 -4.19 -38.22 -14.73
CA ASN C 22 -3.14 -37.32 -14.29
C ASN C 22 -2.45 -36.66 -15.48
N VAL C 23 -1.65 -35.64 -15.20
CA VAL C 23 -0.92 -34.91 -16.22
C VAL C 23 0.50 -34.59 -15.73
N TYR C 24 1.51 -34.95 -16.51
CA TYR C 24 2.89 -34.46 -16.31
C TYR C 24 3.09 -33.12 -17.04
N SER C 25 3.74 -32.16 -16.39
CA SER C 25 4.08 -30.91 -17.05
C SER C 25 5.30 -30.25 -16.43
N MET C 26 5.93 -29.37 -17.21
CA MET C 26 7.10 -28.64 -16.77
C MET C 26 6.73 -27.34 -16.09
N LYS C 27 5.71 -26.70 -16.65
CA LYS C 27 5.23 -25.41 -16.19
C LYS C 27 3.90 -25.57 -15.51
N THR C 28 3.55 -24.57 -14.72
CA THR C 28 2.24 -24.51 -14.14
C THR C 28 1.72 -23.10 -14.32
N GLU C 29 0.40 -22.92 -14.26
CA GLU C 29 -0.18 -21.58 -14.30
C GLU C 29 -1.33 -21.47 -13.33
N PRO C 30 -1.35 -20.38 -12.56
CA PRO C 30 -2.34 -20.21 -11.48
C PRO C 30 -3.75 -20.07 -12.01
N MET C 31 -4.67 -20.60 -11.24
CA MET C 31 -6.09 -20.63 -11.58
C MET C 31 -6.73 -19.30 -11.24
N THR C 32 -6.15 -18.61 -10.27
CA THR C 32 -6.74 -17.38 -9.79
C THR C 32 -5.66 -16.47 -9.18
N GLY C 33 -6.08 -15.34 -8.64
CA GLY C 33 -5.12 -14.40 -8.07
C GLY C 33 -5.80 -13.37 -7.18
N PHE C 34 -5.08 -12.31 -6.87
CA PHE C 34 -5.64 -11.28 -6.00
C PHE C 34 -6.26 -10.18 -6.83
N THR C 35 -7.34 -9.60 -6.34
CA THR C 35 -7.98 -8.44 -6.98
C THR C 35 -7.49 -7.17 -6.33
N ASN C 36 -7.08 -6.20 -7.14
CA ASN C 36 -6.66 -4.89 -6.63
C ASN C 36 -7.77 -4.24 -5.78
N VAL C 37 -7.35 -3.53 -4.74
CA VAL C 37 -8.24 -2.77 -3.89
C VAL C 37 -7.94 -1.28 -4.06
N THR C 38 -8.97 -0.51 -4.40
CA THR C 38 -8.83 0.93 -4.63
C THR C 38 -9.44 1.72 -3.47
N LYS C 39 -8.65 2.61 -2.87
CA LYS C 39 -9.16 3.43 -1.77
C LYS C 39 -10.17 4.47 -2.28
N GLY C 40 -11.17 4.79 -1.46
CA GLY C 40 -12.12 5.82 -1.81
C GLY C 40 -13.56 5.35 -1.86
N ALA C 41 -14.41 6.16 -2.46
CA ALA C 41 -15.84 5.93 -2.47
C ALA C 41 -16.28 5.32 -3.79
N SER C 42 -17.27 4.43 -3.75
CA SER C 42 -17.81 3.91 -4.99
C SER C 42 -19.21 3.36 -4.69
N VAL C 43 -19.87 2.83 -5.71
CA VAL C 43 -21.18 2.23 -5.48
C VAL C 43 -21.27 0.94 -6.30
N ILE C 44 -22.11 0.00 -5.88
CA ILE C 44 -22.29 -1.26 -6.62
C ILE C 44 -23.50 -1.18 -7.54
N ASN C 45 -24.37 -0.21 -7.27
CA ASN C 45 -25.53 0.00 -8.12
C ASN C 45 -25.70 1.46 -8.45
N GLN C 46 -25.30 1.85 -9.66
CA GLN C 46 -25.36 3.25 -10.12
C GLN C 46 -26.78 3.79 -10.12
N LYS C 47 -27.77 2.89 -10.10
CA LYS C 47 -29.15 3.33 -10.17
C LYS C 47 -29.85 3.31 -8.83
N ASP C 48 -29.14 2.96 -7.77
CA ASP C 48 -29.75 3.01 -6.46
C ASP C 48 -28.80 3.60 -5.41
N TRP C 49 -28.39 4.84 -5.65
CA TRP C 49 -27.69 5.57 -4.61
C TRP C 49 -27.99 7.06 -4.64
N ILE C 50 -27.72 7.71 -3.51
CA ILE C 50 -27.92 9.13 -3.38
C ILE C 50 -26.76 9.76 -2.61
N GLY C 51 -26.37 10.97 -3.00
CA GLY C 51 -25.34 11.71 -2.29
C GLY C 51 -25.98 12.93 -1.65
N PHE C 52 -25.45 13.34 -0.50
CA PHE C 52 -25.84 14.61 0.13
C PHE C 52 -24.61 15.50 0.34
N GLY C 53 -24.65 16.74 -0.17
CA GLY C 53 -23.46 17.55 -0.16
C GLY C 53 -23.58 19.06 -0.17
N ASP C 54 -22.49 19.70 -0.58
CA ASP C 54 -22.40 21.16 -0.54
C ASP C 54 -21.83 21.66 -1.86
N ALA C 55 -21.19 22.81 -1.88
CA ALA C 55 -20.60 23.35 -3.11
C ALA C 55 -19.74 22.31 -3.84
N ARG C 56 -19.11 21.42 -3.09
CA ARG C 56 -18.14 20.51 -3.68
C ARG C 56 -18.79 19.41 -4.53
N THR C 57 -20.11 19.32 -4.50
CA THR C 57 -20.81 18.40 -5.40
C THR C 57 -22.02 19.12 -6.02
N ASP C 58 -22.00 20.45 -6.00
CA ASP C 58 -23.13 21.24 -6.47
C ASP C 58 -22.88 21.77 -7.88
N LEU C 59 -23.53 21.15 -8.86
CA LEU C 59 -23.33 21.51 -10.26
C LEU C 59 -23.86 22.89 -10.64
N THR C 60 -24.65 23.52 -9.75
CA THR C 60 -25.20 24.82 -10.05
C THR C 60 -24.29 25.92 -9.55
N ASN C 61 -23.19 25.55 -8.89
CA ASN C 61 -22.24 26.56 -8.44
C ASN C 61 -21.71 27.34 -9.65
N ASP C 62 -21.51 28.65 -9.47
CA ASP C 62 -20.98 29.53 -10.53
C ASP C 62 -19.67 29.03 -11.10
N GLN C 63 -18.89 28.33 -10.30
CA GLN C 63 -17.55 27.94 -10.72
C GLN C 63 -17.43 26.46 -11.10
N PHE C 64 -18.56 25.79 -11.23
CA PHE C 64 -18.56 24.39 -11.69
C PHE C 64 -17.97 24.33 -13.09
N PRO C 65 -17.10 23.35 -13.36
CA PRO C 65 -16.66 22.25 -12.49
C PRO C 65 -15.40 22.49 -11.66
N ALA C 66 -14.78 23.68 -11.74
CA ALA C 66 -13.56 23.93 -10.98
C ALA C 66 -13.82 23.84 -9.47
N SER C 67 -15.05 24.11 -9.06
CA SER C 67 -15.43 24.04 -7.66
C SER C 67 -15.94 22.66 -7.20
N SER C 68 -15.86 21.67 -8.07
CA SER C 68 -16.43 20.35 -7.77
C SER C 68 -15.38 19.28 -7.59
N ASP C 69 -15.67 18.32 -6.70
CA ASP C 69 -14.79 17.18 -6.51
C ASP C 69 -15.28 15.97 -7.28
N VAL C 70 -16.37 16.14 -8.01
CA VAL C 70 -16.90 15.09 -8.89
C VAL C 70 -17.36 15.65 -10.24
N PRO C 71 -17.32 14.79 -11.29
CA PRO C 71 -17.83 15.25 -12.60
C PRO C 71 -19.34 15.35 -12.64
N LEU C 72 -19.86 16.05 -13.65
CA LEU C 72 -21.29 16.33 -13.83
C LEU C 72 -22.19 15.11 -13.60
N ALA C 73 -21.86 13.99 -14.24
CA ALA C 73 -22.67 12.78 -14.18
C ALA C 73 -22.82 12.25 -12.74
N VAL C 74 -21.77 12.38 -11.95
CA VAL C 74 -21.83 12.02 -10.53
C VAL C 74 -22.55 13.12 -9.71
N ALA C 75 -22.30 14.38 -10.05
CA ALA C 75 -22.93 15.51 -9.35
C ALA C 75 -24.46 15.43 -9.39
N LYS C 76 -25.02 14.95 -10.50
CA LYS C 76 -26.47 14.79 -10.65
C LYS C 76 -27.09 13.84 -9.64
N LYS C 77 -26.25 12.98 -9.06
CA LYS C 77 -26.70 11.98 -8.10
C LYS C 77 -26.67 12.56 -6.68
N PHE C 78 -26.09 13.75 -6.52
CA PHE C 78 -26.06 14.39 -5.21
C PHE C 78 -27.23 15.34 -5.04
N ARG C 79 -27.64 15.50 -3.79
CA ARG C 79 -28.53 16.57 -3.40
C ARG C 79 -27.66 17.54 -2.61
N SER C 80 -27.29 18.67 -3.23
CA SER C 80 -26.31 19.57 -2.63
C SER C 80 -26.63 21.03 -2.93
N LEU C 81 -26.20 21.92 -2.05
CA LEU C 81 -26.27 23.35 -2.31
C LEU C 81 -25.04 23.99 -1.69
N SER C 82 -24.38 24.87 -2.44
CA SER C 82 -23.26 25.67 -1.94
C SER C 82 -23.60 26.30 -0.60
N GLY C 83 -22.70 26.17 0.37
CA GLY C 83 -22.90 26.74 1.69
C GLY C 83 -23.75 25.92 2.64
N ALA C 84 -24.29 24.80 2.18
CA ALA C 84 -25.21 23.99 3.01
C ALA C 84 -24.52 22.89 3.80
N SER C 85 -25.22 22.34 4.80
CA SER C 85 -24.81 21.13 5.52
C SER C 85 -26.05 20.58 6.24
N LEU C 86 -26.09 19.27 6.49
CA LEU C 86 -27.20 18.67 7.24
C LEU C 86 -27.46 19.42 8.55
N MET C 87 -26.39 19.74 9.28
CA MET C 87 -26.54 20.40 10.58
C MET C 87 -27.08 21.83 10.50
N LEU C 88 -26.63 22.59 9.50
CA LEU C 88 -27.18 23.91 9.28
C LEU C 88 -28.69 23.81 9.02
N SER C 89 -29.12 22.78 8.28
CA SER C 89 -30.55 22.65 8.03
C SER C 89 -31.31 22.16 9.27
N ALA C 90 -30.62 21.41 10.15
CA ALA C 90 -31.25 20.92 11.39
C ALA C 90 -31.71 22.07 12.28
N PHE C 91 -30.84 23.09 12.39
CA PHE C 91 -31.04 24.22 13.28
C PHE C 91 -31.50 25.52 12.62
N GLY C 92 -31.05 25.74 11.38
CA GLY C 92 -31.33 26.98 10.67
C GLY C 92 -30.82 28.20 11.42
N PRO C 93 -29.51 28.32 11.64
CA PRO C 93 -29.00 29.51 12.34
C PRO C 93 -29.11 30.74 11.45
N PRO C 94 -29.26 31.94 12.05
CA PRO C 94 -29.46 33.17 11.27
C PRO C 94 -28.45 33.39 10.14
N GLY C 95 -28.97 33.65 8.94
CA GLY C 95 -28.18 34.01 7.78
C GLY C 95 -27.40 32.89 7.10
N LYS C 96 -27.58 31.65 7.55
CA LYS C 96 -26.86 30.54 6.95
C LYS C 96 -27.71 29.89 5.86
N VAL C 97 -27.06 29.18 4.95
CA VAL C 97 -27.80 28.49 3.91
C VAL C 97 -28.63 27.37 4.54
N ASP C 98 -29.86 27.24 4.08
CA ASP C 98 -30.85 26.35 4.67
C ASP C 98 -31.44 25.44 3.58
N TYR C 99 -30.67 24.44 3.15
CA TYR C 99 -31.08 23.55 2.08
C TYR C 99 -31.96 22.40 2.57
N LEU C 100 -33.07 22.14 1.85
CA LEU C 100 -33.97 21.04 2.22
C LEU C 100 -33.47 19.73 1.60
N TYR C 101 -32.53 19.07 2.29
CA TYR C 101 -32.00 17.77 1.86
C TYR C 101 -33.08 16.70 1.80
N GLN C 102 -33.22 16.04 0.65
CA GLN C 102 -34.13 14.91 0.57
C GLN C 102 -33.75 13.98 -0.57
N GLY C 103 -33.92 12.68 -0.35
CA GLY C 103 -33.79 11.72 -1.42
C GLY C 103 -33.76 10.28 -0.93
N CYS C 104 -33.67 9.36 -1.89
CA CYS C 104 -33.75 7.91 -1.69
C CYS C 104 -32.60 7.22 -2.37
N GLY C 105 -32.01 6.23 -1.72
CA GLY C 105 -30.96 5.43 -2.34
C GLY C 105 -30.46 4.43 -1.32
N LYS C 106 -30.37 3.15 -1.70
CA LYS C 106 -29.88 2.09 -0.78
C LYS C 106 -28.44 2.39 -0.36
N GLU C 107 -27.63 2.81 -1.32
CA GLU C 107 -26.28 3.32 -1.01
C GLU C 107 -26.30 4.83 -0.81
N LYS C 108 -25.61 5.30 0.23
CA LYS C 108 -25.64 6.71 0.55
C LYS C 108 -24.22 7.24 0.73
N VAL C 109 -23.98 8.42 0.17
CA VAL C 109 -22.73 9.10 0.33
C VAL C 109 -22.97 10.45 0.97
N PHE C 110 -22.47 10.63 2.17
CA PHE C 110 -22.57 11.91 2.86
C PHE C 110 -21.26 12.69 2.66
N TYR C 111 -21.30 13.77 1.88
CA TYR C 111 -20.09 14.59 1.68
C TYR C 111 -20.37 16.07 2.00
N GLU C 112 -20.63 16.32 3.27
CA GLU C 112 -20.88 17.66 3.77
C GLU C 112 -20.61 17.76 5.26
N GLY C 113 -20.73 18.96 5.80
CA GLY C 113 -20.53 19.21 7.21
C GLY C 113 -19.63 20.41 7.50
N VAL C 114 -18.67 20.64 6.60
CA VAL C 114 -17.69 21.69 6.77
C VAL C 114 -18.35 23.09 6.89
N ASN C 115 -19.52 23.30 6.28
CA ASN C 115 -20.11 24.63 6.31
C ASN C 115 -20.58 25.08 7.72
N TRP C 116 -20.59 24.14 8.68
CA TRP C 116 -20.69 24.51 10.08
C TRP C 116 -19.54 23.83 10.86
N SER C 117 -18.41 24.54 10.89
CA SER C 117 -17.25 24.14 11.66
C SER C 117 -16.91 25.31 12.61
N PRO C 118 -15.83 25.22 13.41
CA PRO C 118 -15.59 26.41 14.24
C PRO C 118 -15.37 27.67 13.40
N GLU C 119 -14.94 27.53 12.15
CA GLU C 119 -14.76 28.68 11.27
C GLU C 119 -16.01 29.54 11.16
N ALA C 120 -17.20 28.93 11.24
CA ALA C 120 -18.45 29.67 11.08
C ALA C 120 -18.68 30.66 12.21
N GLY C 121 -18.14 30.37 13.39
CA GLY C 121 -18.23 31.29 14.51
C GLY C 121 -19.67 31.53 14.96
N ILE C 122 -20.50 30.51 14.81
CA ILE C 122 -21.87 30.62 15.26
C ILE C 122 -21.90 30.45 16.77
N ASP C 123 -22.48 31.42 17.46
CA ASP C 123 -22.54 31.39 18.92
C ASP C 123 -23.89 30.88 19.42
N CYS C 124 -24.85 31.80 19.55
CA CYS C 124 -26.20 31.43 19.96
C CYS C 124 -26.21 30.60 21.22
N PHE C 125 -25.32 30.94 22.16
CA PHE C 125 -25.19 30.29 23.47
C PHE C 125 -24.66 28.86 23.40
N GLY C 126 -24.17 28.42 22.24
CA GLY C 126 -23.75 27.04 22.07
C GLY C 126 -22.70 26.62 23.08
N SER C 127 -22.96 25.55 23.83
CA SER C 127 -22.01 25.08 24.82
C SER C 127 -20.73 24.63 24.14
N ASN C 128 -20.91 23.81 23.10
CA ASN C 128 -19.82 23.21 22.32
C ASN C 128 -20.43 22.63 21.04
N TRP C 129 -20.41 23.41 19.97
CA TRP C 129 -21.11 23.00 18.76
C TRP C 129 -20.46 21.76 18.15
N THR C 130 -19.15 21.61 18.34
CA THR C 130 -18.43 20.42 17.88
C THR C 130 -18.98 19.15 18.52
N GLN C 131 -19.26 19.23 19.82
CA GLN C 131 -19.91 18.13 20.52
C GLN C 131 -21.31 17.89 19.92
N THR C 132 -22.06 18.98 19.74
CA THR C 132 -23.40 18.90 19.16
C THR C 132 -23.38 18.25 17.77
N LYS C 133 -22.41 18.69 16.96
CA LYS C 133 -22.19 18.17 15.63
C LYS C 133 -21.90 16.66 15.63
N LYS C 134 -20.95 16.23 16.46
CA LYS C 134 -20.60 14.82 16.56
C LYS C 134 -21.83 13.98 16.95
N ASP C 135 -22.58 14.46 17.93
CA ASP C 135 -23.79 13.75 18.39
C ASP C 135 -24.84 13.67 17.29
N PHE C 136 -25.05 14.81 16.62
CA PHE C 136 -26.05 14.93 15.57
C PHE C 136 -25.75 13.99 14.42
N TYR C 137 -24.55 14.09 13.88
CA TYR C 137 -24.24 13.23 12.75
C TYR C 137 -24.28 11.74 13.16
N SER C 138 -23.93 11.44 14.40
CA SER C 138 -24.02 10.06 14.89
C SER C 138 -25.44 9.50 14.77
N ARG C 139 -26.42 10.27 15.21
CA ARG C 139 -27.82 9.84 15.10
C ARG C 139 -28.25 9.72 13.63
N ILE C 140 -27.87 10.73 12.83
CA ILE C 140 -28.14 10.73 11.38
C ILE C 140 -27.63 9.43 10.75
N TYR C 141 -26.36 9.08 11.01
CA TYR C 141 -25.76 7.93 10.36
C TYR C 141 -26.41 6.62 10.83
N GLU C 142 -26.71 6.57 12.11
CA GLU C 142 -27.36 5.42 12.72
C GLU C 142 -28.71 5.18 12.08
N ALA C 143 -29.52 6.23 11.93
CA ALA C 143 -30.83 6.09 11.30
C ALA C 143 -30.70 5.77 9.82
N ALA C 144 -29.72 6.40 9.19
CA ALA C 144 -29.56 6.25 7.75
C ALA C 144 -29.23 4.80 7.36
N ARG C 145 -28.54 4.10 8.26
CA ARG C 145 -28.10 2.72 8.08
C ARG C 145 -29.21 1.77 7.65
N SER C 146 -30.38 1.94 8.25
CA SER C 146 -31.51 1.02 8.07
C SER C 146 -32.62 1.66 7.25
N SER C 147 -32.33 2.79 6.60
CA SER C 147 -33.34 3.53 5.86
C SER C 147 -33.02 3.55 4.39
N THR C 148 -34.05 3.59 3.55
CA THR C 148 -33.81 3.74 2.11
C THR C 148 -33.67 5.22 1.79
N CYS C 149 -34.39 6.07 2.52
CA CYS C 149 -34.48 7.50 2.22
C CYS C 149 -34.18 8.38 3.40
N MET C 150 -34.07 9.67 3.13
CA MET C 150 -33.96 10.67 4.18
C MET C 150 -34.56 11.99 3.71
N THR C 151 -35.23 12.69 4.61
CA THR C 151 -35.61 14.07 4.32
C THR C 151 -35.59 14.91 5.57
N LEU C 152 -35.16 16.15 5.40
CA LEU C 152 -35.40 17.18 6.40
C LEU C 152 -36.89 17.29 6.58
N VAL C 153 -37.34 17.52 7.80
CA VAL C 153 -38.70 17.97 8.08
C VAL C 153 -38.57 19.41 8.53
N ASN C 154 -38.97 20.35 7.67
CA ASN C 154 -38.61 21.75 7.92
C ASN C 154 -39.59 22.46 8.83
N SER C 155 -40.69 21.79 9.19
CA SER C 155 -41.62 22.32 10.18
C SER C 155 -42.45 21.23 10.86
N LEU C 156 -42.14 21.03 12.15
CA LEU C 156 -42.91 20.18 13.04
C LEU C 156 -44.17 20.93 13.46
N ASP C 157 -45.32 20.25 13.55
CA ASP C 157 -46.49 20.90 14.16
C ASP C 157 -46.19 21.12 15.63
N THR C 158 -46.28 22.37 16.09
CA THR C 158 -46.04 22.64 17.50
C THR C 158 -47.15 23.52 18.09
N LYS C 159 -47.33 23.42 19.41
CA LYS C 159 -48.29 24.25 20.16
C LYS C 159 -47.82 24.48 21.58
N ILE C 160 -47.76 25.75 21.97
CA ILE C 160 -47.38 26.12 23.33
C ILE C 160 -48.64 26.50 24.10
N SER C 161 -48.58 26.36 25.43
CA SER C 161 -49.74 26.65 26.30
C SER C 161 -49.90 28.15 26.60
N SER C 162 -48.80 28.85 26.77
CA SER C 162 -48.86 30.25 27.16
C SER C 162 -49.43 31.11 26.04
N THR C 163 -50.17 32.14 26.45
CA THR C 163 -50.73 33.13 25.54
C THR C 163 -49.95 34.42 25.65
N THR C 164 -49.03 34.47 26.60
CA THR C 164 -48.24 35.68 26.83
C THR C 164 -46.81 35.51 26.35
N ALA C 165 -46.36 34.26 26.24
CA ALA C 165 -44.99 33.98 25.81
C ALA C 165 -44.72 34.48 24.38
N THR C 166 -43.56 35.08 24.17
CA THR C 166 -43.20 35.57 22.84
C THR C 166 -41.86 34.99 22.36
N ALA C 167 -41.61 35.08 21.05
CA ALA C 167 -40.44 34.48 20.43
C ALA C 167 -39.19 35.15 20.97
N GLY C 168 -38.21 34.35 21.36
CA GLY C 168 -37.01 34.89 21.99
C GLY C 168 -35.88 35.19 21.04
N THR C 169 -35.13 36.26 21.32
CA THR C 169 -33.97 36.63 20.51
C THR C 169 -32.79 37.01 21.39
N ALA C 170 -31.60 36.97 20.82
CA ALA C 170 -30.39 37.25 21.60
C ALA C 170 -29.31 37.86 20.72
N SER C 171 -28.55 38.80 21.27
CA SER C 171 -27.48 39.44 20.51
C SER C 171 -26.38 38.46 20.13
N SER C 172 -26.22 37.40 20.90
CA SER C 172 -25.21 36.40 20.59
C SER C 172 -25.62 35.51 19.40
N CYS C 173 -26.85 35.66 18.93
CA CYS C 173 -27.37 34.87 17.81
C CYS C 173 -27.88 35.85 16.76
N SER C 174 -27.01 36.76 16.37
CA SER C 174 -27.30 37.73 15.32
C SER C 174 -28.57 38.53 15.59
N SER C 175 -28.85 38.79 16.87
CA SER C 175 -30.05 39.50 17.32
C SER C 175 -31.33 38.81 16.88
N SER C 176 -31.28 37.49 16.74
CA SER C 176 -32.50 36.72 16.62
C SER C 176 -32.25 35.31 17.15
N TRP C 177 -32.71 34.29 16.42
CA TRP C 177 -32.64 32.92 16.91
C TRP C 177 -32.70 31.85 15.79
N MET C 178 -32.35 30.60 16.14
CA MET C 178 -32.45 29.42 15.28
C MET C 178 -33.86 29.18 14.77
N LYS C 179 -33.98 28.49 13.62
CA LYS C 179 -35.26 27.97 13.16
C LYS C 179 -35.74 26.87 14.09
N SER C 180 -34.79 26.08 14.58
CA SER C 180 -35.04 24.98 15.49
C SER C 180 -33.87 24.85 16.47
N PRO C 181 -34.15 24.76 17.77
CA PRO C 181 -35.50 24.78 18.36
C PRO C 181 -36.09 26.18 18.43
N LEU C 182 -37.40 26.28 18.53
CA LEU C 182 -38.03 27.56 18.83
C LEU C 182 -37.77 27.92 20.29
N TRP C 183 -37.64 29.22 20.54
CA TRP C 183 -37.35 29.76 21.87
C TRP C 183 -38.49 30.68 22.28
N TYR C 184 -39.22 30.27 23.31
CA TYR C 184 -40.34 31.06 23.77
C TYR C 184 -40.06 31.65 25.16
N ALA C 185 -40.30 32.94 25.32
CA ALA C 185 -39.94 33.67 26.54
C ALA C 185 -41.09 34.49 27.10
N GLU C 186 -41.25 34.45 28.42
CA GLU C 186 -42.27 35.25 29.10
C GLU C 186 -41.55 36.51 29.53
N SER C 187 -41.78 37.62 28.80
CA SER C 187 -41.07 38.85 29.11
C SER C 187 -41.52 39.53 30.41
N SER C 188 -42.62 39.05 31.00
CA SER C 188 -43.19 39.69 32.18
C SER C 188 -42.53 39.14 33.44
N VAL C 189 -41.89 37.97 33.33
CA VAL C 189 -41.21 37.37 34.47
C VAL C 189 -40.00 38.22 34.89
N ASN C 190 -39.94 38.54 36.18
CA ASN C 190 -38.94 39.49 36.70
C ASN C 190 -38.72 39.32 38.20
N PRO C 191 -37.78 38.44 38.57
CA PRO C 191 -37.40 38.21 39.96
C PRO C 191 -36.49 39.31 40.52
N PRO C 195 -41.58 44.18 44.04
CA PRO C 195 -41.37 42.80 44.48
C PRO C 195 -40.84 41.86 43.37
N GLN C 196 -41.54 40.72 43.20
CA GLN C 196 -41.08 39.63 42.34
C GLN C 196 -42.25 39.07 41.50
N VAL C 197 -42.00 38.89 40.20
CA VAL C 197 -43.00 38.33 39.27
C VAL C 197 -42.50 37.00 38.69
N CYS C 198 -43.23 35.91 38.91
CA CYS C 198 -42.70 34.61 38.51
C CYS C 198 -43.49 33.83 37.46
N GLY C 199 -44.60 34.37 36.99
CA GLY C 199 -45.31 33.75 35.89
C GLY C 199 -45.72 32.32 36.18
N THR C 200 -46.21 31.62 35.16
CA THR C 200 -46.68 30.25 35.29
C THR C 200 -45.87 29.34 34.36
N GLU C 201 -45.67 28.10 34.83
CA GLU C 201 -44.94 27.06 34.10
C GLU C 201 -45.32 26.99 32.63
N GLN C 202 -44.32 26.94 31.76
CA GLN C 202 -44.63 26.87 30.33
C GLN C 202 -44.80 25.43 29.91
N SER C 203 -45.67 25.22 28.92
CA SER C 203 -45.95 23.89 28.40
C SER C 203 -46.05 23.94 26.88
N ALA C 204 -45.78 22.82 26.22
CA ALA C 204 -45.84 22.78 24.77
C ALA C 204 -45.92 21.35 24.27
N THR C 205 -46.36 21.14 23.04
CA THR C 205 -46.22 19.84 22.40
C THR C 205 -45.57 19.99 21.03
N PHE C 206 -44.90 18.95 20.59
CA PHE C 206 -44.43 18.90 19.21
C PHE C 206 -44.73 17.52 18.68
N THR C 207 -45.08 17.48 17.40
CA THR C 207 -45.50 16.26 16.76
C THR C 207 -44.52 15.79 15.69
N LEU C 208 -44.08 14.55 15.79
CA LEU C 208 -43.25 13.96 14.77
C LEU C 208 -44.14 13.14 13.86
N PRO C 209 -44.24 13.54 12.60
CA PRO C 209 -45.22 12.97 11.67
C PRO C 209 -44.87 11.57 11.20
N THR C 210 -45.87 10.87 10.68
CA THR C 210 -45.71 9.52 10.16
C THR C 210 -45.29 9.58 8.69
N SER C 211 -45.34 10.79 8.13
CA SER C 211 -44.85 11.04 6.77
C SER C 211 -44.54 12.52 6.55
N PHE C 212 -43.84 12.81 5.46
CA PHE C 212 -43.52 14.18 5.11
C PHE C 212 -43.35 14.24 3.60
N GLY C 213 -44.29 14.90 2.92
CA GLY C 213 -44.35 14.82 1.47
C GLY C 213 -44.52 13.37 1.06
N ILE C 214 -43.70 12.95 0.11
CA ILE C 214 -43.69 11.59 -0.39
C ILE C 214 -42.90 10.64 0.50
N TYR C 215 -42.30 11.16 1.57
CA TYR C 215 -41.41 10.32 2.39
C TYR C 215 -42.11 9.70 3.60
N LYS C 216 -42.00 8.38 3.71
CA LYS C 216 -42.49 7.68 4.89
C LYS C 216 -41.52 7.87 6.05
N CYS C 217 -42.05 8.21 7.22
CA CYS C 217 -41.21 8.36 8.41
C CYS C 217 -41.46 7.25 9.41
N ASN C 218 -40.45 6.41 9.63
CA ASN C 218 -40.53 5.42 10.71
C ASN C 218 -39.70 5.89 11.93
N LYS C 219 -38.73 6.75 11.67
CA LYS C 219 -37.81 7.26 12.69
C LYS C 219 -37.54 8.74 12.42
N HIS C 220 -37.29 9.50 13.49
CA HIS C 220 -36.95 10.90 13.40
C HIS C 220 -35.69 11.18 14.21
N VAL C 221 -34.76 11.93 13.63
CA VAL C 221 -33.67 12.50 14.42
C VAL C 221 -34.05 13.90 14.88
N VAL C 222 -34.01 14.14 16.19
CA VAL C 222 -34.35 15.45 16.72
C VAL C 222 -33.37 15.87 17.81
N GLN C 223 -33.37 17.15 18.14
CA GLN C 223 -32.60 17.66 19.26
C GLN C 223 -33.50 18.01 20.42
N LEU C 224 -33.10 17.58 21.62
CA LEU C 224 -33.82 17.92 22.84
C LEU C 224 -32.97 18.89 23.66
N CYS C 225 -33.02 20.16 23.26
CA CYS C 225 -32.15 21.18 23.84
C CYS C 225 -32.65 21.64 25.21
N TYR C 226 -31.72 22.19 26.00
CA TYR C 226 -32.03 22.75 27.32
C TYR C 226 -30.97 23.80 27.61
N PHE C 227 -31.29 24.80 28.41
CA PHE C 227 -30.28 25.81 28.78
C PHE C 227 -29.47 25.30 29.96
N VAL C 228 -28.24 25.78 30.06
CA VAL C 228 -27.34 25.38 31.13
C VAL C 228 -26.84 26.61 31.92
N TYR C 229 -27.12 26.64 33.22
CA TYR C 229 -26.77 27.80 34.05
C TYR C 229 -25.66 27.40 35.04
N GLU C 230 -24.88 28.36 35.53
CA GLU C 230 -23.82 28.05 36.50
C GLU C 230 -24.38 27.61 37.85
N ASN C 231 -25.36 28.34 38.38
CA ASN C 231 -25.98 28.05 39.66
C ASN C 231 -27.39 28.65 39.73
N LYS C 232 -28.15 28.29 40.75
CA LYS C 232 -29.48 28.87 40.92
C LYS C 232 -29.42 30.38 41.12
N ALA C 233 -28.35 30.88 41.72
CA ALA C 233 -28.18 32.32 41.91
C ALA C 233 -28.22 33.12 40.61
N LYS C 234 -27.31 32.79 39.68
CA LYS C 234 -27.32 33.39 38.35
C LYS C 234 -28.57 33.08 37.53
N PHE C 235 -29.13 31.89 37.67
CA PHE C 235 -30.40 31.63 37.01
C PHE C 235 -31.41 32.66 37.49
N ASN C 236 -31.38 32.94 38.79
CA ASN C 236 -32.40 33.77 39.44
C ASN C 236 -32.44 35.21 38.98
N THR C 237 -31.43 35.60 38.20
CA THR C 237 -31.51 36.80 37.42
C THR C 237 -32.69 36.80 36.42
N PHE C 238 -33.26 35.63 36.12
CA PHE C 238 -34.16 35.54 34.94
C PHE C 238 -35.67 35.18 35.08
N GLY C 239 -36.13 34.21 35.87
CA GLY C 239 -35.35 33.32 36.71
C GLY C 239 -35.88 32.97 38.10
N CYS C 240 -37.18 32.73 38.31
CA CYS C 240 -37.63 32.33 39.65
C CYS C 240 -37.57 30.83 39.85
N GLY C 241 -37.14 30.40 41.03
CA GLY C 241 -37.03 29.00 41.34
C GLY C 241 -35.78 28.41 40.73
N ASP C 242 -35.78 27.08 40.57
CA ASP C 242 -34.72 26.41 39.84
C ASP C 242 -35.08 26.35 38.37
N TYR C 243 -34.06 26.33 37.51
CA TYR C 243 -34.27 26.15 36.09
C TYR C 243 -34.76 24.73 35.80
N TYR C 244 -35.67 24.55 34.85
CA TYR C 244 -35.96 23.19 34.38
C TYR C 244 -36.60 23.18 32.99
N GLN C 245 -36.31 22.13 32.23
CA GLN C 245 -36.87 21.90 30.91
C GLN C 245 -36.94 20.40 30.66
N ASN C 246 -38.15 19.83 30.76
CA ASN C 246 -38.32 18.38 30.67
C ASN C 246 -39.12 17.92 29.44
N TYR C 247 -38.72 16.80 28.86
CA TYR C 247 -39.37 16.25 27.68
C TYR C 247 -40.02 14.92 28.00
N TYR C 248 -41.27 14.73 27.58
CA TYR C 248 -41.98 13.48 27.84
C TYR C 248 -42.58 12.87 26.57
N ASP C 249 -42.57 11.56 26.48
CA ASP C 249 -43.29 10.92 25.37
C ASP C 249 -44.80 10.88 25.64
N GLY C 250 -45.53 10.16 24.78
CA GLY C 250 -46.97 10.06 24.85
C GLY C 250 -47.50 9.31 26.07
N ASN C 251 -46.68 8.45 26.64
CA ASN C 251 -47.08 7.68 27.82
C ASN C 251 -46.84 8.46 29.10
N GLY C 252 -45.87 9.37 29.05
CA GLY C 252 -45.57 10.22 30.19
C GLY C 252 -44.16 10.05 30.69
N ASN C 253 -43.36 9.27 29.95
CA ASN C 253 -41.96 9.04 30.31
C ASN C 253 -41.02 10.18 29.96
N LEU C 254 -40.21 10.56 30.91
CA LEU C 254 -39.15 11.54 30.68
C LEU C 254 -38.16 11.01 29.64
N ILE C 255 -37.85 11.79 28.61
CA ILE C 255 -36.94 11.32 27.55
C ILE C 255 -35.78 12.28 27.31
N GLY C 256 -35.76 13.41 28.02
CA GLY C 256 -34.68 14.36 27.85
C GLY C 256 -34.88 15.63 28.63
N GLY C 257 -33.93 16.56 28.47
CA GLY C 257 -34.00 17.85 29.13
C GLY C 257 -33.02 17.96 30.29
N MET C 258 -33.13 19.03 31.07
CA MET C 258 -32.39 19.15 32.33
C MET C 258 -33.24 19.70 33.47
N ASP C 259 -33.36 18.95 34.57
CA ASP C 259 -34.13 19.41 35.71
C ASP C 259 -33.30 19.75 36.96
N ASN C 260 -32.96 21.03 37.07
CA ASN C 260 -32.23 21.68 38.16
C ASN C 260 -32.90 21.77 39.54
N ARG C 261 -34.14 21.29 39.60
CA ARG C 261 -34.81 21.11 40.88
C ARG C 261 -34.27 19.80 41.47
N VAL C 262 -33.69 18.96 40.61
CA VAL C 262 -33.17 17.65 41.02
C VAL C 262 -31.68 17.45 40.74
N ALA C 263 -31.25 17.93 39.58
CA ALA C 263 -29.87 17.76 39.16
C ALA C 263 -29.08 19.04 39.45
N ALA C 264 -27.82 18.85 39.83
CA ALA C 264 -26.93 19.98 40.11
C ALA C 264 -26.71 20.86 38.89
N TYR C 265 -26.48 22.15 39.10
CA TYR C 265 -26.07 23.06 38.04
C TYR C 265 -24.63 22.71 37.63
N ARG C 266 -24.31 22.80 36.34
CA ARG C 266 -22.96 22.48 35.88
C ARG C 266 -22.46 23.47 34.83
N GLY C 267 -22.94 24.71 34.88
CA GLY C 267 -22.47 25.69 33.92
C GLY C 267 -21.04 26.03 34.29
N ILE C 268 -20.26 26.46 33.29
CA ILE C 268 -18.84 26.73 33.51
C ILE C 268 -18.70 28.11 34.13
N ALA C 269 -17.84 28.19 35.15
CA ALA C 269 -17.68 29.40 35.95
C ALA C 269 -17.56 30.64 35.07
N ASN C 270 -18.47 31.58 35.33
CA ASN C 270 -18.50 32.86 34.64
C ASN C 270 -18.67 32.80 33.12
N ALA C 271 -18.97 31.63 32.55
CA ALA C 271 -19.25 31.53 31.11
C ALA C 271 -20.54 32.24 30.66
N GLY C 272 -21.52 32.33 31.54
CA GLY C 272 -22.84 32.83 31.19
C GLY C 272 -23.67 31.61 30.78
N VAL C 273 -24.89 31.84 30.31
CA VAL C 273 -25.76 30.71 29.97
C VAL C 273 -25.30 30.05 28.66
N LYS C 274 -25.34 28.73 28.65
CA LYS C 274 -25.03 27.97 27.44
C LYS C 274 -26.21 27.07 27.10
N ILE C 275 -26.30 26.67 25.83
CA ILE C 275 -27.32 25.73 25.42
C ILE C 275 -26.63 24.46 24.96
N GLU C 276 -27.21 23.32 25.32
CA GLU C 276 -26.76 22.02 24.87
C GLU C 276 -27.89 21.41 24.03
N CYS C 277 -27.54 20.74 22.94
CA CYS C 277 -28.57 20.17 22.06
C CYS C 277 -28.25 18.75 21.63
N PRO C 278 -28.40 17.77 22.55
CA PRO C 278 -28.21 16.37 22.15
C PRO C 278 -29.30 15.92 21.17
N SER C 279 -28.91 15.05 20.24
CA SER C 279 -29.83 14.49 19.29
C SER C 279 -30.31 13.14 19.78
N LYS C 280 -31.56 12.85 19.50
CA LYS C 280 -32.17 11.59 19.88
C LYS C 280 -32.90 11.03 18.69
N ILE C 281 -32.97 9.71 18.60
CA ILE C 281 -33.77 9.06 17.59
C ILE C 281 -35.13 8.67 18.21
N LEU C 282 -36.20 9.23 17.66
CA LEU C 282 -37.55 9.07 18.21
C LEU C 282 -38.53 8.54 17.18
N ASN C 283 -39.57 7.85 17.67
CA ASN C 283 -40.63 7.36 16.80
C ASN C 283 -41.61 8.48 16.50
N PRO C 284 -42.37 8.36 15.40
CA PRO C 284 -43.43 9.35 15.15
C PRO C 284 -44.39 9.36 16.34
N GLY C 285 -44.95 10.53 16.65
CA GLY C 285 -45.95 10.65 17.70
C GLY C 285 -45.98 12.06 18.23
N THR C 286 -46.69 12.25 19.33
CA THR C 286 -46.77 13.57 19.94
C THR C 286 -46.04 13.58 21.28
N TYR C 287 -45.26 14.62 21.52
CA TYR C 287 -44.39 14.68 22.67
C TYR C 287 -44.69 15.94 23.49
N SER C 288 -44.45 15.87 24.81
CA SER C 288 -44.76 16.96 25.74
C SER C 288 -43.50 17.64 26.22
N ILE C 289 -43.65 18.92 26.58
CA ILE C 289 -42.59 19.67 27.21
C ILE C 289 -43.12 20.47 28.41
N LYS C 290 -42.35 20.51 29.49
CA LYS C 290 -42.60 21.38 30.65
C LYS C 290 -41.37 22.24 30.98
N SER C 291 -41.53 23.54 31.24
CA SER C 291 -40.36 24.36 31.58
C SER C 291 -40.64 25.48 32.57
N THR C 292 -39.58 25.94 33.24
CA THR C 292 -39.60 27.15 34.05
C THR C 292 -40.25 28.29 33.26
N PRO C 293 -41.09 29.11 33.94
CA PRO C 293 -41.91 30.10 33.26
C PRO C 293 -41.16 30.99 32.27
N ARG C 294 -39.98 31.44 32.63
CA ARG C 294 -39.28 32.44 31.84
C ARG C 294 -38.86 31.96 30.44
N PHE C 295 -38.30 30.76 30.34
CA PHE C 295 -37.69 30.28 29.09
C PHE C 295 -38.14 28.89 28.66
N LEU C 296 -38.68 28.79 27.45
CA LEU C 296 -39.09 27.50 26.89
C LEU C 296 -38.44 27.19 25.52
N LEU C 297 -37.91 25.99 25.35
CA LEU C 297 -37.38 25.55 24.04
C LEU C 297 -38.25 24.48 23.40
N VAL C 298 -38.53 24.62 22.11
CA VAL C 298 -39.40 23.68 21.41
C VAL C 298 -38.79 23.19 20.09
N PRO C 299 -38.55 21.87 19.96
CA PRO C 299 -38.00 21.36 18.70
C PRO C 299 -38.95 21.66 17.55
N LYS C 300 -38.42 22.07 16.41
CA LYS C 300 -39.25 22.59 15.32
C LYS C 300 -38.88 21.92 13.99
N ARG C 301 -37.82 21.12 14.01
CA ARG C 301 -37.39 20.37 12.83
C ARG C 301 -36.95 18.98 13.19
N SER C 302 -36.77 18.14 12.18
CA SER C 302 -36.24 16.81 12.37
C SER C 302 -35.70 16.30 11.06
N TYR C 303 -35.02 15.17 11.09
CA TYR C 303 -34.76 14.43 9.86
C TYR C 303 -35.59 13.15 9.90
N CYS C 304 -36.34 12.93 8.83
CA CYS C 304 -37.23 11.79 8.69
C CYS C 304 -36.56 10.62 7.98
N PHE C 305 -36.57 9.46 8.63
CA PHE C 305 -36.07 8.21 8.06
C PHE C 305 -37.14 7.10 8.02
N ASP C 306 -36.99 6.15 7.10
CA ASP C 306 -37.82 4.95 7.13
C ASP C 306 -37.03 3.77 7.68
N THR C 307 -37.64 2.59 7.68
CA THR C 307 -36.98 1.36 8.12
C THR C 307 -37.14 0.28 7.06
N ASP C 308 -37.17 0.70 5.80
CA ASP C 308 -37.30 -0.21 4.68
C ASP C 308 -35.95 -0.88 4.32
N GLY C 309 -34.90 -0.51 5.05
CA GLY C 309 -33.62 -1.13 4.85
C GLY C 309 -32.70 -0.29 4.00
N GLY C 310 -31.40 -0.46 4.23
CA GLY C 310 -30.40 0.18 3.40
C GLY C 310 -29.04 -0.45 3.60
N TYR C 311 -28.04 0.07 2.92
CA TYR C 311 -26.69 -0.45 3.03
C TYR C 311 -25.83 0.33 4.03
N PRO C 312 -24.66 -0.22 4.40
CA PRO C 312 -23.68 0.63 5.08
C PRO C 312 -23.45 1.89 4.29
N ILE C 313 -23.31 3.01 5.00
CA ILE C 313 -23.18 4.30 4.38
C ILE C 313 -21.73 4.71 4.24
N GLN C 314 -21.48 5.65 3.32
CA GLN C 314 -20.19 6.28 3.17
C GLN C 314 -20.23 7.74 3.58
N VAL C 315 -19.33 8.08 4.50
CA VAL C 315 -19.15 9.47 4.91
C VAL C 315 -17.77 9.96 4.46
N VAL C 316 -17.77 11.08 3.77
CA VAL C 316 -16.54 11.66 3.23
C VAL C 316 -16.13 12.84 4.10
N GLN C 317 -14.86 12.84 4.52
CA GLN C 317 -14.25 13.89 5.33
C GLN C 317 -14.62 15.28 4.82
N SER C 318 -15.11 16.14 5.68
CA SER C 318 -15.56 17.46 5.25
C SER C 318 -14.89 18.54 6.08
N GLU C 319 -13.74 19.01 5.58
CA GLU C 319 -12.90 19.98 6.25
C GLU C 319 -12.49 21.07 5.28
N TRP C 320 -12.11 22.22 5.83
CA TRP C 320 -11.63 23.35 5.05
C TRP C 320 -10.17 23.15 4.65
N SER C 321 -9.65 24.04 3.80
CA SER C 321 -8.21 24.13 3.61
C SER C 321 -7.54 24.57 4.93
N ALA C 322 -6.21 24.50 4.97
CA ALA C 322 -5.44 24.77 6.20
C ALA C 322 -5.71 26.13 6.83
N SER C 323 -5.99 27.13 6.02
CA SER C 323 -6.16 28.49 6.54
C SER C 323 -7.38 28.65 7.46
N ARG C 324 -8.34 27.72 7.39
CA ARG C 324 -9.56 27.86 8.19
C ARG C 324 -9.66 26.86 9.35
N ARG C 325 -10.60 27.11 10.25
CA ARG C 325 -10.76 26.26 11.42
C ARG C 325 -11.80 25.15 11.21
N SER C 326 -11.28 23.93 11.09
CA SER C 326 -12.06 22.73 10.82
C SER C 326 -12.33 21.90 12.06
N ASP C 327 -13.06 20.80 11.89
CA ASP C 327 -13.20 19.81 12.95
C ASP C 327 -13.31 18.44 12.32
N ASN C 328 -13.22 17.38 13.11
CA ASN C 328 -13.35 16.05 12.54
C ASN C 328 -14.52 15.32 13.19
N ALA C 329 -15.52 16.10 13.59
CA ALA C 329 -16.71 15.55 14.21
C ALA C 329 -17.42 14.54 13.30
N THR C 330 -17.50 14.77 11.99
CA THR C 330 -18.20 13.77 11.17
C THR C 330 -17.36 12.52 11.08
N GLU C 331 -16.03 12.67 11.16
CA GLU C 331 -15.15 11.51 11.20
C GLU C 331 -15.42 10.63 12.43
N GLU C 332 -15.49 11.26 13.60
CA GLU C 332 -15.59 10.47 14.82
C GLU C 332 -17.00 9.92 14.95
N ALA C 333 -17.98 10.68 14.44
CA ALA C 333 -19.35 10.21 14.42
C ALA C 333 -19.43 8.96 13.57
N CYS C 334 -18.76 8.97 12.41
CA CYS C 334 -18.80 7.80 11.54
C CYS C 334 -18.08 6.60 12.18
N LEU C 335 -16.95 6.87 12.81
CA LEU C 335 -16.13 5.83 13.42
C LEU C 335 -16.88 5.11 14.55
N GLN C 336 -17.68 5.86 15.32
CA GLN C 336 -18.38 5.23 16.42
C GLN C 336 -19.74 4.68 15.99
N THR C 337 -20.06 4.73 14.70
CA THR C 337 -21.40 4.31 14.27
C THR C 337 -21.34 3.07 13.39
N GLU C 338 -22.02 2.01 13.82
CA GLU C 338 -22.01 0.76 13.07
C GLU C 338 -22.55 0.98 11.67
N GLY C 339 -21.94 0.34 10.69
CA GLY C 339 -22.44 0.47 9.33
C GLY C 339 -21.95 1.72 8.62
N CYS C 340 -21.05 2.49 9.23
CA CYS C 340 -20.55 3.69 8.59
C CYS C 340 -19.11 3.53 8.08
N ILE C 341 -18.90 3.82 6.80
CA ILE C 341 -17.57 3.74 6.19
C ILE C 341 -17.05 5.16 5.97
N PHE C 342 -15.84 5.46 6.44
CA PHE C 342 -15.32 6.84 6.33
C PHE C 342 -14.26 6.95 5.23
N ILE C 343 -14.38 7.98 4.39
CA ILE C 343 -13.42 8.22 3.31
C ILE C 343 -12.56 9.44 3.67
N LYS C 344 -11.25 9.26 3.75
CA LYS C 344 -10.39 10.29 4.33
C LYS C 344 -9.21 10.63 3.40
N LYS C 345 -8.93 11.92 3.23
CA LYS C 345 -7.75 12.34 2.46
C LYS C 345 -6.44 12.16 3.26
N THR C 346 -5.32 12.01 2.56
CA THR C 346 -4.00 11.88 3.18
C THR C 346 -3.24 13.19 3.14
N THR C 347 -3.77 14.16 2.40
CA THR C 347 -3.12 15.46 2.29
C THR C 347 -4.14 16.54 2.62
N PRO C 348 -3.69 17.77 2.88
CA PRO C 348 -4.71 18.81 3.14
C PRO C 348 -5.60 19.10 1.94
N TYR C 349 -6.70 19.78 2.21
CA TYR C 349 -7.61 20.22 1.15
C TYR C 349 -7.05 21.47 0.46
N VAL C 350 -6.78 21.42 -0.83
CA VAL C 350 -6.33 22.60 -1.58
C VAL C 350 -7.22 22.79 -2.80
N GLY C 351 -8.11 23.79 -2.73
CA GLY C 351 -9.15 23.95 -3.71
C GLY C 351 -8.68 24.68 -4.96
N GLU C 352 -9.21 24.27 -6.11
CA GLU C 352 -8.93 24.94 -7.37
C GLU C 352 -9.80 26.20 -7.46
N ALA C 353 -11.04 26.08 -6.97
CA ALA C 353 -11.99 27.19 -7.08
C ALA C 353 -11.51 28.32 -6.22
N ALA C 354 -12.14 28.51 -5.07
CA ALA C 354 -11.53 29.40 -4.10
C ALA C 354 -10.42 28.57 -3.49
N ASP C 355 -10.09 28.84 -2.24
CA ASP C 355 -9.11 27.99 -1.60
C ASP C 355 -9.75 26.66 -1.22
N ASN C 356 -11.08 26.63 -1.18
CA ASN C 356 -11.79 25.58 -0.46
C ASN C 356 -12.73 24.64 -1.22
N ALA C 357 -12.65 24.64 -2.54
CA ALA C 357 -13.50 23.75 -3.32
C ALA C 357 -12.79 23.27 -4.57
N GLY C 358 -12.68 21.96 -4.73
CA GLY C 358 -12.13 21.40 -5.96
C GLY C 358 -10.72 20.86 -5.76
N ASP C 359 -10.60 19.78 -5.00
CA ASP C 359 -9.31 19.24 -4.55
C ASP C 359 -8.87 18.04 -5.37
N ILE C 360 -7.61 18.04 -5.79
CA ILE C 360 -7.09 16.99 -6.68
C ILE C 360 -7.17 15.61 -6.03
N GLU C 361 -6.79 15.49 -4.77
CA GLU C 361 -6.83 14.20 -4.13
C GLU C 361 -8.29 13.76 -3.95
N MET C 362 -9.18 14.67 -3.55
CA MET C 362 -10.58 14.26 -3.31
C MET C 362 -11.21 13.81 -4.61
N ARG C 363 -10.85 14.44 -5.72
CA ARG C 363 -11.39 14.01 -6.99
C ARG C 363 -10.94 12.58 -7.29
N GLN C 364 -9.71 12.22 -6.94
CA GLN C 364 -9.25 10.85 -7.14
C GLN C 364 -10.02 9.90 -6.22
N LEU C 365 -10.16 10.27 -4.95
CA LEU C 365 -10.88 9.39 -4.02
C LEU C 365 -12.38 9.23 -4.34
N LEU C 366 -12.98 10.23 -4.97
CA LEU C 366 -14.41 10.14 -5.28
C LEU C 366 -14.66 9.68 -6.71
N SER C 367 -13.60 9.45 -7.49
CA SER C 367 -13.78 9.10 -8.90
C SER C 367 -14.50 7.77 -9.04
N GLY C 368 -14.41 6.90 -8.04
CA GLY C 368 -15.10 5.62 -8.09
C GLY C 368 -16.61 5.69 -8.17
N LEU C 369 -17.17 6.86 -7.91
CA LEU C 369 -18.62 7.03 -7.81
C LEU C 369 -19.57 7.11 -9.06
N GLY C 370 -19.16 7.28 -10.30
CA GLY C 370 -17.89 6.98 -10.87
C GLY C 370 -18.12 5.83 -11.84
N ASN C 371 -17.80 4.63 -11.35
CA ASN C 371 -17.62 3.45 -12.19
C ASN C 371 -18.89 2.61 -12.36
N ASN C 372 -18.91 1.81 -13.41
CA ASN C 372 -20.05 0.94 -13.65
C ASN C 372 -19.78 -0.50 -13.23
N ASP C 373 -18.56 -0.77 -12.73
CA ASP C 373 -18.15 -2.15 -12.48
C ASP C 373 -17.60 -2.43 -11.09
N THR C 374 -17.94 -1.62 -10.09
CA THR C 374 -17.60 -1.91 -8.70
C THR C 374 -18.54 -2.96 -8.14
N VAL C 375 -18.01 -4.00 -7.49
CA VAL C 375 -18.87 -5.06 -6.93
C VAL C 375 -18.86 -5.15 -5.41
N CYS C 376 -17.84 -4.56 -4.80
CA CYS C 376 -17.71 -4.58 -3.35
C CYS C 376 -17.21 -3.22 -2.86
N VAL C 377 -17.84 -2.70 -1.84
CA VAL C 377 -17.43 -1.45 -1.20
C VAL C 377 -17.10 -1.76 0.27
N SER C 378 -15.91 -1.35 0.73
CA SER C 378 -15.44 -1.66 2.08
C SER C 378 -14.67 -0.49 2.70
N GLN C 379 -14.40 -0.59 3.99
CA GLN C 379 -13.62 0.41 4.69
C GLN C 379 -12.16 0.36 4.19
N SER C 380 -11.78 -0.72 3.50
CA SER C 380 -10.44 -0.81 2.90
C SER C 380 -10.41 -0.20 1.48
N GLY C 381 -11.60 0.05 0.93
CA GLY C 381 -11.73 0.48 -0.45
C GLY C 381 -12.65 -0.44 -1.25
N TYR C 382 -12.67 -0.24 -2.57
CA TYR C 382 -13.64 -0.94 -3.39
C TYR C 382 -12.98 -1.82 -4.44
N THR C 383 -13.71 -2.81 -4.92
CA THR C 383 -13.14 -3.73 -5.88
C THR C 383 -14.05 -4.04 -7.06
N LYS C 384 -13.43 -4.46 -8.16
CA LYS C 384 -14.14 -5.02 -9.30
C LYS C 384 -14.31 -6.54 -9.11
N GLY C 385 -15.09 -7.17 -9.98
CA GLY C 385 -15.35 -8.60 -9.86
C GLY C 385 -14.35 -9.47 -10.61
N GLU C 386 -13.06 -9.21 -10.43
CA GLU C 386 -12.01 -9.95 -11.12
C GLU C 386 -11.78 -11.36 -10.56
N THR C 387 -11.53 -11.48 -9.26
CA THR C 387 -11.32 -12.77 -8.62
C THR C 387 -12.05 -12.80 -7.30
N PRO C 388 -12.19 -13.98 -6.68
CA PRO C 388 -12.85 -13.95 -5.38
C PRO C 388 -11.89 -13.66 -4.23
N PHE C 389 -10.63 -13.40 -4.52
CA PHE C 389 -9.61 -13.25 -3.47
C PHE C 389 -8.89 -11.91 -3.47
N VAL C 390 -8.42 -11.52 -2.29
CA VAL C 390 -7.54 -10.38 -2.08
C VAL C 390 -6.30 -10.73 -1.25
N LYS C 391 -5.26 -9.90 -1.36
CA LYS C 391 -4.04 -10.10 -0.60
C LYS C 391 -4.26 -9.85 0.89
N ASP C 392 -5.01 -8.80 1.22
CA ASP C 392 -5.31 -8.50 2.61
C ASP C 392 -6.80 -8.44 2.84
N TYR C 393 -7.22 -8.62 4.09
CA TYR C 393 -8.63 -8.51 4.42
C TYR C 393 -9.25 -7.20 3.93
N LEU C 394 -10.49 -7.28 3.48
CA LEU C 394 -11.29 -6.09 3.29
C LEU C 394 -11.87 -5.77 4.64
N SER C 395 -11.45 -4.65 5.22
CA SER C 395 -11.96 -4.28 6.53
C SER C 395 -13.42 -3.91 6.43
N PRO C 396 -14.22 -4.33 7.42
CA PRO C 396 -15.61 -3.89 7.52
C PRO C 396 -15.67 -2.43 7.99
N PRO C 397 -16.82 -1.77 7.88
CA PRO C 397 -18.07 -2.26 7.26
C PRO C 397 -17.89 -2.49 5.78
N LYS C 398 -18.66 -3.40 5.19
CA LYS C 398 -18.53 -3.70 3.77
C LYS C 398 -19.77 -4.39 3.24
N TYR C 399 -19.97 -4.30 1.93
CA TYR C 399 -21.13 -4.93 1.33
C TYR C 399 -20.91 -5.17 -0.15
N GLY C 400 -21.63 -6.15 -0.69
CA GLY C 400 -21.50 -6.51 -2.08
C GLY C 400 -20.82 -7.87 -2.21
N ARG C 401 -20.28 -8.15 -3.39
CA ARG C 401 -19.60 -9.42 -3.67
C ARG C 401 -18.15 -9.27 -3.26
N CYS C 402 -17.85 -9.55 -2.01
CA CYS C 402 -16.60 -9.09 -1.45
C CYS C 402 -15.57 -10.20 -1.42
N GLN C 403 -14.34 -9.87 -1.82
CA GLN C 403 -13.28 -10.86 -1.89
C GLN C 403 -12.84 -11.34 -0.51
N LEU C 404 -12.24 -12.52 -0.49
CA LEU C 404 -11.71 -13.12 0.73
C LEU C 404 -10.19 -13.17 0.68
N LYS C 405 -9.55 -12.95 1.83
CA LYS C 405 -8.11 -13.12 1.92
C LYS C 405 -7.76 -14.60 2.02
N THR C 406 -6.81 -15.02 1.20
CA THR C 406 -6.25 -16.33 1.33
C THR C 406 -4.76 -16.20 1.19
N ASP C 407 -4.02 -17.09 1.85
CA ASP C 407 -2.56 -17.08 1.73
C ASP C 407 -2.17 -17.32 0.29
N SER C 408 -1.18 -16.56 -0.17
CA SER C 408 -0.61 -16.70 -1.49
C SER C 408 -0.23 -18.16 -1.75
N GLY C 409 0.23 -18.85 -0.71
CA GLY C 409 0.67 -20.23 -0.83
C GLY C 409 -0.43 -21.25 -1.09
N ARG C 410 -1.68 -20.86 -0.90
CA ARG C 410 -2.81 -21.78 -1.02
C ARG C 410 -3.46 -21.69 -2.40
N ILE C 411 -2.87 -20.90 -3.29
CA ILE C 411 -3.45 -20.73 -4.62
C ILE C 411 -3.03 -21.86 -5.58
N PRO C 412 -4.01 -22.69 -5.98
CA PRO C 412 -3.72 -23.85 -6.82
C PRO C 412 -3.48 -23.45 -8.28
N THR C 413 -2.68 -24.27 -8.97
CA THR C 413 -2.28 -23.99 -10.35
C THR C 413 -2.75 -25.09 -11.29
N LEU C 414 -2.53 -24.89 -12.59
CA LEU C 414 -2.85 -25.87 -13.61
C LEU C 414 -1.62 -26.15 -14.46
N PRO C 415 -1.47 -27.39 -14.92
CA PRO C 415 -0.36 -27.74 -15.82
C PRO C 415 -0.44 -26.94 -17.10
N SER C 416 0.72 -26.56 -17.63
CA SER C 416 0.79 -25.84 -18.90
C SER C 416 2.07 -26.23 -19.63
N GLY C 417 2.28 -25.65 -20.81
CA GLY C 417 3.44 -25.99 -21.61
C GLY C 417 3.35 -27.41 -22.14
N LEU C 418 4.50 -28.05 -22.36
CA LEU C 418 4.52 -29.42 -22.83
C LEU C 418 3.97 -30.33 -21.74
N ILE C 419 3.00 -31.14 -22.14
CA ILE C 419 2.17 -31.93 -21.25
C ILE C 419 2.01 -33.37 -21.76
N ILE C 420 2.07 -34.34 -20.85
CA ILE C 420 1.91 -35.74 -21.21
C ILE C 420 0.91 -36.41 -20.26
N PRO C 421 -0.10 -37.10 -20.79
CA PRO C 421 -1.11 -37.71 -19.92
C PRO C 421 -0.57 -38.95 -19.23
N GLN C 422 -1.12 -39.27 -18.07
CA GLN C 422 -0.72 -40.44 -17.32
C GLN C 422 -1.95 -41.02 -16.63
N ALA C 423 -2.06 -42.34 -16.67
CA ALA C 423 -3.18 -43.06 -16.07
C ALA C 423 -2.74 -44.50 -15.82
N GLY C 424 -3.47 -45.19 -14.96
CA GLY C 424 -3.04 -46.51 -14.54
C GLY C 424 -1.81 -46.38 -13.66
N THR C 425 -1.23 -47.50 -13.27
CA THR C 425 -0.07 -47.49 -12.41
C THR C 425 1.24 -47.49 -13.21
N ASP C 426 1.16 -47.79 -14.48
CA ASP C 426 2.32 -47.91 -15.36
C ASP C 426 3.38 -48.87 -14.78
N SER C 427 2.94 -49.92 -14.10
CA SER C 427 3.83 -50.87 -13.45
C SER C 427 4.03 -52.14 -14.29
N PHE D 1 7.35 -47.45 -25.66
CA PHE D 1 6.55 -48.45 -24.96
C PHE D 1 5.08 -48.17 -25.25
N GLY D 2 4.79 -47.19 -26.09
CA GLY D 2 3.41 -46.90 -26.44
C GLY D 2 2.68 -45.82 -25.62
N LEU D 3 1.42 -45.61 -25.99
CA LEU D 3 0.56 -44.61 -25.37
C LEU D 3 -0.06 -44.95 -24.00
N LEU D 4 0.19 -46.15 -23.50
CA LEU D 4 -0.28 -46.53 -22.18
C LEU D 4 0.78 -46.33 -21.09
N PHE D 5 2.00 -45.95 -21.49
CA PHE D 5 3.08 -45.82 -20.51
C PHE D 5 3.81 -44.50 -20.65
N VAL D 6 4.26 -43.98 -19.51
CA VAL D 6 5.18 -42.85 -19.46
C VAL D 6 6.45 -43.32 -18.76
N GLY D 7 7.61 -43.15 -19.40
CA GLY D 7 8.87 -43.56 -18.82
C GLY D 7 9.65 -42.36 -18.34
N PHE D 8 10.62 -42.59 -17.45
CA PHE D 8 11.49 -41.52 -16.95
C PHE D 8 12.88 -41.65 -17.54
N VAL D 9 13.55 -40.52 -17.74
CA VAL D 9 14.94 -40.48 -18.21
C VAL D 9 15.69 -39.45 -17.37
N ALA D 10 17.02 -39.57 -17.31
CA ALA D 10 17.77 -38.74 -16.38
C ALA D 10 18.59 -37.64 -17.06
N GLY D 11 18.85 -36.57 -16.32
CA GLY D 11 19.70 -35.48 -16.73
C GLY D 11 19.39 -34.81 -18.07
N GLY D 12 20.41 -34.76 -18.92
CA GLY D 12 20.31 -34.14 -20.22
C GLY D 12 19.61 -34.95 -21.29
N VAL D 13 18.48 -35.54 -20.94
CA VAL D 13 17.65 -36.21 -21.93
C VAL D 13 16.31 -35.49 -21.99
N ALA D 14 15.94 -35.03 -23.18
CA ALA D 14 14.70 -34.29 -23.34
C ALA D 14 13.48 -35.18 -23.09
N GLY D 15 12.45 -34.60 -22.48
CA GLY D 15 11.19 -35.28 -22.31
C GLY D 15 10.27 -34.94 -23.45
N GLY D 16 9.19 -35.70 -23.59
CA GLY D 16 8.21 -35.44 -24.63
C GLY D 16 7.81 -36.69 -25.39
N TYR D 17 7.53 -36.52 -26.68
CA TYR D 17 7.06 -37.60 -27.52
C TYR D 17 8.09 -37.96 -28.58
N PHE D 18 8.45 -39.25 -28.63
CA PHE D 18 9.54 -39.72 -29.50
C PHE D 18 9.14 -40.98 -30.28
N TRP D 19 9.90 -41.31 -31.31
CA TRP D 19 9.71 -42.58 -32.01
C TRP D 19 10.63 -43.65 -31.46
N GLY D 20 10.08 -44.85 -31.30
CA GLY D 20 10.82 -45.97 -30.73
C GLY D 20 10.69 -47.19 -31.61
N ARG D 21 11.80 -47.88 -31.82
CA ARG D 21 11.85 -49.04 -32.72
C ARG D 21 12.47 -50.26 -32.04
N SER D 22 12.34 -51.40 -32.71
CA SER D 22 12.42 -52.71 -32.07
C SER D 22 13.64 -53.59 -32.30
N ASN D 23 13.33 -54.82 -32.68
CA ASN D 23 14.28 -55.86 -33.00
C ASN D 23 14.70 -55.88 -34.46
N GLY D 24 15.25 -57.02 -34.90
CA GLY D 24 15.70 -57.17 -36.28
C GLY D 24 16.41 -58.49 -36.54
N GLY D 25 17.53 -58.72 -35.84
CA GLY D 25 18.32 -59.92 -36.06
C GLY D 25 18.00 -61.07 -35.12
N GLY D 26 17.43 -60.75 -33.96
CA GLY D 26 17.10 -61.77 -32.98
C GLY D 26 18.30 -62.28 -32.19
N GLY D 27 18.60 -61.63 -31.07
CA GLY D 27 17.86 -60.47 -30.61
C GLY D 27 18.54 -59.13 -30.81
N GLY D 28 17.74 -58.11 -31.10
CA GLY D 28 18.21 -56.75 -31.31
C GLY D 28 18.63 -56.03 -30.04
N ALA D 29 18.36 -54.74 -29.98
CA ALA D 29 18.74 -53.91 -28.84
C ALA D 29 17.89 -52.63 -28.75
N SER D 30 16.89 -52.53 -29.62
CA SER D 30 15.95 -51.38 -29.66
C SER D 30 16.61 -50.05 -30.04
N VAL D 31 15.83 -48.97 -30.00
CA VAL D 31 16.32 -47.61 -30.27
C VAL D 31 15.24 -46.54 -30.03
N SER D 32 15.64 -45.40 -29.45
CA SER D 32 14.72 -44.27 -29.28
C SER D 32 15.28 -42.98 -29.88
N SER D 33 14.49 -42.34 -30.75
CA SER D 33 14.96 -41.19 -31.50
C SER D 33 15.11 -39.95 -30.60
N THR D 34 15.04 -38.78 -31.23
CA THR D 34 14.98 -37.55 -30.48
C THR D 34 14.02 -36.56 -31.17
N GLN D 35 12.74 -36.89 -31.00
CA GLN D 35 11.55 -36.10 -31.39
C GLN D 35 11.12 -36.45 -32.80
N ALA D 36 9.82 -36.31 -33.08
CA ALA D 36 9.33 -36.35 -34.46
C ALA D 36 8.78 -35.01 -34.91
N GLY D 37 7.93 -35.05 -35.92
CA GLY D 37 7.22 -33.87 -36.38
C GLY D 37 5.77 -33.93 -35.93
N PHE D 38 5.58 -34.29 -34.66
CA PHE D 38 4.26 -34.39 -34.06
C PHE D 38 3.63 -33.03 -33.81
N ASP D 39 3.40 -32.27 -34.88
CA ASP D 39 2.87 -30.92 -34.74
C ASP D 39 1.40 -30.95 -34.33
N LYS D 40 0.69 -32.02 -34.70
CA LYS D 40 -0.70 -32.21 -34.27
C LYS D 40 -0.77 -32.11 -32.74
N ILE D 41 0.16 -32.79 -32.07
CA ILE D 41 0.20 -32.78 -30.62
C ILE D 41 0.34 -31.36 -30.08
N GLY D 42 1.20 -30.57 -30.70
CA GLY D 42 1.41 -29.21 -30.28
C GLY D 42 0.14 -28.37 -30.38
N LYS D 43 -0.56 -28.52 -31.50
CA LYS D 43 -1.78 -27.78 -31.72
C LYS D 43 -2.88 -28.28 -30.77
N ASP D 44 -2.91 -29.59 -30.54
CA ASP D 44 -3.90 -30.16 -29.64
C ASP D 44 -3.71 -29.63 -28.23
N ILE D 45 -2.48 -29.64 -27.73
CA ILE D 45 -2.22 -29.14 -26.40
C ILE D 45 -2.64 -27.68 -26.26
N GLN D 46 -2.28 -26.88 -27.26
CA GLN D 46 -2.62 -25.46 -27.27
C GLN D 46 -4.14 -25.25 -27.19
N GLN D 47 -4.88 -25.98 -28.02
CA GLN D 47 -6.34 -25.90 -28.02
C GLN D 47 -6.92 -26.32 -26.67
N LEU D 48 -6.42 -27.44 -26.14
CA LEU D 48 -6.90 -27.92 -24.85
C LEU D 48 -6.63 -26.96 -23.69
N ARG D 49 -5.48 -26.31 -23.71
CA ARG D 49 -5.17 -25.43 -22.60
C ARG D 49 -6.05 -24.20 -22.69
N ASN D 50 -6.27 -23.71 -23.90
CA ASN D 50 -7.13 -22.55 -24.05
C ASN D 50 -8.58 -22.88 -23.67
N ASP D 51 -8.97 -24.14 -23.83
CA ASP D 51 -10.31 -24.58 -23.46
C ASP D 51 -10.55 -24.54 -21.94
N THR D 52 -9.47 -24.45 -21.16
CA THR D 52 -9.63 -24.46 -19.71
C THR D 52 -10.13 -23.09 -19.21
N ASN D 53 -9.94 -22.04 -20.01
CA ASN D 53 -10.34 -20.69 -19.62
C ASN D 53 -11.79 -20.60 -19.22
N ALA D 54 -12.65 -21.35 -19.92
CA ALA D 54 -14.07 -21.37 -19.60
C ALA D 54 -14.32 -21.76 -18.14
N ALA D 55 -13.65 -22.81 -17.66
CA ALA D 55 -13.88 -23.27 -16.29
C ALA D 55 -13.27 -22.31 -15.27
N ILE D 56 -12.15 -21.70 -15.66
CA ILE D 56 -11.45 -20.77 -14.78
C ILE D 56 -12.23 -19.46 -14.61
N GLU D 57 -12.70 -18.92 -15.72
CA GLU D 57 -13.51 -17.71 -15.69
C GLU D 57 -14.77 -17.91 -14.85
N GLY D 58 -15.42 -19.06 -15.02
CA GLY D 58 -16.60 -19.38 -14.25
C GLY D 58 -16.34 -19.28 -12.75
N PHE D 59 -15.23 -19.87 -12.31
CA PHE D 59 -14.88 -19.82 -10.90
C PHE D 59 -14.61 -18.40 -10.42
N ASN D 60 -13.72 -17.70 -11.12
CA ASN D 60 -13.26 -16.37 -10.74
C ASN D 60 -14.42 -15.35 -10.72
N GLY D 61 -15.45 -15.63 -11.50
CA GLY D 61 -16.65 -14.80 -11.60
C GLY D 61 -17.72 -15.05 -10.54
N ARG D 62 -17.51 -16.04 -9.69
CA ARG D 62 -18.49 -16.33 -8.63
C ARG D 62 -18.00 -15.82 -7.29
N ILE D 63 -18.61 -14.73 -6.82
CA ILE D 63 -18.23 -14.11 -5.56
C ILE D 63 -19.49 -13.87 -4.74
N ALA D 64 -19.56 -14.43 -3.54
CA ALA D 64 -20.76 -14.35 -2.69
C ALA D 64 -21.06 -12.93 -2.19
N HIS D 65 -22.34 -12.56 -2.21
CA HIS D 65 -22.75 -11.29 -1.64
C HIS D 65 -22.61 -11.36 -0.14
N ASP D 66 -22.31 -10.23 0.48
CA ASP D 66 -22.12 -10.14 1.92
C ASP D 66 -22.52 -8.74 2.36
N GLU D 67 -22.81 -8.57 3.63
CA GLU D 67 -23.02 -7.24 4.17
C GLU D 67 -22.58 -7.25 5.62
N GLN D 68 -21.58 -6.43 5.98
CA GLN D 68 -21.15 -6.36 7.39
C GLN D 68 -21.18 -4.93 7.91
N ALA D 69 -21.83 -4.71 9.04
CA ALA D 69 -21.98 -3.36 9.60
C ALA D 69 -20.97 -3.15 10.71
N ILE D 70 -20.45 -4.26 11.19
CA ILE D 70 -19.54 -4.32 12.32
C ILE D 70 -18.21 -3.63 11.99
N LYS D 71 -17.52 -3.15 13.02
CA LYS D 71 -16.29 -2.38 12.78
C LYS D 71 -15.04 -3.25 12.93
N ASN D 72 -15.19 -4.40 13.58
CA ASN D 72 -14.05 -5.26 13.83
C ASN D 72 -14.08 -6.51 12.96
N LEU D 73 -12.96 -6.75 12.27
CA LEU D 73 -12.80 -7.88 11.36
C LEU D 73 -13.22 -9.20 12.00
N ALA D 74 -14.12 -9.93 11.34
CA ALA D 74 -14.49 -11.26 11.83
C ALA D 74 -13.53 -12.28 11.20
N LYS D 75 -12.32 -12.31 11.72
CA LYS D 75 -11.20 -12.95 11.04
C LYS D 75 -11.41 -14.46 10.86
N GLU D 76 -11.90 -15.14 11.89
CA GLU D 76 -12.13 -16.58 11.82
C GLU D 76 -13.15 -16.95 10.77
N ILE D 77 -14.22 -16.18 10.68
CA ILE D 77 -15.25 -16.39 9.67
C ILE D 77 -14.66 -16.13 8.29
N GLU D 78 -13.95 -15.01 8.18
CA GLU D 78 -13.21 -14.65 6.96
C GLU D 78 -12.27 -15.80 6.53
N ASP D 79 -11.59 -16.41 7.48
CA ASP D 79 -10.66 -17.48 7.15
C ASP D 79 -11.40 -18.77 6.77
N ALA D 80 -12.47 -19.08 7.49
CA ALA D 80 -13.22 -20.29 7.18
C ALA D 80 -13.81 -20.20 5.78
N ARG D 81 -14.37 -19.04 5.46
CA ARG D 81 -14.96 -18.81 4.15
C ARG D 81 -13.93 -18.97 3.03
N ALA D 82 -12.74 -18.42 3.22
CA ALA D 82 -11.66 -18.54 2.24
C ALA D 82 -11.25 -20.00 2.05
N GLU D 83 -11.10 -20.72 3.17
CA GLU D 83 -10.71 -22.12 3.16
C GLU D 83 -11.73 -22.99 2.43
N ALA D 84 -13.01 -22.71 2.61
CA ALA D 84 -14.06 -23.46 1.93
C ALA D 84 -14.02 -23.21 0.41
N LEU D 85 -13.79 -21.97 -0.01
CA LEU D 85 -13.68 -21.64 -1.43
C LEU D 85 -12.41 -22.23 -2.07
N VAL D 86 -11.31 -22.23 -1.33
CA VAL D 86 -10.10 -22.84 -1.81
C VAL D 86 -10.28 -24.34 -1.98
N GLY D 87 -11.06 -24.95 -1.09
CA GLY D 87 -11.36 -26.37 -1.14
C GLY D 87 -12.18 -26.70 -2.37
N GLU D 88 -13.22 -25.91 -2.62
CA GLU D 88 -14.01 -26.09 -3.82
C GLU D 88 -13.16 -25.86 -5.09
N LEU D 89 -12.24 -24.90 -5.03
CA LEU D 89 -11.33 -24.65 -6.15
C LEU D 89 -10.42 -25.85 -6.43
N GLY D 90 -10.07 -26.58 -5.38
CA GLY D 90 -9.25 -27.78 -5.51
C GLY D 90 -9.97 -28.88 -6.27
N ILE D 91 -11.24 -29.08 -5.96
CA ILE D 91 -12.08 -30.03 -6.70
C ILE D 91 -12.14 -29.71 -8.19
N ILE D 92 -12.43 -28.45 -8.50
CA ILE D 92 -12.49 -28.00 -9.88
C ILE D 92 -11.15 -28.22 -10.59
N ARG D 93 -10.06 -27.86 -9.92
CA ARG D 93 -8.73 -28.14 -10.41
C ARG D 93 -8.54 -29.62 -10.75
N SER D 94 -8.88 -30.49 -9.82
CA SER D 94 -8.76 -31.92 -10.04
C SER D 94 -9.61 -32.38 -11.22
N LEU D 95 -10.77 -31.74 -11.41
CA LEU D 95 -11.63 -32.03 -12.53
C LEU D 95 -11.00 -31.58 -13.83
N ILE D 96 -10.44 -30.38 -13.83
CA ILE D 96 -9.88 -29.83 -15.04
C ILE D 96 -8.66 -30.64 -15.48
N VAL D 97 -7.83 -31.03 -14.52
CA VAL D 97 -6.61 -31.78 -14.82
C VAL D 97 -6.95 -33.09 -15.53
N ALA D 98 -7.92 -33.83 -15.00
CA ALA D 98 -8.36 -35.07 -15.61
C ALA D 98 -9.02 -34.81 -16.97
N ASN D 99 -9.68 -33.66 -17.12
CA ASN D 99 -10.34 -33.35 -18.38
C ASN D 99 -9.29 -33.13 -19.44
N ILE D 100 -8.22 -32.44 -19.08
CA ILE D 100 -7.05 -32.27 -19.93
C ILE D 100 -6.41 -33.64 -20.22
N SER D 101 -6.20 -34.43 -19.17
CA SER D 101 -5.56 -35.73 -19.33
C SER D 101 -6.32 -36.61 -20.32
N MET D 102 -7.62 -36.75 -20.12
CA MET D 102 -8.42 -37.63 -20.94
C MET D 102 -8.50 -37.11 -22.38
N ASN D 103 -8.65 -35.81 -22.56
CA ASN D 103 -8.78 -35.29 -23.91
C ASN D 103 -7.45 -35.26 -24.67
N LEU D 104 -6.34 -35.11 -23.97
CA LEU D 104 -5.01 -35.19 -24.58
C LEU D 104 -4.76 -36.64 -24.99
N LYS D 105 -5.07 -37.57 -24.09
CA LYS D 105 -4.93 -38.98 -24.38
C LYS D 105 -5.76 -39.37 -25.61
N GLU D 106 -6.97 -38.84 -25.71
CA GLU D 106 -7.81 -39.16 -26.86
C GLU D 106 -7.24 -38.57 -28.16
N SER D 107 -6.67 -37.38 -28.07
CA SER D 107 -6.00 -36.73 -29.22
C SER D 107 -4.77 -37.51 -29.69
N LEU D 108 -4.08 -38.14 -28.76
CA LEU D 108 -2.94 -38.97 -29.08
C LEU D 108 -3.43 -40.23 -29.77
N TYR D 109 -4.53 -40.80 -29.26
CA TYR D 109 -5.16 -41.95 -29.92
C TYR D 109 -5.59 -41.57 -31.33
N GLU D 110 -5.96 -40.30 -31.54
CA GLU D 110 -6.41 -39.90 -32.86
C GLU D 110 -5.23 -39.77 -33.82
N LEU D 111 -4.07 -39.34 -33.30
CA LEU D 111 -2.84 -39.34 -34.09
C LEU D 111 -2.44 -40.76 -34.49
N ALA D 112 -2.35 -41.65 -33.51
CA ALA D 112 -1.97 -43.04 -33.77
C ALA D 112 -2.93 -43.72 -34.74
N ASN D 113 -4.19 -43.32 -34.72
CA ASN D 113 -5.19 -43.89 -35.60
C ASN D 113 -5.01 -43.47 -37.06
N GLN D 114 -4.54 -42.24 -37.28
CA GLN D 114 -4.28 -41.76 -38.63
C GLN D 114 -3.10 -42.50 -39.22
N ILE D 115 -2.14 -42.84 -38.36
CA ILE D 115 -0.98 -43.61 -38.76
C ILE D 115 -1.37 -45.05 -39.15
N THR D 116 -2.31 -45.62 -38.42
CA THR D 116 -2.83 -46.94 -38.73
C THR D 116 -3.51 -46.95 -40.09
N LYS D 117 -4.29 -45.91 -40.41
CA LYS D 117 -4.96 -45.89 -41.69
C LYS D 117 -4.10 -45.44 -42.85
N ARG D 118 -2.95 -44.84 -42.57
CA ARG D 118 -2.11 -44.37 -43.65
C ARG D 118 -1.36 -45.57 -44.23
N GLY D 119 -1.02 -46.52 -43.37
CA GLY D 119 -0.55 -47.79 -43.86
C GLY D 119 -1.81 -48.62 -43.85
N GLY D 120 -1.83 -49.68 -43.05
CA GLY D 120 -2.99 -50.54 -42.96
C GLY D 120 -3.40 -51.29 -44.21
N GLY D 121 -3.54 -52.60 -44.05
CA GLY D 121 -3.33 -53.19 -42.74
C GLY D 121 -1.92 -53.69 -42.58
N ILE D 122 -0.97 -52.96 -43.18
CA ILE D 122 0.44 -53.25 -43.02
C ILE D 122 0.85 -52.93 -41.59
N ALA D 123 0.19 -51.92 -41.03
CA ALA D 123 0.55 -51.34 -39.73
C ALA D 123 0.39 -52.33 -38.58
N GLN D 124 -0.83 -52.82 -38.37
CA GLN D 124 -1.14 -53.78 -37.30
C GLN D 124 -0.87 -53.24 -35.90
N GLU D 125 -1.95 -52.87 -35.22
CA GLU D 125 -1.85 -52.22 -33.94
C GLU D 125 -1.42 -53.19 -32.84
N ALA D 126 -0.49 -52.74 -32.01
CA ALA D 126 -0.09 -53.50 -30.82
C ALA D 126 -0.41 -52.70 -29.58
N GLY D 127 -1.69 -52.44 -29.37
CA GLY D 127 -2.12 -51.47 -28.39
C GLY D 127 -1.91 -50.06 -28.93
N PRO D 128 -2.47 -49.06 -28.25
CA PRO D 128 -2.45 -47.70 -28.78
C PRO D 128 -1.04 -47.12 -28.88
N GLY D 129 -0.68 -46.61 -30.06
CA GLY D 129 0.62 -45.98 -30.26
C GLY D 129 1.76 -46.95 -30.49
N CYS D 130 1.45 -48.23 -30.65
CA CYS D 130 2.45 -49.25 -31.00
C CYS D 130 1.96 -50.05 -32.20
N TRP D 131 2.90 -50.44 -33.06
CA TRP D 131 2.57 -51.24 -34.23
C TRP D 131 3.59 -52.34 -34.48
N TYR D 132 3.11 -53.46 -35.00
CA TYR D 132 3.99 -54.50 -35.54
C TYR D 132 3.93 -54.48 -37.06
N VAL D 133 5.04 -54.11 -37.68
CA VAL D 133 5.13 -54.14 -39.13
C VAL D 133 6.17 -55.17 -39.57
N ASP D 134 5.81 -56.01 -40.52
CA ASP D 134 6.77 -56.99 -41.03
C ASP D 134 7.71 -56.33 -42.03
N SER D 135 8.98 -56.20 -41.66
CA SER D 135 9.96 -55.48 -42.47
C SER D 135 10.17 -56.13 -43.87
N GLU D 136 9.37 -57.14 -44.19
CA GLU D 136 9.50 -57.84 -45.47
C GLU D 136 8.57 -57.29 -46.54
N ASN D 137 7.39 -56.81 -46.16
CA ASN D 137 6.54 -56.15 -47.15
C ASN D 137 6.29 -54.71 -46.78
N CYS D 138 7.18 -54.15 -45.95
CA CYS D 138 7.35 -52.71 -45.88
C CYS D 138 8.86 -52.43 -45.82
N ASP D 139 9.39 -51.68 -46.79
CA ASP D 139 10.84 -51.57 -46.91
C ASP D 139 11.43 -50.55 -45.94
N ALA D 140 11.56 -49.29 -46.35
CA ALA D 140 12.15 -48.29 -45.47
C ALA D 140 11.52 -46.93 -45.69
N SER D 141 11.38 -46.53 -46.95
CA SER D 141 10.63 -45.33 -47.27
C SER D 141 9.15 -45.65 -47.09
N CYS D 142 8.84 -46.93 -47.16
CA CYS D 142 7.51 -47.42 -46.85
C CYS D 142 7.23 -47.10 -45.38
N LYS D 143 8.18 -47.48 -44.52
CA LYS D 143 8.08 -47.14 -43.12
C LYS D 143 8.08 -45.63 -42.96
N GLU D 144 8.89 -44.93 -43.74
CA GLU D 144 8.93 -43.48 -43.65
C GLU D 144 7.68 -42.88 -44.26
N TYR D 145 7.01 -43.63 -45.11
CA TYR D 145 5.71 -43.21 -45.59
C TYR D 145 4.71 -43.26 -44.43
N ILE D 146 4.63 -44.42 -43.79
CA ILE D 146 3.63 -44.66 -42.74
C ILE D 146 3.88 -43.84 -41.47
N PHE D 147 5.10 -43.85 -40.95
CA PHE D 147 5.37 -43.25 -39.65
C PHE D 147 6.00 -41.87 -39.79
N ASN D 148 6.57 -41.61 -40.96
CA ASN D 148 7.24 -40.35 -41.24
C ASN D 148 8.32 -40.03 -40.22
N PHE D 149 9.23 -41.00 -40.03
CA PHE D 149 10.54 -40.89 -39.34
C PHE D 149 10.83 -42.20 -38.58
C1 NAG E . 13.61 -26.10 13.20
C2 NAG E . 12.29 -26.13 13.98
C3 NAG E . 11.33 -25.09 13.42
C4 NAG E . 11.96 -23.70 13.37
C5 NAG E . 13.29 -23.79 12.60
C6 NAG E . 14.04 -22.46 12.56
C7 NAG E . 11.58 -28.24 14.89
C8 NAG E . 10.91 -29.57 14.66
N2 NAG E . 11.69 -27.44 13.84
O3 NAG E . 10.12 -25.07 14.19
O4 NAG E . 11.05 -22.84 12.67
O5 NAG E . 14.15 -24.78 13.16
O6 NAG E . 14.54 -22.11 13.86
O7 NAG E . 12.02 -27.92 15.97
C1 NAG E . 10.72 -21.67 13.45
C2 NAG E . 10.11 -20.66 12.49
C3 NAG E . 9.61 -19.43 13.22
C4 NAG E . 8.78 -19.84 14.43
C5 NAG E . 9.48 -20.87 15.28
C6 NAG E . 8.61 -21.30 16.46
C7 NAG E . 11.48 -21.11 10.54
C8 NAG E . 12.73 -20.73 9.79
N2 NAG E . 11.09 -20.27 11.49
O3 NAG E . 8.82 -18.63 12.33
O4 NAG E . 8.56 -18.67 15.21
O5 NAG E . 9.79 -21.99 14.47
O6 NAG E . 7.48 -22.03 15.96
O7 NAG E . 10.87 -22.14 10.29
C1 BMA E . 7.89 -17.73 14.39
C2 BMA E . 7.01 -17.52 15.64
C3 BMA E . 6.22 -16.21 15.57
C4 BMA E . 7.04 -15.08 14.97
C5 BMA E . 7.76 -15.64 13.74
C6 BMA E . 8.50 -14.64 12.90
O2 BMA E . 7.79 -17.21 16.78
O3 BMA E . 5.86 -15.78 16.88
O4 BMA E . 6.14 -14.02 14.60
O5 BMA E . 8.68 -16.58 14.25
O6 BMA E . 9.46 -14.12 13.81
C1 MAN E . 10.24 -13.11 13.20
C2 MAN E . 11.08 -12.53 14.34
C3 MAN E . 10.24 -11.74 15.34
C4 MAN E . 9.39 -10.71 14.61
C5 MAN E . 8.60 -11.35 13.48
C6 MAN E . 7.88 -10.26 12.72
O2 MAN E . 12.09 -11.71 13.77
O3 MAN E . 11.14 -11.04 16.20
O4 MAN E . 8.44 -10.05 15.46
O5 MAN E . 9.44 -12.10 12.58
O6 MAN E . 6.89 -10.94 11.94
C1 MAN E . 11.59 -11.85 17.28
C2 MAN E . 11.56 -10.96 18.53
C3 MAN E . 12.48 -9.78 18.28
C4 MAN E . 13.88 -10.32 18.02
C5 MAN E . 13.89 -11.30 16.84
C6 MAN E . 15.32 -11.81 16.72
O2 MAN E . 12.00 -11.68 19.68
O3 MAN E . 12.45 -8.90 19.42
O4 MAN E . 14.80 -9.27 17.71
O5 MAN E . 12.92 -12.34 17.07
O6 MAN E . 15.33 -13.09 16.09
C1 MAN E . 5.97 -10.00 11.36
C2 MAN E . 4.70 -10.78 11.01
C3 MAN E . 5.00 -11.73 9.85
C4 MAN E . 5.66 -11.01 8.69
C5 MAN E . 6.92 -10.28 9.15
C6 MAN E . 7.54 -9.53 7.96
O2 MAN E . 3.61 -9.89 10.73
O3 MAN E . 3.80 -12.33 9.34
O4 MAN E . 6.02 -11.97 7.69
O5 MAN E . 6.57 -9.38 10.22
O6 MAN E . 8.64 -8.71 8.39
C1 NAG F . 8.26 -18.05 8.67
C2 NAG F . 7.63 -16.74 9.15
C3 NAG F . 6.93 -16.90 10.51
C4 NAG F . 6.02 -18.12 10.56
C5 NAG F . 6.80 -19.33 10.08
C6 NAG F . 5.94 -20.60 10.13
C7 NAG F . 8.42 -14.46 8.84
C8 NAG F . 9.51 -13.44 9.10
N2 NAG F . 8.65 -15.71 9.25
O3 NAG F . 6.17 -15.73 10.76
O4 NAG F . 5.60 -18.36 11.92
O5 NAG F . 7.32 -19.13 8.77
O6 NAG F . 5.08 -20.59 9.01
O7 NAG F . 7.39 -14.14 8.28
C1 NAG F . 4.24 -17.94 12.17
C2 NAG F . 3.69 -18.71 13.37
C3 NAG F . 2.28 -18.26 13.74
C4 NAG F . 2.20 -16.74 13.92
C5 NAG F . 2.80 -16.06 12.68
C6 NAG F . 2.84 -14.53 12.83
C7 NAG F . 4.55 -20.93 13.80
C8 NAG F . 4.47 -22.41 13.48
N2 NAG F . 3.71 -20.14 13.14
O3 NAG F . 2.00 -18.95 14.96
O4 NAG F . 0.92 -16.06 14.06
O5 NAG F . 4.13 -16.53 12.38
O6 NAG F . 3.67 -14.16 13.93
O7 NAG F . 5.36 -20.51 14.61
C1 BMA F . -0.28 -16.50 14.76
C2 BMA F . -0.04 -17.41 15.96
C3 BMA F . -1.26 -17.89 16.70
C4 BMA F . -1.68 -16.52 17.24
C5 BMA F . -2.10 -15.67 16.05
C6 BMA F . -2.75 -14.42 16.54
O2 BMA F . 0.77 -16.69 16.88
O3 BMA F . -0.75 -18.85 17.66
O4 BMA F . -2.77 -16.47 18.19
O5 BMA F . -0.97 -15.34 15.23
O6 BMA F . -2.14 -13.45 15.73
C1 MAN F . -1.10 -20.28 17.60
C2 MAN F . 0.05 -21.20 18.08
C3 MAN F . 0.93 -21.77 16.97
C4 MAN F . 0.08 -22.31 15.84
C5 MAN F . -0.95 -21.31 15.34
C6 MAN F . -1.87 -22.00 14.33
O2 MAN F . -0.51 -22.31 18.79
O3 MAN F . 1.66 -22.90 17.47
O4 MAN F . 0.93 -22.66 14.74
O5 MAN F . -1.74 -20.80 16.42
O6 MAN F . -2.56 -21.03 13.53
C1 MAN F . 2.82 -22.52 18.19
C2 MAN F . 4.01 -23.34 17.70
C3 MAN F . 3.74 -24.82 17.94
C4 MAN F . 3.43 -25.07 19.41
C5 MAN F . 2.30 -24.14 19.85
C6 MAN F . 2.02 -24.33 21.34
O2 MAN F . 5.20 -22.94 18.41
O3 MAN F . 4.89 -25.60 17.64
O4 MAN F . 3.02 -26.44 19.61
O5 MAN F . 2.64 -22.77 19.59
O6 MAN F . 0.76 -23.71 21.60
C1 MAN F . -2.20 -12.13 16.26
C2 MAN F . -3.64 -11.62 16.13
C3 MAN F . -4.06 -11.56 14.67
C4 MAN F . -2.99 -10.93 13.79
C5 MAN F . -1.67 -11.63 14.05
C6 MAN F . -0.56 -11.17 13.10
O2 MAN F . -3.83 -10.35 16.79
O3 MAN F . -5.29 -10.84 14.54
O4 MAN F . -3.35 -11.05 12.41
O5 MAN F . -1.34 -11.39 15.42
O6 MAN F . 0.63 -11.94 13.35
C1 NAG G . -11.29 38.82 -8.86
C2 NAG G . -12.50 37.92 -9.27
C3 NAG G . -12.12 36.73 -10.13
C4 NAG G . -11.31 37.19 -11.33
C5 NAG G . -10.14 38.05 -10.88
C6 NAG G . -9.41 38.57 -12.09
C7 NAG G . -14.30 37.95 -7.69
C8 NAG G . -14.65 37.70 -6.25
N2 NAG G . -13.15 37.42 -8.09
O3 NAG G . -13.31 36.06 -10.56
O4 NAG G . -10.74 36.02 -11.93
O5 NAG G . -10.52 39.13 -10.01
O6 NAG G . -9.46 39.99 -12.09
O7 NAG G . -14.99 38.61 -8.44
C1 NAG G . -11.40 35.62 -13.13
C2 NAG G . -10.32 34.96 -13.98
C3 NAG G . -10.89 34.28 -15.22
C4 NAG G . -11.96 33.30 -14.78
C5 NAG G . -13.04 33.99 -13.96
C6 NAG G . -13.98 32.94 -13.37
C7 NAG G . -8.08 35.81 -14.70
C8 NAG G . -7.09 36.86 -14.29
N2 NAG G . -9.34 36.02 -14.28
O3 NAG G . -9.85 33.60 -15.91
O4 NAG G . -12.57 32.64 -15.92
O5 NAG G . -12.52 34.76 -12.86
O6 NAG G . -13.64 32.70 -12.01
O7 NAG G . -7.76 34.87 -15.39
C1 Z3Q H . 23.15 -50.18 17.59
C11 Z3Q H . 22.81 -52.50 18.41
C12 Z3Q H . 22.96 -53.04 19.83
C2 Z3Q H . 22.89 -50.67 16.17
C7 Z3Q H . 25.02 -51.51 15.02
C8 Z3Q H . 24.28 -51.83 13.74
C3 Z3Q H . 22.75 -49.48 15.24
C4 Z3Q H . 21.62 -48.60 15.73
C5 Z3Q H . 21.90 -48.17 17.16
C6 Z3Q H . 20.61 -47.62 17.78
N1A Z3Q H . 24.35 -53.50 20.06
N1B Z3Q H . 24.69 -53.36 21.08
N1C Z3Q H . 25.04 -53.24 22.06
N2 Z3Q H . 24.31 -51.03 16.05
O1 Z3Q H . 22.47 -51.13 18.46
O7 Z3Q H . 26.22 -51.72 15.13
O3 Z3Q H . 22.41 -49.90 13.93
O4 Z3Q H . 21.69 -47.43 15.02
O5 Z3Q H . 22.08 -49.31 18.02
O6 Z3Q H . 19.91 -48.67 18.48
C1 GAL H . 22.72 -48.91 12.97
C2 GAL H . 24.23 -48.75 12.79
C3 GAL H . 24.52 -47.82 11.63
C4 GAL H . 23.59 -47.91 10.44
C5 GAL H . 22.16 -48.12 10.93
C6 GAL H . 21.11 -48.13 9.83
O2 GAL H . 24.69 -48.11 13.94
O3 GAL H . 25.73 -48.17 11.07
O4 GAL H . 24.08 -49.00 9.64
O5 GAL H . 22.17 -49.27 11.70
O6 GAL H . 19.86 -47.75 10.40
CAF 5N6 H . 27.53 -40.51 14.63
CAG 5N6 H . 27.12 -41.69 15.46
C11 5N6 H . 32.01 -43.68 11.05
C10 5N6 H . 30.94 -44.56 11.65
C9 5N6 H . 27.35 -43.82 14.94
C8 5N6 H . 26.97 -44.69 13.81
C7 5N6 H . 28.15 -44.70 12.89
N5 5N6 H . 30.20 -45.18 10.76
C5 5N6 H . 29.13 -46.12 11.05
C4 5N6 H . 28.68 -46.62 9.72
C6 5N6 H . 27.91 -45.46 11.61
C3 5N6 H . 27.68 -47.69 9.86
C2 5N6 H . 26.51 -47.11 10.61
C1 5N6 H . 25.78 -46.11 9.73
OBJ 5N6 H . 27.28 -41.68 16.66
O9 5N6 H . 26.56 -42.69 14.77
O10 5N6 H . 30.84 -44.63 12.87
O7 5N6 H . 29.21 -45.26 13.61
O8 5N6 H . 25.89 -44.05 13.21
O4 5N6 H . 29.76 -47.14 9.07
O6 5N6 H . 26.93 -46.47 11.77
O1B 5N6 H . 25.85 -46.24 8.51
O1A 5N6 H . 25.16 -45.24 10.33
C1 NAG I . 15.44 36.41 -9.63
C2 NAG I . 16.42 35.28 -9.95
C3 NAG I . 17.14 35.51 -11.29
C4 NAG I . 16.19 35.95 -12.42
C5 NAG I . 15.25 37.05 -11.92
C6 NAG I . 14.24 37.46 -12.99
C7 NAG I . 17.89 34.04 -8.47
C8 NAG I . 19.10 34.12 -7.59
N2 NAG I . 17.42 35.21 -8.91
O3 NAG I . 17.80 34.28 -11.63
O4 NAG I . 16.91 36.52 -13.52
O5 NAG I . 14.58 36.62 -10.74
O6 NAG I . 13.30 36.41 -13.24
O7 NAG I . 17.36 32.98 -8.77
C1 NAG I . 17.06 35.55 -14.58
C2 NAG I . 17.03 36.24 -15.95
C3 NAG I . 17.37 35.28 -17.07
C4 NAG I . 18.74 34.69 -16.80
C5 NAG I . 18.66 33.95 -15.47
C6 NAG I . 20.03 33.37 -15.09
C7 NAG I . 15.64 38.15 -16.27
C8 NAG I . 14.28 38.69 -16.58
N2 NAG I . 15.74 36.84 -16.22
O3 NAG I . 17.37 36.01 -18.29
O4 NAG I . 19.13 33.79 -17.84
O5 NAG I . 18.28 34.84 -14.42
O6 NAG I . 19.80 32.38 -14.10
O7 NAG I . 16.61 38.88 -16.07
C1 NAG J . -16.12 19.92 22.52
C2 NAG J . -14.91 19.73 23.43
C3 NAG J . -13.81 18.87 22.78
C4 NAG J . -14.37 17.65 22.05
C5 NAG J . -15.61 17.98 21.24
C6 NAG J . -16.29 16.76 20.64
C7 NAG J . -14.42 21.49 25.05
C8 NAG J . -13.90 22.89 25.28
N2 NAG J . -14.38 21.04 23.79
O3 NAG J . -12.86 18.42 23.77
O4 NAG J . -13.34 17.20 21.17
O5 NAG J . -16.57 18.66 22.04
O6 NAG J . -16.69 15.89 21.72
O7 NAG J . -14.86 20.81 25.96
C1 NAG J . -12.98 15.83 21.37
C2 NAG J . -12.22 15.28 20.16
C3 NAG J . -11.64 13.90 20.42
C4 NAG J . -10.90 13.83 21.76
C5 NAG J . -11.83 14.35 22.85
C6 NAG J . -11.11 14.39 24.20
C7 NAG J . -13.44 16.16 18.22
C8 NAG J . -14.53 15.83 17.23
N2 NAG J . -13.11 15.15 19.04
O3 NAG J . -10.81 13.59 19.29
O4 NAG J . -10.61 12.48 22.20
O5 NAG J . -12.22 15.68 22.56
O6 NAG J . -10.03 15.30 24.03
O7 NAG J . -12.90 17.27 18.24
C1 BMA J . -9.59 11.77 21.48
C2 BMA J . -9.00 10.76 22.44
C3 BMA J . -7.97 9.88 21.74
C4 BMA J . -8.58 9.21 20.51
C5 BMA J . -9.22 10.29 19.62
C6 BMA J . -9.92 9.63 18.44
O2 BMA J . -10.10 9.96 22.90
O3 BMA J . -7.39 8.86 22.58
O4 BMA J . -7.55 8.48 19.81
O5 BMA J . -10.17 11.09 20.35
O6 BMA J . -10.95 8.76 18.96
C1 MAN J . -11.44 7.90 17.92
C2 MAN J . -12.22 6.74 18.54
C3 MAN J . -11.29 5.67 19.14
C4 MAN J . -10.35 5.18 18.06
C5 MAN J . -9.61 6.35 17.44
C6 MAN J . -8.84 5.82 16.23
O2 MAN J . -13.00 6.18 17.48
O3 MAN J . -12.02 4.51 19.57
O4 MAN J . -9.40 4.26 18.62
O5 MAN J . -10.45 7.43 17.00
O6 MAN J . -7.87 6.80 15.93
C1 MAN J . -12.69 4.80 20.79
C2 MAN J . -12.62 3.55 21.67
C3 MAN J . -13.34 2.43 20.95
C4 MAN J . -14.78 2.85 20.61
C5 MAN J . -14.73 4.15 19.81
C6 MAN J . -16.14 4.59 19.45
O2 MAN J . -13.13 3.80 23.00
O3 MAN J . -13.29 1.20 21.70
O4 MAN J . -15.45 1.87 19.79
O5 MAN J . -14.06 5.16 20.56
O6 MAN J . -16.64 5.42 20.53
C1 MAN J . -6.73 6.23 15.29
C2 MAN J . -5.57 7.22 15.41
C3 MAN J . -5.94 8.51 14.68
C4 MAN J . -6.38 8.24 13.23
C5 MAN J . -7.43 7.13 13.18
C6 MAN J . -7.74 6.75 11.75
O2 MAN J . -4.36 6.64 14.90
O3 MAN J . -4.89 9.48 14.74
O4 MAN J . -6.96 9.42 12.66
O5 MAN J . -7.00 5.97 13.91
O6 MAN J . -8.95 5.99 11.74
C1 NAG K . -9.77 14.33 15.61
C2 NAG K . -8.96 13.04 15.72
C3 NAG K . -8.21 12.92 17.06
C4 NAG K . -7.40 14.17 17.34
C5 NAG K . -8.36 15.36 17.29
C6 NAG K . -7.68 16.68 17.59
C7 NAG K . -9.44 10.96 14.62
C8 NAG K . -10.42 9.85 14.43
N2 NAG K . -9.78 11.86 15.55
O3 NAG K . -7.39 11.75 17.03
O4 NAG K . -6.78 14.07 18.64
O5 NAG K . -8.95 15.44 15.99
O6 NAG K . -6.62 16.89 16.64
O7 NAG K . -8.41 11.04 13.97
C1 NAG K . -5.37 14.29 18.62
C2 NAG K . -4.85 14.22 20.06
C3 NAG K . -3.33 14.38 20.16
C4 NAG K . -2.63 13.46 19.15
C5 NAG K . -3.27 13.61 17.79
C6 NAG K . -2.66 12.70 16.74
C7 NAG K . -6.40 14.92 21.80
C8 NAG K . -6.35 13.55 22.39
N2 NAG K . -5.53 15.25 20.84
O3 NAG K . -2.93 13.99 21.49
O4 NAG K . -1.23 13.71 19.12
O5 NAG K . -4.68 13.34 17.82
O6 NAG K . -2.90 13.28 15.45
O7 NAG K . -7.20 15.74 22.17
C1 NAG L . 13.62 -32.16 -19.83
C2 NAG L . 14.84 -31.26 -19.96
C3 NAG L . 14.58 -29.88 -20.52
C4 NAG L . 13.69 -29.95 -21.74
C5 NAG L . 12.44 -30.74 -21.38
C6 NAG L . 11.50 -30.88 -22.57
C7 NAG L . 16.68 -31.50 -18.40
C8 NAG L . 17.09 -31.45 -16.96
N2 NAG L . 15.43 -31.11 -18.65
O3 NAG L . 15.82 -29.27 -20.90
O4 NAG L . 13.32 -28.60 -22.05
O5 NAG L . 12.77 -32.06 -20.95
O6 NAG L . 12.06 -31.87 -23.44
O7 NAG L . 17.42 -31.85 -19.30
C1 NAG L . 13.91 -28.14 -23.27
C2 NAG L . 13.00 -26.99 -23.69
C3 NAG L . 13.58 -26.10 -24.78
C4 NAG L . 14.95 -25.63 -24.32
C5 NAG L . 15.81 -26.88 -24.17
C6 NAG L . 17.25 -26.50 -23.84
C7 NAG L . 10.56 -27.09 -23.71
C8 NAG L . 9.36 -27.65 -24.40
N2 NAG L . 11.73 -27.55 -24.13
O3 NAG L . 12.66 -25.02 -24.99
O4 NAG L . 15.56 -24.71 -25.24
O5 NAG L . 15.29 -27.74 -23.14
O6 NAG L . 17.84 -27.45 -22.94
O7 NAG L . 10.47 -26.27 -22.80
C1 Z3Q M . -26.04 42.01 34.01
C11 Z3Q M . -26.77 42.37 36.20
C12 Z3Q M . -28.22 42.79 36.45
C2 Z3Q M . -26.79 42.38 32.73
C7 Z3Q M . -29.10 43.19 32.47
C8 Z3Q M . -30.57 42.94 32.82
C3 Z3Q M . -26.42 41.50 31.53
C4 Z3Q M . -24.92 41.18 31.48
C5 Z3Q M . -24.41 40.82 32.87
C6 Z3Q M . -22.91 40.53 32.79
N1A Z3Q M . -28.33 44.25 36.56
N1B Z3Q M . -27.94 44.59 37.55
N1C Z3Q M . -27.55 44.92 38.55
N2 Z3Q M . -28.24 42.29 32.97
O1 Z3Q M . -26.28 42.99 35.02
O7 Z3Q M . -28.77 44.15 31.77
O3 Z3Q M . -26.81 42.15 30.32
O4 Z3Q M . -24.69 40.09 30.59
O5 Z3Q M . -24.64 41.91 33.75
O6 Z3Q M . -22.67 39.15 33.09
C1 GAL M . -26.98 41.17 29.28
C2 GAL M . -28.42 41.19 28.83
C3 GAL M . -28.59 40.49 27.50
C4 GAL M . -27.52 40.77 26.51
C5 GAL M . -26.19 40.54 27.16
C6 GAL M . -25.08 40.82 26.14
O2 GAL M . -29.24 40.54 29.81
O3 GAL M . -29.76 40.90 26.89
O4 GAL M . -27.61 42.13 26.07
O5 GAL M . -26.13 41.47 28.20
O6 GAL M . -24.05 41.57 26.78
CAF 5N6 M . -31.68 32.03 27.64
CAG 5N6 M . -31.02 32.98 28.57
C11 5N6 M . -35.47 35.91 25.13
C10 5N6 M . -34.68 36.86 25.97
C9 5N6 M . -30.71 35.23 28.95
C8 5N6 M . -30.49 36.44 28.13
C7 5N6 M . -31.75 36.76 27.45
N5 5N6 M . -33.69 37.48 25.36
C5 5N6 M . -32.86 38.47 26.01
C4 5N6 M . -32.48 39.50 25.03
C6 5N6 M . -31.56 37.88 26.50
C3 5N6 M . -31.63 40.56 25.58
C2 5N6 M . -30.41 39.90 26.19
C1 5N6 M . -29.51 39.28 25.10
OBJ 5N6 M . -30.66 32.62 29.66
O9 5N6 M . -30.88 34.19 28.07
O10 5N6 M . -34.97 37.01 27.12
O7 5N6 M . -32.70 37.08 28.40
O8 5N6 M . -29.54 36.17 27.17
O4 5N6 M . -33.55 39.99 24.41
O6 5N6 M . -30.81 38.91 27.06
O1B 5N6 M . -28.82 38.33 25.42
O1A 5N6 M . -29.47 39.85 24.02
C1 NAG N . -13.10 -30.50 -21.05
C2 NAG N . -14.06 -29.30 -20.99
C3 NAG N . -14.69 -29.08 -22.36
C4 NAG N . -13.64 -29.06 -23.49
C5 NAG N . -12.81 -30.32 -23.44
C6 NAG N . -11.72 -30.28 -24.50
C7 NAG N . -15.58 -28.53 -19.24
C8 NAG N . -16.80 -28.85 -18.43
N2 NAG N . -15.11 -29.52 -20.01
O3 NAG N . -15.38 -27.84 -22.32
O4 NAG N . -14.28 -29.11 -24.75
O5 NAG N . -12.20 -30.39 -22.17
O6 NAG N . -10.82 -29.19 -24.27
O7 NAG N . -15.04 -27.42 -19.21
C1 NAG N . -14.42 -27.84 -25.38
C2 NAG N . -14.38 -28.05 -26.90
C3 NAG N . -14.73 -26.79 -27.69
C4 NAG N . -16.07 -26.24 -27.20
C5 NAG N . -16.14 -26.15 -25.69
C6 NAG N . -17.58 -25.90 -25.28
C7 NAG N . -13.05 -29.75 -27.93
C8 NAG N . -11.72 -30.23 -28.44
N2 NAG N . -13.10 -28.56 -27.33
O3 NAG N . -14.84 -27.14 -29.07
O4 NAG N . -16.32 -24.94 -27.75
O5 NAG N . -15.70 -27.34 -25.03
O6 NAG N . -17.57 -25.43 -23.93
O7 NAG N . -14.07 -30.43 -28.06
C1 NAG O . 11.69 27.66 -18.48
C2 NAG O . 12.56 28.00 -19.70
C3 NAG O . 13.21 26.77 -20.31
C4 NAG O . 14.04 26.09 -19.22
C5 NAG O . 13.09 25.69 -18.09
C6 NAG O . 13.89 25.05 -16.96
C7 NAG O . 12.20 29.96 -21.04
C8 NAG O . 11.37 30.63 -22.11
N2 NAG O . 11.83 28.72 -20.72
O3 NAG O . 14.04 27.20 -21.40
O4 NAG O . 14.72 24.94 -19.73
O5 NAG O . 12.34 26.79 -17.55
O6 NAG O . 12.98 24.24 -16.22
O7 NAG O . 13.14 30.52 -20.51
C1 NAG P . -9.27 -18.93 -25.83
C2 NAG P . -10.16 -18.73 -27.06
C3 NAG P . -10.91 -17.42 -27.03
C4 NAG P . -11.71 -17.35 -25.74
C5 NAG P . -10.76 -17.45 -24.57
C6 NAG P . -11.57 -17.46 -23.27
C7 NAG P . -9.56 -19.85 -29.11
C8 NAG P . -8.41 -20.20 -30.01
N2 NAG P . -9.37 -18.83 -28.28
O3 NAG P . -11.82 -17.32 -28.13
O4 NAG P . -12.42 -16.11 -25.68
O5 NAG P . -9.95 -18.64 -24.61
O6 NAG P . -10.80 -16.77 -22.28
O7 NAG P . -10.63 -20.45 -29.14
#